data_9L4J
#
_entry.id   9L4J
#
_cell.length_a   1.00
_cell.length_b   1.00
_cell.length_c   1.00
_cell.angle_alpha   90.00
_cell.angle_beta   90.00
_cell.angle_gamma   90.00
#
_symmetry.space_group_name_H-M   'P 1'
#
loop_
_entity.id
_entity.type
_entity.pdbx_description
1 polymer 'Isoform 4 of NACHT, LRR and PYD domains-containing protein 5'
2 polymer 'Transducin-like enhancer protein 6'
3 polymer 'Oocyte-expressed protein homolog'
4 polymer 'Zinc finger BED domain-containing protein 3'
5 non-polymer 'ZINC ION'
#
loop_
_entity_poly.entity_id
_entity_poly.type
_entity_poly.pdbx_seq_one_letter_code
_entity_poly.pdbx_strand_id
1 'polypeptide(L)'
;DLQDYKAHVIAKFDTSVDLHYDSPEMKLLSDAFKPYQKTFQPHTIILHGRPGVGKSALARSIVLGWAQGKLFQKMSFVIF
FSVREIKWTEKSSLAQLIAKECPDSWDLVTKIMSQPERLLFVIDGLDDMDSVLQHDDMTLSRDWKDEQPIYILMYSLLRK
ALLPQSFLIITTRNTGLEKLKSMVVSPLYILVEGLSASRRSQLVLENISNESDRIQVFHSLIENHQLFDQCQAPSVCSLV
CEALQLQKKLGKRCTLPCQTLTGLYATLVFHQLTLKRPSQSALSQEEQITLVGLCMMAAEGVWTMRSVFYDDDLKNYSLK
ESEILALFHMNILLQVGHNSEQCYVFSHLSLQDFFAALYYVLEGLEEWNQHFCFIENQRSIMEVKRTDDTRLLGMKRFLF
GLMNKDILKTLEVLFEYPVIPTVEQKLQHWVSLIAQQVNGTSPMDTLDAFYCLFESQDEEFVGGALKRFQEVWLLINQKM
DLKVSSYCLKHCQNLKAIRVDIRDLLSVDNTLELCPVVTVQETQCKPLLMEWWGNFCSVLGSLRNLKELDLGDSILSQRA
MKILCLELRNQSCRIQKLTFKSAEVVSGLKHLWKLLFSNQNLKYLNLGNTPMKDDDMKLACEALKHPKCSVETLRLDSCE
LTIIGYEMISTLLISTTRLKCLSLAKNRVGVKSMISLGNALSSSMCLLQKLILDNCGLTPASCHLLVSALFSNQNLTHLC
LSNNSLGTEGVQQLCQFLRNPECALQRLILNHCNIVDDAYGFLAMRLANNTKLTHLSLTMNPVGDGAMKLLCEALKEPTC
YLQELELVDCQLTQNCCEDLACMITTTKHLKSLDLGNNALGDKGVITLCEGLKQSSSSLRRLGLGACKLTSNCCEALSLA
ISCNPHLNSLNLVKNDFSTSGMLKLCSAFQCPVSNLGIIGLWKQEYYARVRRQLEEVEFVKPHVVIDGDWYASDEDDRNW
WKN
;
A
2 'polypeptide(L)'
;PQFCQGFLIQGLWELFMDSRQKNQQEHGGEDSSQESKDSGLCDFKPEPQPRHRNSLSDSADPFLIKSPSALLDYYQEDVS
RPQPETQESSGRADKFLKPLSWGSEVLESSCNQPSTALWQLERFTVPQALQKVRVLKHQELLLVVAVSSFTRHVFTCSQS
GIKVWNLVNQVAEDRDPESHLKCSVQDNKVYLRTCLLSSNSRTLFAGGYNLPGVIVWDLAAPSLYEKCQLPCEGLSCQAL
ANTKENMALAGFTDGTVRIWDLRTQEIVRNLKGPTNSARNLVVKDDNIWTGGLDACLRCWDLRMAKVSLEHLFQSQIMSL
AHSPTEDWLLLGLANGQHCLFNSRKRDQVLTVDTKDNTILGLKFSPNGKWWASVGMGNFITVHSMPTGAKLFQVPEVGPV
RCFDMTENGRLIITGSRDCASVYHIKY
;
B
3 'polypeptide(L)'
;SLRLRTRPWWFPIQEVSNPLVLYMEAWVAERVIGTDQAEISEIEWMCQALLTVDSVNSGNLAEITIFGQPSAQTRMKNIL
LNMAAWHKE
;
D
4 'polypeptide(L)' SYSEAWGYFHLDPAQPRHRMMSAWATCRLCGLQVGGLPNFQMWTRALCQHLSDVHL E
#
# COMPACT_ATOMS: atom_id res chain seq x y z
N ASP A 1 49.17 -34.68 0.63
CA ASP A 1 48.58 -33.34 0.91
C ASP A 1 47.09 -33.32 0.62
N LEU A 2 46.76 -33.12 -0.66
CA LEU A 2 45.35 -32.95 -1.05
C LEU A 2 44.54 -34.19 -0.70
N GLN A 3 45.05 -35.38 -1.03
CA GLN A 3 44.31 -36.60 -0.74
C GLN A 3 44.18 -36.81 0.77
N ASP A 4 45.21 -36.44 1.53
CA ASP A 4 45.11 -36.51 2.98
C ASP A 4 44.00 -35.59 3.50
N TYR A 5 43.92 -34.39 2.95
CA TYR A 5 42.87 -33.45 3.35
C TYR A 5 41.49 -34.01 3.01
N LYS A 6 41.36 -34.60 1.81
CA LYS A 6 40.09 -35.22 1.43
C LYS A 6 39.72 -36.33 2.40
N ALA A 7 40.69 -37.15 2.78
CA ALA A 7 40.42 -38.23 3.72
C ALA A 7 39.99 -37.69 5.08
N HIS A 8 40.66 -36.63 5.54
CA HIS A 8 40.28 -36.02 6.82
C HIS A 8 38.85 -35.51 6.76
N VAL A 9 38.49 -34.85 5.65
CA VAL A 9 37.13 -34.31 5.51
C VAL A 9 36.11 -35.45 5.48
N ILE A 10 36.41 -36.53 4.75
CA ILE A 10 35.47 -37.64 4.67
C ILE A 10 35.30 -38.28 6.04
N ALA A 11 36.38 -38.40 6.79
CA ALA A 11 36.28 -38.94 8.15
C ALA A 11 35.43 -38.03 9.03
N LYS A 12 35.60 -36.72 8.88
CA LYS A 12 34.89 -35.78 9.74
C LYS A 12 33.39 -35.77 9.45
N PHE A 13 33.00 -35.67 8.17
CA PHE A 13 31.63 -35.36 7.83
C PHE A 13 30.80 -36.57 7.42
N ASP A 14 31.39 -37.60 6.84
CA ASP A 14 30.61 -38.73 6.33
C ASP A 14 29.73 -39.34 7.42
N HIS A 20 26.05 -37.92 -3.16
CA HIS A 20 25.86 -36.56 -3.65
C HIS A 20 25.70 -36.55 -5.18
N TYR A 21 25.07 -35.50 -5.69
CA TYR A 21 24.87 -35.29 -7.12
C TYR A 21 24.05 -36.39 -7.77
N ASP A 22 23.35 -37.20 -6.98
CA ASP A 22 22.51 -38.28 -7.49
C ASP A 22 21.03 -37.98 -7.36
N SER A 23 20.68 -36.71 -7.17
CA SER A 23 19.29 -36.30 -6.98
C SER A 23 19.05 -35.05 -7.80
N PRO A 24 17.80 -34.79 -8.20
CA PRO A 24 17.51 -33.56 -8.96
C PRO A 24 17.80 -32.28 -8.19
N GLU A 25 17.87 -32.33 -6.87
CA GLU A 25 18.08 -31.12 -6.08
C GLU A 25 19.53 -30.64 -6.16
N MET A 26 20.49 -31.56 -6.09
CA MET A 26 21.89 -31.15 -6.00
C MET A 26 22.44 -30.64 -7.33
N LYS A 27 21.89 -31.11 -8.45
CA LYS A 27 22.37 -30.66 -9.75
C LYS A 27 22.21 -29.16 -9.93
N LEU A 28 21.19 -28.57 -9.32
CA LEU A 28 21.03 -27.11 -9.38
C LEU A 28 22.23 -26.43 -8.74
N LEU A 29 22.66 -26.92 -7.58
CA LEU A 29 23.85 -26.36 -6.95
C LEU A 29 25.09 -26.60 -7.80
N SER A 30 25.18 -27.78 -8.43
CA SER A 30 26.31 -28.06 -9.30
C SER A 30 26.35 -27.11 -10.49
N ASP A 31 25.20 -26.85 -11.10
CA ASP A 31 25.12 -26.04 -12.30
C ASP A 31 25.02 -24.54 -12.03
N ALA A 32 24.83 -24.15 -10.77
CA ALA A 32 24.69 -22.72 -10.46
C ALA A 32 25.95 -21.94 -10.77
N PHE A 33 27.08 -22.62 -10.97
CA PHE A 33 28.33 -22.00 -11.34
C PHE A 33 28.64 -22.18 -12.83
N LYS A 34 27.63 -22.06 -13.68
CA LYS A 34 27.82 -22.06 -15.12
C LYS A 34 27.12 -20.85 -15.73
N PRO A 35 27.60 -20.38 -16.89
CA PRO A 35 27.17 -19.06 -17.37
C PRO A 35 25.66 -18.97 -17.56
N TYR A 36 25.11 -17.79 -17.26
CA TYR A 36 23.68 -17.53 -17.40
C TYR A 36 23.33 -17.28 -18.85
N GLN A 37 23.92 -16.23 -19.45
CA GLN A 37 23.75 -15.97 -20.88
C GLN A 37 25.08 -15.51 -21.49
N LYS A 38 26.18 -16.10 -21.02
CA LYS A 38 27.52 -15.80 -21.53
C LYS A 38 28.01 -14.43 -21.07
N THR A 39 27.14 -13.66 -20.41
CA THR A 39 27.52 -12.35 -19.91
C THR A 39 27.72 -12.33 -18.40
N PHE A 40 27.25 -13.35 -17.69
CA PHE A 40 27.33 -13.38 -16.24
C PHE A 40 27.67 -14.78 -15.78
N GLN A 41 28.54 -14.86 -14.78
CA GLN A 41 28.85 -16.10 -14.08
C GLN A 41 28.90 -15.76 -12.60
N PRO A 42 27.95 -16.24 -11.79
CA PRO A 42 27.93 -15.85 -10.38
C PRO A 42 29.17 -16.33 -9.64
N HIS A 43 29.63 -15.52 -8.69
CA HIS A 43 30.69 -15.90 -7.77
C HIS A 43 30.21 -15.90 -6.32
N THR A 44 28.90 -15.81 -6.09
CA THR A 44 28.34 -15.85 -4.76
C THR A 44 26.94 -16.41 -4.83
N ILE A 45 26.68 -17.47 -4.07
CA ILE A 45 25.36 -18.05 -3.93
C ILE A 45 24.95 -17.94 -2.47
N ILE A 46 23.72 -17.52 -2.22
CA ILE A 46 23.18 -17.41 -0.87
C ILE A 46 21.97 -18.31 -0.78
N LEU A 47 22.02 -19.30 0.12
CA LEU A 47 20.89 -20.15 0.43
C LEU A 47 20.23 -19.63 1.69
N HIS A 48 18.94 -19.36 1.62
CA HIS A 48 18.21 -18.80 2.75
C HIS A 48 16.92 -19.57 2.94
N GLY A 49 16.45 -19.62 4.19
CA GLY A 49 15.23 -20.32 4.52
C GLY A 49 14.93 -20.16 5.99
N ARG A 50 13.86 -20.83 6.41
CA ARG A 50 13.45 -20.80 7.80
C ARG A 50 14.37 -21.67 8.65
N PRO A 51 14.44 -21.42 9.95
CA PRO A 51 15.26 -22.28 10.81
C PRO A 51 14.78 -23.73 10.77
N GLY A 52 15.74 -24.65 10.79
CA GLY A 52 15.43 -26.06 10.89
C GLY A 52 15.06 -26.76 9.60
N VAL A 53 15.22 -26.11 8.44
CA VAL A 53 14.89 -26.76 7.18
C VAL A 53 16.04 -27.61 6.64
N GLY A 54 17.20 -27.59 7.29
CA GLY A 54 18.31 -28.42 6.89
C GLY A 54 19.28 -27.77 5.94
N LYS A 55 19.83 -26.61 6.32
CA LYS A 55 20.79 -25.90 5.48
C LYS A 55 22.24 -26.23 5.84
N SER A 56 22.54 -26.35 7.14
CA SER A 56 23.88 -26.79 7.53
C SER A 56 24.17 -28.19 7.01
N ALA A 57 23.17 -29.06 7.03
CA ALA A 57 23.32 -30.38 6.43
C ALA A 57 23.63 -30.27 4.95
N LEU A 58 22.96 -29.34 4.26
CA LEU A 58 23.22 -29.16 2.83
C LEU A 58 24.65 -28.69 2.58
N ALA A 59 25.14 -27.76 3.39
CA ALA A 59 26.51 -27.29 3.22
C ALA A 59 27.52 -28.42 3.47
N ARG A 60 27.32 -29.18 4.54
CA ARG A 60 28.23 -30.29 4.82
C ARG A 60 28.17 -31.32 3.71
N SER A 61 26.98 -31.56 3.15
CA SER A 61 26.85 -32.46 2.01
C SER A 61 27.65 -31.95 0.82
N ILE A 62 27.62 -30.64 0.59
CA ILE A 62 28.39 -30.05 -0.50
C ILE A 62 29.88 -30.37 -0.32
N VAL A 63 30.40 -30.08 0.88
CA VAL A 63 31.82 -30.30 1.12
C VAL A 63 32.17 -31.78 0.96
N LEU A 64 31.34 -32.66 1.52
CA LEU A 64 31.59 -34.09 1.43
C LEU A 64 31.59 -34.55 -0.02
N GLY A 65 30.61 -34.11 -0.80
CA GLY A 65 30.59 -34.48 -2.20
C GLY A 65 31.82 -34.01 -2.94
N TRP A 66 32.33 -32.83 -2.60
CA TRP A 66 33.59 -32.39 -3.20
C TRP A 66 34.71 -33.35 -2.83
N ALA A 67 34.86 -33.66 -1.54
CA ALA A 67 35.97 -34.50 -1.11
C ALA A 67 35.91 -35.88 -1.76
N GLN A 68 34.70 -36.44 -1.84
CA GLN A 68 34.54 -37.72 -2.52
C GLN A 68 34.76 -37.61 -4.02
N GLY A 69 34.67 -36.42 -4.58
CA GLY A 69 34.88 -36.24 -6.01
C GLY A 69 33.63 -36.35 -6.85
N LYS A 70 32.52 -35.78 -6.40
CA LYS A 70 31.27 -35.79 -7.14
C LYS A 70 30.65 -34.42 -7.36
N LEU A 71 31.12 -33.39 -6.67
CA LEU A 71 30.60 -32.03 -6.79
C LEU A 71 31.74 -31.04 -6.89
N PHE A 72 31.58 -30.05 -7.76
CA PHE A 72 32.55 -28.97 -7.88
C PHE A 72 33.95 -29.52 -8.06
N GLN A 73 34.08 -30.58 -8.88
CA GLN A 73 35.37 -31.22 -9.06
C GLN A 73 36.41 -30.29 -9.65
N LYS A 74 35.98 -29.21 -10.31
CA LYS A 74 36.92 -28.27 -10.90
C LYS A 74 37.62 -27.41 -9.85
N MET A 75 37.15 -27.40 -8.61
CA MET A 75 37.76 -26.57 -7.58
C MET A 75 39.01 -27.25 -7.04
N SER A 76 40.01 -26.44 -6.69
CA SER A 76 41.23 -27.00 -6.11
C SER A 76 41.10 -27.20 -4.61
N PHE A 77 40.27 -26.39 -3.96
CA PHE A 77 40.06 -26.51 -2.53
C PHE A 77 38.65 -26.05 -2.19
N VAL A 78 38.04 -26.74 -1.24
CA VAL A 78 36.78 -26.32 -0.65
C VAL A 78 36.99 -26.23 0.85
N ILE A 79 36.91 -25.03 1.38
CA ILE A 79 37.00 -24.81 2.81
C ILE A 79 35.59 -24.84 3.39
N PHE A 80 35.50 -25.04 4.71
CA PHE A 80 34.23 -25.02 5.42
C PHE A 80 34.41 -24.21 6.70
N PHE A 81 33.53 -23.24 6.93
CA PHE A 81 33.50 -22.47 8.16
C PHE A 81 32.16 -22.70 8.84
N SER A 82 32.20 -22.85 10.16
CA SER A 82 31.00 -22.94 10.99
C SER A 82 30.95 -21.70 11.87
N VAL A 83 29.93 -20.87 11.66
CA VAL A 83 29.91 -19.55 12.29
C VAL A 83 29.64 -19.67 13.78
N ARG A 84 28.81 -20.63 14.19
CA ARG A 84 28.55 -20.84 15.61
C ARG A 84 29.86 -21.04 16.38
N GLU A 85 30.68 -21.96 15.91
CA GLU A 85 31.81 -22.49 16.67
C GLU A 85 33.04 -21.60 16.61
N ILE A 86 32.90 -20.33 16.27
CA ILE A 86 34.01 -19.39 16.23
C ILE A 86 33.70 -18.23 17.16
N LYS A 87 34.75 -17.63 17.72
CA LYS A 87 34.64 -16.47 18.58
C LYS A 87 34.89 -15.22 17.74
N TRP A 88 33.83 -14.46 17.47
CA TRP A 88 33.94 -13.34 16.54
C TRP A 88 34.80 -12.21 17.09
N THR A 89 34.91 -12.11 18.41
CA THR A 89 35.66 -11.02 19.02
C THR A 89 37.15 -11.30 19.10
N GLU A 90 37.60 -12.50 18.75
CA GLU A 90 39.01 -12.84 18.76
C GLU A 90 39.71 -12.19 17.57
N LYS A 91 41.02 -12.00 17.71
CA LYS A 91 41.86 -11.45 16.65
C LYS A 91 42.66 -12.57 16.01
N SER A 92 42.63 -12.65 14.69
CA SER A 92 43.30 -13.71 13.95
C SER A 92 43.51 -13.24 12.52
N SER A 93 44.05 -14.13 11.70
CA SER A 93 44.26 -13.88 10.28
C SER A 93 43.67 -15.05 9.49
N LEU A 94 43.37 -14.78 8.22
CA LEU A 94 42.72 -15.79 7.38
C LEU A 94 43.58 -17.05 7.26
N ALA A 95 44.90 -16.90 7.23
CA ALA A 95 45.77 -18.06 7.09
C ALA A 95 45.61 -19.01 8.27
N GLN A 96 45.53 -18.47 9.48
CA GLN A 96 45.34 -19.31 10.66
C GLN A 96 44.00 -20.03 10.62
N LEU A 97 42.94 -19.33 10.20
CA LEU A 97 41.63 -19.96 10.11
C LEU A 97 41.64 -21.09 9.10
N ILE A 98 42.30 -20.89 7.95
CA ILE A 98 42.40 -21.95 6.96
C ILE A 98 43.20 -23.13 7.51
N ALA A 99 44.29 -22.83 8.23
CA ALA A 99 45.15 -23.90 8.74
C ALA A 99 44.43 -24.72 9.81
N LYS A 100 43.55 -24.08 10.59
CA LYS A 100 42.83 -24.81 11.63
C LYS A 100 42.13 -26.04 11.04
N GLU A 101 41.57 -25.91 9.84
CA GLU A 101 40.86 -27.03 9.22
C GLU A 101 41.83 -28.10 8.73
N CYS A 102 42.94 -27.69 8.13
CA CYS A 102 43.92 -28.64 7.59
C CYS A 102 44.81 -29.18 8.70
N PRO A 103 45.45 -30.33 8.48
CA PRO A 103 46.34 -30.89 9.51
C PRO A 103 47.66 -30.13 9.60
N ASP A 104 47.59 -28.83 9.87
CA ASP A 104 48.78 -28.01 10.05
C ASP A 104 49.74 -28.13 8.86
N SER A 105 49.17 -28.12 7.66
CA SER A 105 49.96 -28.18 6.42
C SER A 105 50.20 -26.76 5.92
N TRP A 106 51.05 -26.04 6.66
CA TRP A 106 51.31 -24.65 6.34
C TRP A 106 51.83 -24.49 4.91
N ASP A 107 52.63 -25.45 4.43
CA ASP A 107 53.11 -25.38 3.06
C ASP A 107 51.95 -25.43 2.08
N LEU A 108 50.99 -26.33 2.31
CA LEU A 108 49.82 -26.39 1.44
C LEU A 108 49.01 -25.10 1.52
N VAL A 109 48.85 -24.55 2.73
CA VAL A 109 48.09 -23.32 2.88
C VAL A 109 48.74 -22.19 2.09
N THR A 110 50.07 -22.09 2.15
CA THR A 110 50.78 -21.12 1.33
C THR A 110 50.58 -21.42 -0.15
N LYS A 111 50.52 -22.71 -0.50
CA LYS A 111 50.28 -23.10 -1.89
C LYS A 111 48.84 -22.84 -2.30
N ILE A 112 47.91 -22.85 -1.36
CA ILE A 112 46.50 -22.65 -1.70
C ILE A 112 46.29 -21.26 -2.28
N MET A 113 46.92 -20.25 -1.70
CA MET A 113 46.70 -18.86 -2.09
C MET A 113 47.25 -18.55 -3.47
N SER A 114 48.00 -19.46 -4.10
CA SER A 114 48.59 -19.20 -5.40
C SER A 114 47.60 -19.32 -6.54
N GLN A 115 46.43 -19.90 -6.33
CA GLN A 115 45.40 -20.06 -7.35
C GLN A 115 44.05 -19.65 -6.78
N PRO A 116 43.85 -18.37 -6.50
CA PRO A 116 42.55 -17.92 -5.95
C PRO A 116 41.37 -18.27 -6.84
N GLU A 117 41.55 -18.34 -8.16
CA GLU A 117 40.43 -18.55 -9.06
C GLU A 117 39.91 -19.98 -9.02
N ARG A 118 40.56 -20.88 -8.26
CA ARG A 118 40.09 -22.25 -8.10
C ARG A 118 39.64 -22.53 -6.67
N LEU A 119 39.34 -21.50 -5.89
CA LEU A 119 39.01 -21.64 -4.48
C LEU A 119 37.50 -21.58 -4.28
N LEU A 120 37.04 -22.14 -3.16
CA LEU A 120 35.63 -22.14 -2.80
C LEU A 120 35.50 -22.15 -1.29
N PHE A 121 34.76 -21.19 -0.75
CA PHE A 121 34.49 -21.10 0.68
C PHE A 121 33.03 -21.41 0.93
N VAL A 122 32.77 -22.27 1.91
CA VAL A 122 31.41 -22.54 2.37
C VAL A 122 31.32 -22.00 3.79
N ILE A 123 30.45 -21.01 3.99
CA ILE A 123 30.26 -20.38 5.29
C ILE A 123 28.87 -20.75 5.78
N ASP A 124 28.78 -21.26 7.00
CA ASP A 124 27.56 -21.83 7.54
C ASP A 124 27.05 -20.97 8.68
N GLY A 125 25.75 -20.69 8.68
CA GLY A 125 25.12 -20.00 9.78
C GLY A 125 25.61 -18.58 9.97
N LEU A 126 25.70 -17.82 8.88
CA LEU A 126 26.18 -16.45 8.97
C LEU A 126 25.18 -15.50 9.60
N ASP A 127 23.96 -15.96 9.89
CA ASP A 127 22.95 -15.07 10.45
C ASP A 127 23.35 -14.59 11.84
N ASP A 128 24.00 -15.45 12.63
CA ASP A 128 24.27 -15.13 14.03
C ASP A 128 25.10 -13.87 14.18
N MET A 129 25.81 -13.46 13.13
CA MET A 129 26.72 -12.32 13.20
C MET A 129 26.04 -10.99 12.92
N ASP A 130 24.72 -10.98 12.72
CA ASP A 130 24.03 -9.72 12.45
C ASP A 130 24.23 -8.73 13.59
N SER A 131 24.34 -9.24 14.82
CA SER A 131 24.52 -8.36 15.97
C SER A 131 25.86 -7.64 15.95
N VAL A 132 26.84 -8.15 15.22
CA VAL A 132 28.16 -7.53 15.19
C VAL A 132 28.34 -6.74 13.89
N LEU A 133 27.63 -7.14 12.83
CA LEU A 133 27.64 -6.39 11.58
C LEU A 133 26.76 -5.15 11.71
N GLN A 134 27.14 -4.30 12.66
CA GLN A 134 26.34 -3.14 13.01
C GLN A 134 26.23 -2.19 11.81
N HIS A 135 25.36 -1.20 11.96
CA HIS A 135 25.18 -0.19 10.93
C HIS A 135 26.36 0.77 10.91
N ASP A 136 27.53 0.28 10.50
CA ASP A 136 28.72 1.12 10.43
C ASP A 136 29.76 0.43 9.55
N ASP A 137 30.61 1.24 8.94
CA ASP A 137 31.70 0.72 8.13
C ASP A 137 32.82 0.19 9.02
N MET A 138 33.65 -0.67 8.43
CA MET A 138 34.80 -1.26 9.11
C MET A 138 35.97 -1.27 8.15
N THR A 139 37.16 -1.45 8.71
CA THR A 139 38.38 -1.54 7.89
C THR A 139 38.24 -2.68 6.90
N LEU A 140 38.54 -2.42 5.62
CA LEU A 140 38.49 -3.44 4.58
C LEU A 140 39.88 -4.01 4.38
N SER A 141 40.05 -5.28 4.75
CA SER A 141 41.31 -5.97 4.55
C SER A 141 41.43 -6.45 3.10
N ARG A 142 42.67 -6.62 2.65
CA ARG A 142 42.93 -7.13 1.31
C ARG A 142 44.09 -8.12 1.28
N ASP A 143 44.58 -8.58 2.42
CA ASP A 143 45.64 -9.56 2.50
C ASP A 143 45.26 -10.64 3.49
N TRP A 144 45.76 -11.85 3.27
CA TRP A 144 45.44 -12.99 4.13
C TRP A 144 46.44 -13.19 5.26
N LYS A 145 47.32 -12.22 5.49
CA LYS A 145 48.32 -12.31 6.56
C LYS A 145 48.14 -11.27 7.65
N ASP A 146 47.15 -10.39 7.52
CA ASP A 146 46.94 -9.32 8.48
C ASP A 146 46.00 -9.78 9.59
N GLU A 147 46.36 -9.48 10.84
CA GLU A 147 45.56 -9.90 11.99
C GLU A 147 44.45 -8.88 12.23
N GLN A 148 43.21 -9.30 12.00
CA GLN A 148 42.03 -8.50 12.22
C GLN A 148 40.99 -9.33 12.95
N PRO A 149 40.00 -8.68 13.57
CA PRO A 149 38.91 -9.45 14.19
C PRO A 149 38.22 -10.33 13.16
N ILE A 150 37.76 -11.50 13.61
CA ILE A 150 37.23 -12.49 12.68
C ILE A 150 36.03 -11.93 11.92
N TYR A 151 35.21 -11.10 12.57
CA TYR A 151 34.10 -10.52 11.84
C TYR A 151 34.57 -9.53 10.78
N ILE A 152 35.71 -8.88 10.99
CA ILE A 152 36.30 -8.08 9.92
C ILE A 152 36.73 -8.99 8.77
N LEU A 153 37.29 -10.16 9.09
CA LEU A 153 37.67 -11.10 8.05
C LEU A 153 36.47 -11.49 7.20
N MET A 154 35.37 -11.88 7.85
CA MET A 154 34.18 -12.28 7.10
C MET A 154 33.59 -11.11 6.33
N TYR A 155 33.59 -9.92 6.92
CA TYR A 155 33.07 -8.74 6.24
C TYR A 155 33.88 -8.42 4.99
N SER A 156 35.19 -8.59 5.06
CA SER A 156 36.04 -8.35 3.90
C SER A 156 35.86 -9.45 2.84
N LEU A 157 35.69 -10.69 3.28
CA LEU A 157 35.53 -11.78 2.33
C LEU A 157 34.22 -11.67 1.58
N LEU A 158 33.15 -11.22 2.26
CA LEU A 158 31.85 -11.11 1.61
C LEU A 158 31.85 -10.06 0.51
N ARG A 159 32.46 -8.91 0.76
CA ARG A 159 32.49 -7.83 -0.22
C ARG A 159 33.52 -8.04 -1.31
N LYS A 160 34.23 -9.18 -1.30
CA LYS A 160 35.16 -9.53 -2.36
C LYS A 160 36.27 -8.50 -2.49
N ALA A 161 36.65 -7.87 -1.38
CA ALA A 161 37.89 -7.11 -1.32
C ALA A 161 39.08 -7.98 -1.01
N LEU A 162 38.85 -9.12 -0.36
CA LEU A 162 39.88 -10.09 -0.02
C LEU A 162 39.63 -11.36 -0.82
N LEU A 163 40.66 -11.85 -1.49
CA LEU A 163 40.54 -12.97 -2.41
C LEU A 163 39.43 -12.71 -3.42
N PRO A 164 39.50 -11.61 -4.17
CA PRO A 164 38.36 -11.21 -5.00
C PRO A 164 38.00 -12.20 -6.09
N GLN A 165 38.84 -13.18 -6.40
CA GLN A 165 38.57 -14.10 -7.50
C GLN A 165 37.90 -15.39 -7.06
N SER A 166 37.72 -15.60 -5.76
CA SER A 166 37.26 -16.88 -5.24
C SER A 166 35.74 -16.95 -5.19
N PHE A 167 35.22 -18.18 -5.25
CA PHE A 167 33.79 -18.42 -5.15
C PHE A 167 33.36 -18.50 -3.70
N LEU A 168 32.07 -18.21 -3.45
CA LEU A 168 31.50 -18.24 -2.11
C LEU A 168 30.17 -18.96 -2.12
N ILE A 169 29.85 -19.60 -1.00
CA ILE A 169 28.51 -20.11 -0.72
C ILE A 169 28.20 -19.79 0.74
N ILE A 170 27.02 -19.24 0.99
CA ILE A 170 26.60 -18.82 2.32
C ILE A 170 25.21 -19.35 2.59
N THR A 171 24.97 -19.78 3.82
CA THR A 171 23.66 -20.15 4.30
C THR A 171 23.27 -19.23 5.45
N THR A 172 22.02 -18.79 5.45
CA THR A 172 21.56 -17.83 6.44
C THR A 172 20.05 -17.96 6.57
N ARG A 173 19.49 -17.21 7.52
CA ARG A 173 18.06 -17.21 7.76
C ARG A 173 17.39 -16.03 7.05
N ASN A 174 16.14 -16.25 6.63
CA ASN A 174 15.38 -15.21 5.95
C ASN A 174 15.43 -13.87 6.68
N THR A 175 15.68 -13.88 8.00
CA THR A 175 15.73 -12.63 8.76
C THR A 175 17.13 -12.04 8.86
N GLY A 176 18.16 -12.77 8.44
CA GLY A 176 19.50 -12.25 8.45
C GLY A 176 19.93 -11.56 7.18
N LEU A 177 19.15 -11.70 6.12
CA LEU A 177 19.48 -11.12 4.82
C LEU A 177 19.49 -9.61 4.84
N GLU A 178 18.91 -8.98 5.86
CA GLU A 178 18.62 -7.56 5.79
C GLU A 178 19.87 -6.71 5.61
N LYS A 179 21.04 -7.21 6.03
CA LYS A 179 22.28 -6.48 5.85
C LYS A 179 23.26 -7.16 4.90
N LEU A 180 23.09 -8.45 4.61
CA LEU A 180 23.90 -9.09 3.59
C LEU A 180 23.60 -8.52 2.21
N LYS A 181 22.32 -8.29 1.90
CA LYS A 181 21.94 -8.01 0.53
C LYS A 181 22.64 -6.77 -0.01
N SER A 182 22.93 -5.80 0.84
CA SER A 182 23.66 -4.60 0.44
C SER A 182 25.17 -4.76 0.54
N MET A 183 25.65 -5.90 1.03
CA MET A 183 27.06 -6.18 1.20
C MET A 183 27.64 -7.02 0.07
N VAL A 184 26.95 -8.07 -0.33
CA VAL A 184 27.44 -8.94 -1.39
C VAL A 184 27.28 -8.26 -2.75
N VAL A 185 28.00 -8.78 -3.73
CA VAL A 185 28.03 -8.21 -5.07
C VAL A 185 27.36 -9.20 -6.01
N SER A 186 26.21 -8.80 -6.56
CA SER A 186 25.52 -9.57 -7.59
C SER A 186 25.37 -11.05 -7.21
N PRO A 187 24.69 -11.35 -6.12
CA PRO A 187 24.56 -12.74 -5.68
C PRO A 187 23.45 -13.48 -6.44
N LEU A 188 23.47 -14.79 -6.30
CA LEU A 188 22.39 -15.66 -6.74
C LEU A 188 21.70 -16.21 -5.51
N TYR A 189 20.39 -16.04 -5.43
CA TYR A 189 19.62 -16.44 -4.27
C TYR A 189 18.89 -17.75 -4.56
N ILE A 190 18.99 -18.70 -3.64
CA ILE A 190 18.29 -19.96 -3.73
C ILE A 190 17.48 -20.17 -2.46
N LEU A 191 16.20 -20.52 -2.62
CA LEU A 191 15.29 -20.68 -1.49
C LEU A 191 15.21 -22.15 -1.11
N VAL A 192 15.56 -22.45 0.14
CA VAL A 192 15.47 -23.80 0.67
C VAL A 192 14.13 -23.96 1.38
N GLU A 193 13.37 -24.97 0.98
CA GLU A 193 12.03 -25.22 1.51
C GLU A 193 12.02 -26.56 2.23
N GLY A 194 11.40 -26.61 3.40
CA GLY A 194 11.33 -27.83 4.16
C GLY A 194 10.21 -28.74 3.69
N LEU A 195 9.40 -29.24 4.62
CA LEU A 195 8.37 -30.20 4.27
C LEU A 195 7.35 -29.57 3.33
N SER A 196 6.78 -30.39 2.44
CA SER A 196 5.75 -29.91 1.55
C SER A 196 4.45 -29.70 2.31
N ALA A 197 3.54 -28.96 1.68
CA ALA A 197 2.25 -28.69 2.32
C ALA A 197 1.46 -29.97 2.54
N SER A 198 1.45 -30.84 1.54
CA SER A 198 0.69 -32.09 1.65
C SER A 198 1.25 -32.96 2.76
N ARG A 199 2.58 -33.04 2.87
CA ARG A 199 3.19 -33.87 3.91
C ARG A 199 2.85 -33.33 5.29
N ARG A 200 2.92 -32.01 5.48
CA ARG A 200 2.59 -31.43 6.77
C ARG A 200 1.13 -31.68 7.12
N SER A 201 0.23 -31.52 6.15
CA SER A 201 -1.17 -31.80 6.40
C SER A 201 -1.38 -33.26 6.80
N GLN A 202 -0.73 -34.19 6.09
CA GLN A 202 -0.87 -35.59 6.42
C GLN A 202 -0.35 -35.88 7.83
N LEU A 203 0.77 -35.28 8.21
CA LEU A 203 1.33 -35.52 9.53
C LEU A 203 0.41 -34.99 10.63
N VAL A 204 -0.14 -33.80 10.45
CA VAL A 204 -1.00 -33.23 11.50
C VAL A 204 -2.31 -34.00 11.59
N LEU A 205 -2.85 -34.43 10.45
CA LEU A 205 -4.17 -35.06 10.45
C LEU A 205 -4.19 -36.40 11.17
N GLU A 206 -3.04 -36.98 11.47
CA GLU A 206 -2.99 -38.30 12.08
C GLU A 206 -3.02 -38.26 13.61
N ASN A 207 -2.96 -37.07 14.21
CA ASN A 207 -2.82 -36.96 15.66
C ASN A 207 -3.99 -36.26 16.33
N ILE A 208 -5.11 -36.09 15.62
CA ILE A 208 -6.29 -35.48 16.21
C ILE A 208 -7.18 -36.58 16.78
N SER A 209 -8.00 -36.24 17.76
CA SER A 209 -8.82 -37.21 18.49
C SER A 209 -10.07 -37.52 17.68
N ASN A 210 -10.34 -38.82 17.48
CA ASN A 210 -11.46 -39.23 16.64
C ASN A 210 -12.80 -38.84 17.27
N GLU A 211 -12.97 -39.08 18.57
CA GLU A 211 -14.25 -38.82 19.21
C GLU A 211 -14.63 -37.35 19.14
N SER A 212 -13.66 -36.46 19.38
CA SER A 212 -13.94 -35.04 19.33
C SER A 212 -14.16 -34.58 17.90
N ASP A 213 -14.59 -33.33 17.76
CA ASP A 213 -14.77 -32.72 16.43
C ASP A 213 -13.41 -32.34 15.87
N ARG A 214 -12.73 -33.35 15.31
CA ARG A 214 -11.37 -33.16 14.83
C ARG A 214 -11.28 -32.25 13.63
N ILE A 215 -12.29 -32.22 12.76
CA ILE A 215 -12.18 -31.46 11.52
C ILE A 215 -12.00 -29.98 11.80
N GLN A 216 -12.75 -29.42 12.75
CA GLN A 216 -12.67 -28.00 13.00
C GLN A 216 -11.28 -27.61 13.50
N VAL A 217 -10.74 -28.37 14.44
CA VAL A 217 -9.41 -28.06 14.98
C VAL A 217 -8.34 -28.28 13.91
N PHE A 218 -8.50 -29.33 13.11
CA PHE A 218 -7.55 -29.58 12.03
C PHE A 218 -7.49 -28.40 11.06
N HIS A 219 -8.66 -27.94 10.61
CA HIS A 219 -8.69 -26.84 9.65
C HIS A 219 -8.30 -25.53 10.28
N SER A 220 -8.50 -25.37 11.58
CA SER A 220 -8.02 -24.17 12.25
C SER A 220 -6.53 -24.20 12.50
N LEU A 221 -5.91 -25.38 12.46
CA LEU A 221 -4.47 -25.49 12.61
C LEU A 221 -3.74 -25.35 11.29
N ILE A 222 -4.19 -26.02 10.23
CA ILE A 222 -3.47 -25.98 8.98
C ILE A 222 -3.76 -24.72 8.17
N GLU A 223 -4.82 -23.98 8.50
CA GLU A 223 -5.15 -22.77 7.77
C GLU A 223 -4.50 -21.52 8.35
N ASN A 224 -3.83 -21.63 9.49
CA ASN A 224 -3.10 -20.51 10.07
C ASN A 224 -1.72 -20.46 9.42
N HIS A 225 -1.50 -19.45 8.57
CA HIS A 225 -0.27 -19.42 7.78
C HIS A 225 0.97 -19.27 8.65
N GLN A 226 0.89 -18.47 9.72
CA GLN A 226 2.05 -18.32 10.59
C GLN A 226 2.41 -19.63 11.28
N LEU A 227 1.40 -20.37 11.74
CA LEU A 227 1.65 -21.66 12.36
C LEU A 227 2.10 -22.69 11.32
N PHE A 228 1.39 -22.77 10.20
CA PHE A 228 1.65 -23.80 9.21
C PHE A 228 3.02 -23.64 8.58
N ASP A 229 3.42 -22.40 8.28
CA ASP A 229 4.73 -22.19 7.67
C ASP A 229 5.86 -22.58 8.61
N GLN A 230 5.64 -22.43 9.92
CA GLN A 230 6.65 -22.87 10.89
C GLN A 230 6.86 -24.37 10.83
N CYS A 231 5.83 -25.13 10.47
CA CYS A 231 5.89 -26.58 10.41
C CYS A 231 6.67 -27.09 9.24
N GLN A 232 7.37 -26.24 8.49
CA GLN A 232 8.27 -26.76 7.47
C GLN A 232 9.46 -27.48 8.10
N ALA A 233 9.96 -26.95 9.21
CA ALA A 233 11.01 -27.63 9.94
C ALA A 233 10.46 -28.94 10.50
N PRO A 234 11.13 -30.08 10.27
CA PRO A 234 10.65 -31.34 10.87
C PRO A 234 10.57 -31.28 12.39
N SER A 235 11.48 -30.56 13.04
CA SER A 235 11.47 -30.50 14.50
C SER A 235 10.21 -29.82 15.02
N VAL A 236 9.78 -28.72 14.39
CA VAL A 236 8.59 -28.04 14.84
C VAL A 236 7.35 -28.89 14.58
N CYS A 237 7.30 -29.56 13.43
CA CYS A 237 6.19 -30.47 13.17
C CYS A 237 6.13 -31.57 14.21
N SER A 238 7.30 -32.10 14.60
CA SER A 238 7.34 -33.12 15.63
C SER A 238 6.87 -32.58 16.98
N LEU A 239 7.28 -31.36 17.33
CA LEU A 239 6.79 -30.77 18.58
C LEU A 239 5.28 -30.62 18.56
N VAL A 240 4.72 -30.17 17.44
CA VAL A 240 3.27 -30.00 17.35
C VAL A 240 2.57 -31.34 17.48
N CYS A 241 3.08 -32.37 16.81
CA CYS A 241 2.48 -33.70 16.90
C CYS A 241 2.56 -34.25 18.33
N GLU A 242 3.70 -34.06 18.98
CA GLU A 242 3.86 -34.52 20.35
C GLU A 242 2.89 -33.80 21.28
N ALA A 243 2.71 -32.50 21.08
CA ALA A 243 1.76 -31.75 21.90
C ALA A 243 0.34 -32.24 21.69
N LEU A 244 -0.03 -32.52 20.43
CA LEU A 244 -1.37 -33.03 20.16
C LEU A 244 -1.58 -34.37 20.87
N GLN A 245 -0.60 -35.27 20.77
CA GLN A 245 -0.75 -36.57 21.43
C GLN A 245 -0.80 -36.41 22.95
N LEU A 246 0.00 -35.51 23.51
CA LEU A 246 -0.04 -35.28 24.95
C LEU A 246 -1.39 -34.75 25.40
N GLN A 247 -1.96 -33.81 24.66
CA GLN A 247 -3.28 -33.30 25.01
C GLN A 247 -4.33 -34.40 24.90
N LYS A 248 -4.20 -35.29 23.93
CA LYS A 248 -5.11 -36.43 23.87
C LYS A 248 -4.95 -37.33 25.08
N LYS A 249 -3.71 -37.60 25.49
CA LYS A 249 -3.46 -38.49 26.62
C LYS A 249 -4.02 -37.91 27.91
N LEU A 250 -3.86 -36.61 28.12
CA LEU A 250 -4.32 -36.00 29.36
C LEU A 250 -5.84 -35.92 29.45
N GLY A 251 -6.56 -36.24 28.37
CA GLY A 251 -8.01 -36.27 28.46
C GLY A 251 -8.56 -34.94 28.94
N LYS A 252 -9.40 -35.00 29.97
CA LYS A 252 -10.01 -33.80 30.52
C LYS A 252 -9.10 -33.05 31.49
N ARG A 253 -7.95 -33.62 31.84
CA ARG A 253 -7.00 -32.92 32.71
C ARG A 253 -6.35 -31.72 32.02
N CYS A 254 -6.45 -31.62 30.70
CA CYS A 254 -5.83 -30.53 29.94
C CYS A 254 -6.90 -29.49 29.62
N THR A 255 -6.78 -28.33 30.24
CA THR A 255 -7.67 -27.20 29.98
C THR A 255 -7.08 -26.18 29.04
N LEU A 256 -5.87 -26.41 28.52
CA LEU A 256 -5.20 -25.45 27.66
C LEU A 256 -5.74 -25.53 26.23
N PRO A 257 -5.67 -24.44 25.47
CA PRO A 257 -6.24 -24.46 24.12
C PRO A 257 -5.52 -25.42 23.19
N CYS A 258 -6.29 -25.99 22.27
CA CYS A 258 -5.81 -27.04 21.38
C CYS A 258 -5.65 -26.57 19.95
N GLN A 259 -5.77 -25.28 19.68
CA GLN A 259 -5.64 -24.72 18.35
C GLN A 259 -4.43 -23.80 18.22
N THR A 260 -4.30 -22.83 19.12
CA THR A 260 -3.19 -21.90 19.07
C THR A 260 -1.86 -22.63 19.33
N LEU A 261 -0.81 -22.17 18.66
CA LEU A 261 0.51 -22.73 18.89
C LEU A 261 0.97 -22.50 20.32
N THR A 262 0.53 -21.40 20.93
CA THR A 262 0.87 -21.12 22.32
C THR A 262 0.29 -22.19 23.24
N GLY A 263 -0.92 -22.65 22.95
CA GLY A 263 -1.50 -23.71 23.76
C GLY A 263 -0.70 -24.99 23.71
N LEU A 264 -0.28 -25.39 22.52
CA LEU A 264 0.51 -26.61 22.37
C LEU A 264 1.87 -26.47 23.05
N TYR A 265 2.53 -25.33 22.86
CA TYR A 265 3.83 -25.14 23.48
C TYR A 265 3.72 -25.10 25.00
N ALA A 266 2.66 -24.47 25.53
CA ALA A 266 2.45 -24.44 26.96
C ALA A 266 2.18 -25.85 27.49
N THR A 267 1.35 -26.62 26.79
CA THR A 267 1.15 -28.01 27.18
C THR A 267 2.47 -28.73 27.30
N LEU A 268 3.29 -28.63 26.25
CA LEU A 268 4.56 -29.35 26.23
C LEU A 268 5.47 -28.93 27.37
N VAL A 269 5.61 -27.62 27.58
CA VAL A 269 6.59 -27.12 28.55
C VAL A 269 6.12 -27.37 29.98
N PHE A 270 4.83 -27.17 30.26
CA PHE A 270 4.33 -27.32 31.62
C PHE A 270 4.16 -28.78 32.02
N HIS A 271 3.84 -29.65 31.07
CA HIS A 271 3.74 -31.07 31.40
C HIS A 271 5.07 -31.61 31.89
N GLN A 272 6.17 -31.17 31.28
CA GLN A 272 7.49 -31.60 31.72
C GLN A 272 7.84 -31.03 33.10
N LEU A 273 7.46 -29.78 33.37
CA LEU A 273 7.83 -29.17 34.65
C LEU A 273 7.16 -29.87 35.83
N THR A 274 6.02 -30.51 35.60
CA THR A 274 5.27 -31.15 36.68
C THR A 274 5.71 -32.58 36.95
N LEU A 275 6.60 -33.15 36.12
CA LEU A 275 6.95 -34.55 36.28
C LEU A 275 7.61 -34.81 37.63
N LYS A 276 8.53 -33.94 38.05
CA LYS A 276 9.21 -34.16 39.33
C LYS A 276 8.28 -33.90 40.51
N ARG A 277 7.40 -32.92 40.40
CA ARG A 277 6.57 -32.54 41.53
C ARG A 277 5.47 -33.58 41.77
N PRO A 278 5.02 -33.72 43.01
CA PRO A 278 3.75 -34.41 43.25
C PRO A 278 2.60 -33.62 42.65
N SER A 279 1.54 -34.33 42.28
CA SER A 279 0.43 -33.71 41.56
C SER A 279 0.01 -32.40 42.22
N GLN A 280 0.11 -31.32 41.45
CA GLN A 280 -0.33 -29.99 41.87
C GLN A 280 0.41 -29.52 43.12
N SER A 281 1.72 -29.35 42.96
CA SER A 281 2.57 -28.75 43.99
C SER A 281 3.51 -27.76 43.32
N ALA A 282 3.99 -26.80 44.10
CA ALA A 282 4.78 -25.69 43.58
C ALA A 282 6.23 -26.12 43.33
N LEU A 283 7.00 -25.20 42.76
CA LEU A 283 8.44 -25.36 42.60
C LEU A 283 9.17 -24.71 43.76
N SER A 284 10.46 -25.02 43.88
CA SER A 284 11.29 -24.41 44.90
C SER A 284 11.76 -23.02 44.45
N GLN A 285 12.36 -22.28 45.38
CA GLN A 285 12.86 -20.95 45.04
C GLN A 285 14.00 -21.04 44.03
N GLU A 286 14.89 -22.02 44.19
CA GLU A 286 15.99 -22.16 43.25
C GLU A 286 15.48 -22.43 41.84
N GLU A 287 14.48 -23.30 41.72
CA GLU A 287 13.95 -23.62 40.40
C GLU A 287 13.24 -22.42 39.79
N GLN A 288 12.53 -21.63 40.61
CA GLN A 288 11.93 -20.41 40.11
C GLN A 288 12.99 -19.47 39.59
N ILE A 289 14.10 -19.32 40.32
CA ILE A 289 15.19 -18.47 39.87
C ILE A 289 15.73 -18.97 38.54
N THR A 290 15.93 -20.28 38.41
CA THR A 290 16.46 -20.84 37.18
C THR A 290 15.54 -20.55 36.00
N LEU A 291 14.23 -20.78 36.19
CA LEU A 291 13.29 -20.57 35.10
C LEU A 291 13.23 -19.10 34.70
N VAL A 292 13.21 -18.21 35.68
CA VAL A 292 13.17 -16.78 35.36
C VAL A 292 14.45 -16.35 34.66
N GLY A 293 15.59 -16.92 35.06
CA GLY A 293 16.83 -16.58 34.40
C GLY A 293 16.86 -17.05 32.95
N LEU A 294 16.38 -18.26 32.71
CA LEU A 294 16.28 -18.74 31.33
C LEU A 294 15.40 -17.83 30.50
N CYS A 295 14.26 -17.41 31.05
CA CYS A 295 13.35 -16.53 30.33
C CYS A 295 13.99 -15.18 30.05
N MET A 296 14.69 -14.62 31.03
CA MET A 296 15.35 -13.33 30.83
C MET A 296 16.44 -13.43 29.77
N MET A 297 17.21 -14.53 29.79
CA MET A 297 18.25 -14.71 28.79
C MET A 297 17.64 -14.81 27.39
N ALA A 298 16.55 -15.56 27.25
CA ALA A 298 15.91 -15.66 25.94
C ALA A 298 15.39 -14.31 25.47
N ALA A 299 14.78 -13.54 26.38
CA ALA A 299 14.24 -12.24 25.97
C ALA A 299 15.36 -11.30 25.54
N GLU A 300 16.46 -11.26 26.29
CA GLU A 300 17.58 -10.41 25.91
C GLU A 300 18.18 -10.85 24.58
N GLY A 301 18.26 -12.16 24.35
CA GLY A 301 18.74 -12.63 23.07
C GLY A 301 17.84 -12.21 21.92
N VAL A 302 16.52 -12.26 22.12
CA VAL A 302 15.60 -11.84 21.07
C VAL A 302 15.76 -10.35 20.79
N TRP A 303 15.85 -9.54 21.84
CA TRP A 303 15.90 -8.09 21.63
C TRP A 303 17.19 -7.67 20.94
N THR A 304 18.32 -8.28 21.31
CA THR A 304 19.62 -7.90 20.78
C THR A 304 20.04 -8.70 19.56
N MET A 305 19.09 -9.24 18.80
CA MET A 305 19.38 -9.90 17.53
C MET A 305 20.43 -10.99 17.72
N ARG A 306 20.31 -11.73 18.80
CA ARG A 306 21.30 -12.74 19.18
C ARG A 306 20.61 -14.05 19.47
N SER A 307 21.20 -15.16 19.02
CA SER A 307 20.60 -16.47 19.25
C SER A 307 21.62 -17.54 19.62
N VAL A 308 22.87 -17.18 19.90
CA VAL A 308 23.87 -18.11 20.39
C VAL A 308 24.47 -17.51 21.67
N PHE A 309 24.49 -18.29 22.74
CA PHE A 309 24.92 -17.82 24.05
C PHE A 309 26.11 -18.64 24.52
N TYR A 310 26.96 -18.01 25.30
CA TYR A 310 28.22 -18.59 25.76
C TYR A 310 28.20 -18.75 27.28
N ASP A 311 29.27 -19.34 27.81
CA ASP A 311 29.35 -19.57 29.25
C ASP A 311 29.26 -18.27 30.03
N ASP A 312 29.72 -17.17 29.44
CA ASP A 312 29.62 -15.89 30.13
C ASP A 312 28.16 -15.49 30.34
N ASP A 313 27.33 -15.71 29.33
CA ASP A 313 25.92 -15.33 29.43
C ASP A 313 25.20 -16.15 30.50
N LEU A 314 25.50 -17.44 30.59
CA LEU A 314 24.85 -18.28 31.58
C LEU A 314 25.15 -17.79 32.99
N LYS A 315 26.40 -17.38 33.25
CA LYS A 315 26.75 -16.92 34.59
C LYS A 315 25.96 -15.66 34.95
N ASN A 316 25.76 -14.75 34.01
CA ASN A 316 25.01 -13.55 34.30
C ASN A 316 23.64 -13.87 34.89
N TYR A 317 22.99 -14.91 34.37
CA TYR A 317 21.66 -15.31 34.82
C TYR A 317 21.70 -16.57 35.68
N SER A 318 22.86 -16.89 36.27
CA SER A 318 22.97 -17.97 37.24
C SER A 318 22.37 -19.26 36.70
N LEU A 319 22.76 -19.63 35.49
CA LEU A 319 22.28 -20.84 34.84
C LEU A 319 23.38 -21.88 34.77
N LYS A 320 22.97 -23.15 34.76
CA LYS A 320 23.87 -24.26 34.57
C LYS A 320 23.16 -25.33 33.75
N GLU A 321 23.89 -25.96 32.84
CA GLU A 321 23.28 -27.00 32.01
C GLU A 321 22.66 -28.09 32.89
N SER A 322 23.31 -28.41 34.02
CA SER A 322 22.78 -29.42 34.92
C SER A 322 21.46 -28.97 35.52
N GLU A 323 21.40 -27.72 36.00
CA GLU A 323 20.17 -27.21 36.58
C GLU A 323 19.04 -27.22 35.56
N ILE A 324 19.33 -26.75 34.35
CA ILE A 324 18.29 -26.69 33.31
C ILE A 324 17.83 -28.08 32.94
N LEU A 325 18.75 -29.04 32.84
CA LEU A 325 18.36 -30.41 32.53
C LEU A 325 17.59 -31.04 33.68
N ALA A 326 17.81 -30.60 34.91
CA ALA A 326 17.03 -31.10 36.03
C ALA A 326 15.61 -30.53 35.99
N LEU A 327 15.48 -29.22 35.76
CA LEU A 327 14.17 -28.60 35.65
C LEU A 327 13.35 -29.27 34.58
N PHE A 328 13.78 -29.14 33.33
CA PHE A 328 13.17 -29.83 32.20
C PHE A 328 14.00 -31.06 31.89
N HIS A 329 13.34 -32.20 31.73
CA HIS A 329 14.03 -33.40 31.32
C HIS A 329 14.27 -33.43 29.81
N MET A 330 13.83 -32.41 29.09
CA MET A 330 13.88 -32.39 27.63
C MET A 330 15.18 -31.82 27.08
N ASN A 331 16.06 -31.28 27.93
CA ASN A 331 17.34 -30.72 27.50
C ASN A 331 17.12 -29.60 26.48
N ILE A 332 16.49 -28.54 26.98
CA ILE A 332 16.07 -27.42 26.12
C ILE A 332 17.29 -26.76 25.48
N LEU A 333 18.31 -26.45 26.28
CA LEU A 333 19.51 -25.77 25.80
C LEU A 333 20.49 -26.81 25.26
N LEU A 334 20.56 -26.95 23.95
CA LEU A 334 21.54 -27.83 23.33
C LEU A 334 22.92 -27.18 23.40
N GLN A 335 23.94 -28.01 23.60
CA GLN A 335 25.32 -27.55 23.66
C GLN A 335 26.01 -27.89 22.35
N VAL A 336 26.61 -26.89 21.71
CA VAL A 336 27.24 -27.02 20.41
C VAL A 336 28.64 -26.43 20.49
N GLY A 337 29.59 -27.08 19.82
CA GLY A 337 30.95 -26.59 19.81
C GLY A 337 31.94 -27.55 20.46
N HIS A 338 32.78 -28.18 19.63
CA HIS A 338 33.78 -29.11 20.13
C HIS A 338 34.95 -28.42 20.81
N ASN A 339 35.04 -27.09 20.70
CA ASN A 339 36.14 -26.36 21.29
C ASN A 339 36.10 -26.46 22.82
N SER A 340 37.21 -26.05 23.44
CA SER A 340 37.25 -25.96 24.89
C SER A 340 36.31 -24.90 25.45
N GLU A 341 35.79 -24.02 24.59
CA GLU A 341 34.75 -23.07 24.97
C GLU A 341 33.43 -23.51 24.34
N GLN A 342 32.38 -23.52 25.14
CA GLN A 342 31.11 -24.11 24.76
C GLN A 342 30.12 -23.05 24.29
N CYS A 343 29.23 -23.45 23.39
CA CYS A 343 28.17 -22.61 22.86
C CYS A 343 26.84 -23.31 23.04
N TYR A 344 25.80 -22.52 23.34
CA TYR A 344 24.47 -23.04 23.66
C TYR A 344 23.43 -22.43 22.74
N VAL A 345 22.51 -23.25 22.26
CA VAL A 345 21.41 -22.82 21.42
C VAL A 345 20.15 -23.57 21.82
N PHE A 346 19.02 -22.89 21.80
CA PHE A 346 17.76 -23.56 22.08
C PHE A 346 17.50 -24.66 21.05
N SER A 347 16.64 -25.61 21.42
CA SER A 347 16.33 -26.69 20.51
C SER A 347 15.76 -26.18 19.20
N HIS A 348 15.00 -25.08 19.25
CA HIS A 348 14.52 -24.43 18.05
C HIS A 348 14.41 -22.93 18.32
N LEU A 349 14.39 -22.14 17.26
CA LEU A 349 14.30 -20.70 17.42
C LEU A 349 12.92 -20.25 17.83
N SER A 350 11.89 -21.08 17.64
CA SER A 350 10.56 -20.74 18.12
C SER A 350 10.45 -20.92 19.63
N LEU A 351 11.28 -21.79 20.21
CA LEU A 351 11.29 -21.94 21.66
C LEU A 351 11.98 -20.78 22.35
N GLN A 352 12.87 -20.07 21.67
CA GLN A 352 13.43 -18.86 22.26
C GLN A 352 12.38 -17.77 22.35
N ASP A 353 11.49 -17.69 21.35
CA ASP A 353 10.40 -16.74 21.41
C ASP A 353 9.43 -17.06 22.54
N PHE A 354 9.09 -18.34 22.72
CA PHE A 354 8.15 -18.71 23.77
C PHE A 354 8.70 -18.35 25.14
N PHE A 355 9.98 -18.62 25.38
CA PHE A 355 10.58 -18.27 26.67
C PHE A 355 10.83 -16.78 26.79
N ALA A 356 10.94 -16.06 25.68
CA ALA A 356 11.09 -14.61 25.75
C ALA A 356 9.78 -13.94 26.14
N ALA A 357 8.66 -14.44 25.63
CA ALA A 357 7.35 -13.88 25.97
C ALA A 357 6.91 -14.29 27.36
N LEU A 358 7.39 -15.44 27.85
CA LEU A 358 7.07 -15.85 29.21
C LEU A 358 7.75 -14.97 30.25
N TYR A 359 8.73 -14.16 29.84
CA TYR A 359 9.37 -13.26 30.80
C TYR A 359 8.46 -12.11 31.19
N TYR A 360 7.63 -11.64 30.26
CA TYR A 360 6.70 -10.56 30.57
C TYR A 360 5.60 -11.00 31.53
N VAL A 361 5.43 -12.31 31.73
CA VAL A 361 4.40 -12.81 32.62
C VAL A 361 4.93 -13.05 34.03
N LEU A 362 6.22 -13.37 34.17
CA LEU A 362 6.82 -13.67 35.46
C LEU A 362 7.71 -12.57 36.00
N GLU A 363 8.01 -11.54 35.20
CA GLU A 363 8.94 -10.52 35.65
C GLU A 363 8.42 -9.74 36.85
N GLY A 364 7.12 -9.75 37.09
CA GLY A 364 6.52 -8.93 38.12
C GLY A 364 6.25 -9.61 39.44
N LEU A 365 6.50 -10.92 39.54
CA LEU A 365 6.12 -11.64 40.75
C LEU A 365 7.08 -11.38 41.91
N GLU A 366 8.32 -11.02 41.64
CA GLU A 366 9.30 -10.78 42.69
C GLU A 366 10.34 -9.80 42.16
N GLU A 367 11.35 -9.52 42.99
CA GLU A 367 12.49 -8.71 42.59
C GLU A 367 13.64 -9.65 42.19
N TRP A 368 13.48 -10.24 41.00
CA TRP A 368 14.43 -11.23 40.53
C TRP A 368 15.80 -10.62 40.28
N ASN A 369 15.85 -9.34 39.94
CA ASN A 369 17.12 -8.75 39.52
C ASN A 369 18.19 -8.84 40.60
N GLN A 370 17.79 -8.85 41.87
CA GLN A 370 18.78 -8.91 42.93
C GLN A 370 19.58 -10.20 42.89
N HIS A 371 18.98 -11.27 42.37
CA HIS A 371 19.68 -12.55 42.30
C HIS A 371 20.70 -12.60 41.16
N PHE A 372 20.43 -11.90 40.06
CA PHE A 372 21.29 -12.00 38.88
C PHE A 372 22.51 -11.09 39.03
N CYS A 373 23.65 -11.59 38.55
CA CYS A 373 24.92 -10.89 38.75
C CYS A 373 24.93 -9.54 38.05
N PHE A 374 24.60 -9.52 36.75
CA PHE A 374 24.72 -8.31 35.94
C PHE A 374 24.09 -7.10 36.61
N ASP A 389 9.68 -5.27 14.09
CA ASP A 389 10.39 -5.93 13.01
C ASP A 389 9.77 -7.29 12.70
N THR A 390 10.40 -8.04 11.80
CA THR A 390 9.95 -9.39 11.47
C THR A 390 10.49 -10.43 12.44
N ARG A 391 11.45 -10.08 13.28
CA ARG A 391 11.97 -11.02 14.26
C ARG A 391 11.17 -11.03 15.55
N LEU A 392 10.32 -10.03 15.77
CA LEU A 392 9.50 -9.96 16.97
C LEU A 392 8.08 -10.49 16.75
N LEU A 393 7.79 -10.99 15.55
CA LEU A 393 6.44 -11.46 15.26
C LEU A 393 6.08 -12.68 16.09
N GLY A 394 7.00 -13.64 16.20
CA GLY A 394 6.72 -14.84 16.98
C GLY A 394 6.56 -14.53 18.47
N MET A 395 7.44 -13.69 19.01
CA MET A 395 7.31 -13.29 20.40
C MET A 395 6.00 -12.55 20.63
N LYS A 396 5.59 -11.71 19.69
CA LYS A 396 4.33 -10.99 19.83
C LYS A 396 3.16 -11.96 19.88
N ARG A 397 3.13 -12.93 18.96
CA ARG A 397 2.04 -13.90 18.97
C ARG A 397 2.03 -14.69 20.27
N PHE A 398 3.20 -15.13 20.74
CA PHE A 398 3.24 -15.90 21.99
C PHE A 398 2.78 -15.04 23.17
N LEU A 399 3.21 -13.78 23.22
CA LEU A 399 2.83 -12.91 24.32
C LEU A 399 1.33 -12.68 24.35
N PHE A 400 0.71 -12.53 23.18
CA PHE A 400 -0.74 -12.39 23.14
C PHE A 400 -1.45 -13.68 23.51
N GLY A 401 -0.89 -14.82 23.13
CA GLY A 401 -1.51 -16.10 23.45
C GLY A 401 -1.27 -16.59 24.85
N LEU A 402 -0.37 -15.97 25.61
CA LEU A 402 -0.11 -16.39 26.98
C LEU A 402 -1.07 -15.75 27.97
N MET A 403 -1.95 -14.86 27.53
CA MET A 403 -2.92 -14.23 28.41
C MET A 403 -4.17 -15.08 28.59
N ASN A 404 -4.19 -16.29 28.02
CA ASN A 404 -5.26 -17.24 28.30
C ASN A 404 -5.24 -17.61 29.78
N LYS A 405 -6.44 -17.64 30.39
CA LYS A 405 -6.53 -17.85 31.83
C LYS A 405 -6.22 -19.29 32.24
N ASP A 406 -6.60 -20.26 31.40
CA ASP A 406 -6.24 -21.64 31.70
C ASP A 406 -4.73 -21.83 31.74
N ILE A 407 -3.99 -21.04 30.97
CA ILE A 407 -2.54 -21.08 31.02
C ILE A 407 -2.02 -20.43 32.29
N LEU A 408 -2.57 -19.28 32.66
CA LEU A 408 -2.08 -18.56 33.85
C LEU A 408 -2.44 -19.29 35.14
N LYS A 409 -3.45 -20.17 35.12
CA LYS A 409 -3.73 -20.97 36.30
C LYS A 409 -2.55 -21.89 36.62
N THR A 410 -1.94 -22.49 35.59
CA THR A 410 -0.79 -23.36 35.82
C THR A 410 0.38 -22.58 36.42
N LEU A 411 0.62 -21.37 35.92
CA LEU A 411 1.68 -20.55 36.50
C LEU A 411 1.36 -20.18 37.94
N GLU A 412 0.09 -19.90 38.25
CA GLU A 412 -0.28 -19.61 39.62
C GLU A 412 0.00 -20.81 40.52
N VAL A 413 -0.32 -22.01 40.04
CA VAL A 413 -0.02 -23.22 40.82
C VAL A 413 1.48 -23.35 41.04
N LEU A 414 2.27 -23.18 39.97
CA LEU A 414 3.71 -23.41 40.06
C LEU A 414 4.38 -22.42 41.01
N PHE A 415 4.04 -21.14 40.89
CA PHE A 415 4.72 -20.09 41.63
C PHE A 415 4.04 -19.76 42.95
N GLU A 416 2.89 -20.36 43.25
CA GLU A 416 2.22 -20.18 44.54
C GLU A 416 1.97 -18.70 44.80
N TYR A 417 1.36 -18.03 43.82
CA TYR A 417 1.11 -16.61 43.93
C TYR A 417 0.23 -16.18 42.74
N PRO A 418 -0.71 -15.26 42.93
CA PRO A 418 -1.50 -14.80 41.78
C PRO A 418 -0.63 -14.17 40.71
N VAL A 419 -0.97 -14.43 39.46
CA VAL A 419 -0.24 -13.93 38.30
C VAL A 419 -1.17 -12.98 37.56
N ILE A 420 -0.90 -11.69 37.67
CA ILE A 420 -1.68 -10.66 36.97
C ILE A 420 -0.70 -9.76 36.23
N PRO A 421 -0.20 -10.17 35.08
CA PRO A 421 0.85 -9.38 34.40
C PRO A 421 0.35 -7.98 34.04
N THR A 422 1.26 -7.02 34.13
CA THR A 422 0.94 -5.63 33.81
C THR A 422 0.97 -5.36 32.31
N VAL A 423 1.32 -6.36 31.50
CA VAL A 423 1.35 -6.18 30.06
C VAL A 423 -0.04 -6.31 29.45
N GLU A 424 -0.96 -7.00 30.12
CA GLU A 424 -2.29 -7.18 29.57
C GLU A 424 -2.97 -5.84 29.34
N GLN A 425 -2.81 -4.91 30.29
CA GLN A 425 -3.36 -3.58 30.10
C GLN A 425 -2.72 -2.88 28.91
N LYS A 426 -1.42 -3.07 28.71
CA LYS A 426 -0.76 -2.44 27.56
C LYS A 426 -1.31 -2.98 26.25
N LEU A 427 -1.51 -4.30 26.15
CA LEU A 427 -2.05 -4.86 24.92
C LEU A 427 -3.47 -4.37 24.68
N GLN A 428 -4.27 -4.30 25.75
CA GLN A 428 -5.63 -3.76 25.61
C GLN A 428 -5.60 -2.32 25.15
N HIS A 429 -4.70 -1.52 25.71
CA HIS A 429 -4.61 -0.11 25.33
C HIS A 429 -4.22 0.03 23.86
N TRP A 430 -3.30 -0.80 23.39
CA TRP A 430 -2.92 -0.74 21.98
C TRP A 430 -4.11 -1.08 21.08
N VAL A 431 -4.81 -2.18 21.39
CA VAL A 431 -5.93 -2.58 20.54
C VAL A 431 -7.01 -1.51 20.55
N SER A 432 -7.24 -0.86 21.69
CA SER A 432 -8.22 0.21 21.74
C SER A 432 -7.77 1.43 20.96
N LEU A 433 -6.49 1.81 21.07
CA LEU A 433 -5.96 2.91 20.29
C LEU A 433 -6.14 2.68 18.80
N ILE A 434 -6.11 1.43 18.36
CA ILE A 434 -6.38 1.16 16.95
C ILE A 434 -7.74 1.73 16.53
N ALA A 435 -8.76 1.54 17.37
CA ALA A 435 -10.13 1.86 17.00
C ALA A 435 -10.53 3.30 17.30
N GLN A 436 -9.65 4.10 17.89
CA GLN A 436 -9.94 5.48 18.21
C GLN A 436 -9.53 6.46 17.12
N GLN A 437 -9.06 5.96 15.98
CA GLN A 437 -8.62 6.82 14.91
C GLN A 437 -9.80 7.55 14.28
N VAL A 438 -9.55 8.78 13.81
CA VAL A 438 -10.62 9.68 13.43
C VAL A 438 -10.97 9.54 11.94
N ASN A 439 -9.97 9.51 11.07
CA ASN A 439 -10.25 9.43 9.64
C ASN A 439 -10.45 7.99 9.21
N GLY A 440 -11.34 7.27 9.90
CA GLY A 440 -11.58 5.88 9.61
C GLY A 440 -10.50 5.00 10.20
N THR A 441 -10.74 3.69 10.26
CA THR A 441 -9.77 2.75 10.78
C THR A 441 -9.05 2.06 9.63
N SER A 442 -7.82 1.63 9.90
CA SER A 442 -7.03 0.95 8.89
C SER A 442 -7.41 -0.52 8.83
N PRO A 443 -7.82 -1.05 7.68
CA PRO A 443 -8.17 -2.49 7.63
C PRO A 443 -7.02 -3.39 8.02
N MET A 444 -5.78 -3.01 7.71
CA MET A 444 -4.64 -3.89 7.96
C MET A 444 -4.34 -4.00 9.45
N ASP A 445 -4.31 -2.87 10.15
CA ASP A 445 -4.11 -2.91 11.59
C ASP A 445 -5.23 -3.64 12.29
N THR A 446 -6.47 -3.46 11.82
CA THR A 446 -7.60 -4.16 12.40
C THR A 446 -7.43 -5.66 12.25
N LEU A 447 -7.06 -6.13 11.06
CA LEU A 447 -6.90 -7.56 10.85
C LEU A 447 -5.72 -8.12 11.66
N ASP A 448 -4.64 -7.35 11.78
CA ASP A 448 -3.52 -7.80 12.58
C ASP A 448 -3.93 -7.96 14.04
N ALA A 449 -4.65 -6.98 14.59
CA ALA A 449 -5.10 -7.06 15.97
C ALA A 449 -6.05 -8.23 16.15
N PHE A 450 -6.93 -8.48 15.18
CA PHE A 450 -7.84 -9.61 15.27
C PHE A 450 -7.07 -10.93 15.27
N TYR A 451 -5.98 -11.00 14.50
CA TYR A 451 -5.14 -12.20 14.53
C TYR A 451 -4.47 -12.36 15.88
N CYS A 452 -4.01 -11.26 16.48
CA CYS A 452 -3.38 -11.33 17.79
C CYS A 452 -4.38 -11.72 18.88
N LEU A 453 -5.60 -11.19 18.82
CA LEU A 453 -6.60 -11.47 19.84
C LEU A 453 -7.18 -12.87 19.72
N PHE A 454 -7.09 -13.50 18.55
CA PHE A 454 -7.57 -14.86 18.41
C PHE A 454 -6.65 -15.85 19.12
N GLU A 455 -5.38 -15.49 19.32
CA GLU A 455 -4.45 -16.35 20.02
C GLU A 455 -4.71 -16.39 21.52
N SER A 456 -5.21 -15.30 22.09
CA SER A 456 -5.47 -15.30 23.53
C SER A 456 -6.53 -16.32 23.90
N GLN A 457 -7.59 -16.41 23.11
CA GLN A 457 -8.69 -17.35 23.35
C GLN A 457 -9.39 -17.10 24.68
N ASP A 458 -9.21 -15.91 25.27
CA ASP A 458 -9.85 -15.55 26.52
C ASP A 458 -10.98 -14.59 26.23
N GLU A 459 -12.21 -14.98 26.58
CA GLU A 459 -13.37 -14.16 26.28
C GLU A 459 -13.30 -12.81 26.99
N GLU A 460 -12.87 -12.80 28.25
CA GLU A 460 -12.89 -11.55 29.02
C GLU A 460 -11.85 -10.56 28.49
N PHE A 461 -10.62 -11.02 28.28
CA PHE A 461 -9.57 -10.14 27.79
C PHE A 461 -9.91 -9.61 26.39
N VAL A 462 -10.38 -10.49 25.51
CA VAL A 462 -10.75 -10.07 24.16
C VAL A 462 -11.87 -9.05 24.22
N GLY A 463 -12.93 -9.36 24.98
CA GLY A 463 -14.05 -8.45 25.07
C GLY A 463 -13.66 -7.10 25.65
N GLY A 464 -12.72 -7.08 26.58
CA GLY A 464 -12.25 -5.82 27.10
C GLY A 464 -11.38 -5.06 26.12
N ALA A 465 -10.75 -5.77 25.17
CA ALA A 465 -9.94 -5.10 24.16
C ALA A 465 -10.80 -4.42 23.10
N LEU A 466 -11.85 -5.08 22.64
CA LEU A 466 -12.64 -4.63 21.48
C LEU A 466 -13.81 -3.74 21.89
N LYS A 467 -13.71 -3.04 23.00
CA LYS A 467 -14.86 -2.28 23.50
C LYS A 467 -15.21 -1.11 22.57
N ARG A 468 -14.20 -0.38 22.09
CA ARG A 468 -14.40 0.92 21.45
C ARG A 468 -14.60 0.83 19.94
N PHE A 469 -14.70 -0.37 19.38
CA PHE A 469 -14.83 -0.50 17.92
C PHE A 469 -16.24 -0.10 17.51
N GLN A 470 -16.39 1.13 17.03
CA GLN A 470 -17.68 1.61 16.53
C GLN A 470 -17.83 1.40 15.03
N GLU A 471 -16.73 1.34 14.29
CA GLU A 471 -16.76 1.05 12.87
C GLU A 471 -15.57 0.17 12.51
N VAL A 472 -15.76 -0.70 11.53
CA VAL A 472 -14.74 -1.66 11.13
C VAL A 472 -14.70 -1.74 9.62
N TRP A 473 -13.48 -1.76 9.07
CA TRP A 473 -13.24 -2.02 7.66
C TRP A 473 -12.34 -3.25 7.59
N LEU A 474 -12.81 -4.29 6.92
CA LEU A 474 -12.10 -5.56 6.81
C LEU A 474 -11.63 -5.77 5.38
N LEU A 475 -10.64 -6.64 5.24
CA LEU A 475 -10.05 -6.97 3.93
C LEU A 475 -9.75 -8.46 3.96
N ILE A 476 -10.64 -9.26 3.38
CA ILE A 476 -10.61 -10.71 3.49
C ILE A 476 -9.84 -11.26 2.30
N ASN A 477 -8.67 -11.84 2.55
CA ASN A 477 -7.84 -12.43 1.51
C ASN A 477 -7.74 -13.95 1.62
N GLN A 478 -7.63 -14.49 2.83
CA GLN A 478 -7.51 -15.92 3.06
C GLN A 478 -8.71 -16.41 3.86
N LYS A 479 -8.82 -17.74 3.95
CA LYS A 479 -9.90 -18.34 4.73
C LYS A 479 -9.79 -17.98 6.21
N MET A 480 -8.57 -18.00 6.74
CA MET A 480 -8.39 -17.77 8.17
C MET A 480 -8.76 -16.35 8.59
N ASP A 481 -8.94 -15.42 7.64
CA ASP A 481 -9.44 -14.10 7.99
C ASP A 481 -10.93 -14.14 8.32
N LEU A 482 -11.64 -15.13 7.78
CA LEU A 482 -13.05 -15.28 8.12
C LEU A 482 -13.22 -15.79 9.55
N LYS A 483 -12.45 -16.82 9.92
CA LYS A 483 -12.59 -17.40 11.26
C LYS A 483 -12.15 -16.42 12.33
N VAL A 484 -11.01 -15.75 12.12
CA VAL A 484 -10.53 -14.78 13.09
C VAL A 484 -11.50 -13.63 13.23
N SER A 485 -12.07 -13.17 12.11
CA SER A 485 -13.05 -12.08 12.16
C SER A 485 -14.32 -12.50 12.89
N SER A 486 -14.84 -13.69 12.59
CA SER A 486 -16.02 -14.17 13.27
C SER A 486 -15.78 -14.27 14.77
N TYR A 487 -14.64 -14.81 15.17
CA TYR A 487 -14.33 -14.88 16.60
C TYR A 487 -14.30 -13.50 17.22
N CYS A 488 -13.53 -12.57 16.63
CA CYS A 488 -13.32 -11.28 17.26
C CYS A 488 -14.52 -10.35 17.10
N LEU A 489 -15.33 -10.51 16.05
CA LEU A 489 -16.48 -9.63 15.86
C LEU A 489 -17.59 -9.92 16.84
N LYS A 490 -17.69 -11.17 17.31
CA LYS A 490 -18.75 -11.55 18.23
C LYS A 490 -18.72 -10.73 19.51
N HIS A 491 -17.58 -10.13 19.85
CA HIS A 491 -17.44 -9.36 21.07
C HIS A 491 -17.41 -7.86 20.82
N CYS A 492 -17.71 -7.42 19.59
CA CYS A 492 -17.80 -5.99 19.26
C CYS A 492 -19.25 -5.58 19.43
N GLN A 493 -19.63 -5.23 20.66
CA GLN A 493 -21.02 -4.93 20.96
C GLN A 493 -21.41 -3.53 20.51
N ASN A 494 -20.48 -2.57 20.54
CA ASN A 494 -20.75 -1.19 20.13
C ASN A 494 -20.47 -0.96 18.66
N LEU A 495 -20.51 -2.00 17.83
CA LEU A 495 -20.23 -1.84 16.41
C LEU A 495 -21.49 -1.40 15.69
N LYS A 496 -21.40 -0.28 14.96
CA LYS A 496 -22.55 0.31 14.29
C LYS A 496 -22.48 0.21 12.77
N ALA A 497 -21.29 0.20 12.18
CA ALA A 497 -21.14 0.09 10.74
C ALA A 497 -19.94 -0.78 10.42
N ILE A 498 -20.03 -1.50 9.31
CA ILE A 498 -18.96 -2.41 8.90
C ILE A 498 -18.87 -2.42 7.38
N ARG A 499 -17.64 -2.46 6.87
CA ARG A 499 -17.37 -2.60 5.45
C ARG A 499 -16.49 -3.82 5.22
N VAL A 500 -16.84 -4.62 4.21
CA VAL A 500 -16.19 -5.91 3.98
C VAL A 500 -15.79 -5.99 2.51
N ASP A 501 -14.50 -6.13 2.25
CA ASP A 501 -13.96 -6.28 0.90
C ASP A 501 -13.45 -7.69 0.71
N ILE A 502 -14.01 -8.40 -0.26
CA ILE A 502 -13.65 -9.78 -0.54
C ILE A 502 -13.45 -9.90 -2.05
N ARG A 503 -12.20 -9.76 -2.49
CA ARG A 503 -11.87 -9.82 -3.91
C ARG A 503 -11.37 -11.22 -4.26
N ASP A 504 -12.10 -11.92 -5.12
CA ASP A 504 -11.72 -13.16 -5.76
C ASP A 504 -11.78 -14.37 -4.82
N LEU A 505 -12.02 -14.19 -3.52
CA LEU A 505 -12.11 -15.36 -2.65
C LEU A 505 -13.40 -16.12 -2.87
N LEU A 506 -14.52 -15.40 -3.02
CA LEU A 506 -15.82 -16.00 -3.29
C LEU A 506 -16.31 -15.74 -4.70
N SER A 507 -15.42 -15.29 -5.60
CA SER A 507 -15.85 -14.90 -6.93
C SER A 507 -16.40 -16.08 -7.72
N VAL A 508 -15.76 -17.24 -7.61
CA VAL A 508 -16.11 -18.41 -8.40
C VAL A 508 -16.44 -19.56 -7.47
N ASP A 509 -17.47 -20.32 -7.81
CA ASP A 509 -17.85 -21.51 -7.07
C ASP A 509 -16.66 -22.47 -6.96
N PRO A 527 -17.85 -28.18 1.79
CA PRO A 527 -16.78 -27.21 1.55
C PRO A 527 -16.51 -26.33 2.77
N LEU A 528 -15.25 -26.21 3.15
CA LEU A 528 -14.89 -25.42 4.32
C LEU A 528 -15.14 -23.94 4.08
N LEU A 529 -14.86 -23.45 2.87
CA LEU A 529 -15.01 -22.03 2.61
C LEU A 529 -16.44 -21.58 2.80
N MET A 530 -17.40 -22.34 2.28
CA MET A 530 -18.80 -21.99 2.44
C MET A 530 -19.22 -22.03 3.91
N GLU A 531 -18.71 -23.02 4.66
CA GLU A 531 -19.08 -23.11 6.07
C GLU A 531 -18.57 -21.90 6.85
N TRP A 532 -17.34 -21.49 6.61
CA TRP A 532 -16.79 -20.34 7.31
C TRP A 532 -17.45 -19.04 6.86
N TRP A 533 -17.83 -18.95 5.58
CA TRP A 533 -18.60 -17.80 5.11
C TRP A 533 -19.96 -17.75 5.80
N GLY A 534 -20.61 -18.89 5.96
CA GLY A 534 -21.88 -18.93 6.66
C GLY A 534 -21.75 -18.53 8.11
N ASN A 535 -20.70 -19.00 8.79
CA ASN A 535 -20.50 -18.57 10.17
C ASN A 535 -20.28 -17.06 10.25
N PHE A 536 -19.48 -16.51 9.33
CA PHE A 536 -19.27 -15.07 9.31
C PHE A 536 -20.58 -14.32 9.12
N CYS A 537 -21.42 -14.79 8.19
CA CYS A 537 -22.70 -14.14 7.95
C CYS A 537 -23.62 -14.24 9.17
N SER A 538 -23.63 -15.39 9.83
CA SER A 538 -24.44 -15.55 11.03
C SER A 538 -23.99 -14.59 12.13
N VAL A 539 -22.69 -14.39 12.27
CA VAL A 539 -22.21 -13.47 13.29
C VAL A 539 -22.65 -12.04 12.99
N LEU A 540 -22.72 -11.66 11.72
CA LEU A 540 -23.17 -10.31 11.38
C LEU A 540 -24.66 -10.14 11.61
N GLY A 541 -25.45 -11.16 11.32
CA GLY A 541 -26.89 -11.09 11.49
C GLY A 541 -27.32 -11.36 12.92
N SER A 542 -26.46 -11.06 13.89
CA SER A 542 -26.82 -11.19 15.30
C SER A 542 -26.39 -10.01 16.15
N LEU A 543 -25.52 -9.13 15.67
CA LEU A 543 -25.19 -7.93 16.43
C LEU A 543 -26.41 -7.03 16.50
N ARG A 544 -26.64 -6.44 17.67
CA ARG A 544 -27.85 -5.68 17.90
C ARG A 544 -27.70 -4.20 17.54
N ASN A 545 -26.48 -3.68 17.54
CA ASN A 545 -26.22 -2.28 17.24
C ASN A 545 -25.77 -2.05 15.82
N LEU A 546 -25.69 -3.09 14.98
CA LEU A 546 -25.20 -2.93 13.63
C LEU A 546 -26.29 -2.33 12.76
N LYS A 547 -26.03 -1.13 12.21
CA LYS A 547 -26.99 -0.42 11.38
C LYS A 547 -26.66 -0.51 9.89
N GLU A 548 -25.40 -0.28 9.51
CA GLU A 548 -25.00 -0.18 8.12
C GLU A 548 -24.06 -1.32 7.75
N LEU A 549 -24.28 -1.90 6.57
CA LEU A 549 -23.43 -2.95 6.03
C LEU A 549 -23.04 -2.58 4.60
N ASP A 550 -21.77 -2.26 4.40
CA ASP A 550 -21.21 -1.95 3.10
C ASP A 550 -20.37 -3.11 2.61
N LEU A 551 -20.48 -3.45 1.32
CA LEU A 551 -19.77 -4.59 0.77
C LEU A 551 -18.56 -4.20 -0.07
N GLY A 552 -18.19 -2.93 -0.09
CA GLY A 552 -16.95 -2.53 -0.73
C GLY A 552 -16.83 -3.04 -2.15
N ASP A 553 -15.63 -3.46 -2.52
CA ASP A 553 -15.36 -3.98 -3.86
C ASP A 553 -15.50 -5.50 -3.94
N SER A 554 -16.30 -6.10 -3.08
CA SER A 554 -16.42 -7.55 -3.05
C SER A 554 -17.01 -8.05 -4.37
N ILE A 555 -16.58 -9.24 -4.77
CA ILE A 555 -17.11 -9.92 -5.94
C ILE A 555 -17.67 -11.25 -5.43
N LEU A 556 -18.98 -11.32 -5.29
CA LEU A 556 -19.64 -12.49 -4.73
C LEU A 556 -20.30 -13.32 -5.82
N SER A 557 -20.15 -14.63 -5.73
CA SER A 557 -20.82 -15.53 -6.63
C SER A 557 -22.31 -15.61 -6.28
N GLN A 558 -23.03 -16.49 -6.96
CA GLN A 558 -24.43 -16.67 -6.65
C GLN A 558 -24.63 -17.32 -5.29
N ARG A 559 -23.84 -18.35 -4.98
CA ARG A 559 -24.03 -19.08 -3.73
C ARG A 559 -23.64 -18.23 -2.52
N ALA A 560 -22.59 -17.43 -2.66
CA ALA A 560 -22.22 -16.54 -1.56
C ALA A 560 -23.32 -15.54 -1.26
N MET A 561 -23.91 -14.96 -2.30
CA MET A 561 -25.03 -14.05 -2.11
C MET A 561 -26.22 -14.77 -1.51
N LYS A 562 -26.47 -16.01 -1.93
CA LYS A 562 -27.56 -16.78 -1.35
C LYS A 562 -27.37 -16.95 0.15
N ILE A 563 -26.16 -17.33 0.57
CA ILE A 563 -25.91 -17.54 1.99
C ILE A 563 -26.05 -16.21 2.74
N LEU A 564 -25.52 -15.13 2.19
CA LEU A 564 -25.61 -13.84 2.87
C LEU A 564 -27.07 -13.43 3.07
N CYS A 565 -27.87 -13.56 2.01
CA CYS A 565 -29.26 -13.15 2.09
C CYS A 565 -30.06 -14.04 3.03
N LEU A 566 -29.77 -15.34 3.03
CA LEU A 566 -30.44 -16.25 3.96
C LEU A 566 -30.09 -15.90 5.40
N GLU A 567 -28.84 -15.52 5.66
CA GLU A 567 -28.44 -15.20 7.03
C GLU A 567 -28.95 -13.83 7.47
N LEU A 568 -29.19 -12.92 6.54
CA LEU A 568 -29.73 -11.61 6.91
C LEU A 568 -31.23 -11.62 7.14
N ARG A 569 -31.92 -12.71 6.81
CA ARG A 569 -33.35 -12.83 7.08
C ARG A 569 -33.65 -12.96 8.57
N ASN A 570 -32.64 -13.16 9.40
CA ASN A 570 -32.84 -13.42 10.82
C ASN A 570 -33.62 -12.28 11.47
N GLN A 571 -34.45 -12.63 12.45
CA GLN A 571 -35.22 -11.64 13.19
C GLN A 571 -34.36 -10.84 14.16
N SER A 572 -33.14 -11.30 14.45
CA SER A 572 -32.21 -10.55 15.29
C SER A 572 -31.40 -9.54 14.50
N CYS A 573 -31.60 -9.46 13.19
CA CYS A 573 -30.86 -8.55 12.33
C CYS A 573 -31.55 -7.20 12.32
N ARG A 574 -30.82 -6.15 12.65
CA ARG A 574 -31.35 -4.80 12.69
C ARG A 574 -30.74 -3.91 11.60
N ILE A 575 -30.10 -4.50 10.61
CA ILE A 575 -29.40 -3.72 9.60
C ILE A 575 -30.41 -2.92 8.81
N GLN A 576 -30.24 -1.59 8.79
CA GLN A 576 -31.10 -0.68 8.05
C GLN A 576 -30.53 -0.31 6.69
N LYS A 577 -29.22 -0.09 6.61
CA LYS A 577 -28.57 0.43 5.41
C LYS A 577 -27.85 -0.71 4.70
N LEU A 578 -27.99 -0.77 3.37
CA LEU A 578 -27.39 -1.81 2.57
C LEU A 578 -26.85 -1.22 1.28
N THR A 579 -25.58 -1.49 0.98
CA THR A 579 -24.88 -0.83 -0.11
C THR A 579 -24.22 -1.87 -1.00
N PHE A 580 -24.55 -1.83 -2.30
CA PHE A 580 -23.92 -2.68 -3.31
C PHE A 580 -23.33 -1.83 -4.44
N LYS A 581 -22.91 -0.60 -4.14
CA LYS A 581 -22.59 0.35 -5.20
C LYS A 581 -21.23 0.08 -5.83
N SER A 582 -20.39 -0.74 -5.22
CA SER A 582 -19.07 -1.04 -5.75
C SER A 582 -18.80 -2.53 -5.91
N ALA A 583 -19.74 -3.39 -5.54
CA ALA A 583 -19.60 -4.83 -5.64
C ALA A 583 -20.29 -5.34 -6.90
N GLU A 584 -19.92 -6.56 -7.30
CA GLU A 584 -20.52 -7.23 -8.45
C GLU A 584 -21.36 -8.40 -7.94
N VAL A 585 -22.67 -8.18 -7.84
CA VAL A 585 -23.59 -9.19 -7.30
C VAL A 585 -24.74 -9.42 -8.26
N VAL A 586 -24.50 -9.25 -9.56
CA VAL A 586 -25.57 -9.37 -10.54
C VAL A 586 -26.12 -10.79 -10.60
N SER A 587 -25.24 -11.78 -10.52
CA SER A 587 -25.67 -13.17 -10.74
C SER A 587 -26.56 -13.71 -9.63
N GLY A 588 -26.63 -13.04 -8.48
CA GLY A 588 -27.43 -13.52 -7.38
C GLY A 588 -28.35 -12.45 -6.83
N LEU A 589 -28.90 -11.62 -7.71
CA LEU A 589 -29.80 -10.56 -7.26
C LEU A 589 -31.13 -11.12 -6.79
N LYS A 590 -31.60 -12.20 -7.39
CA LYS A 590 -32.91 -12.75 -7.02
C LYS A 590 -32.99 -13.12 -5.55
N HIS A 591 -31.85 -13.35 -4.89
CA HIS A 591 -31.83 -13.61 -3.47
C HIS A 591 -31.95 -12.35 -2.63
N LEU A 592 -31.85 -11.18 -3.25
CA LEU A 592 -32.03 -9.91 -2.55
C LEU A 592 -33.48 -9.46 -2.55
N TRP A 593 -34.20 -9.70 -3.66
CA TRP A 593 -35.61 -9.36 -3.71
C TRP A 593 -36.39 -10.13 -2.66
N LYS A 594 -36.01 -11.38 -2.40
CA LYS A 594 -36.66 -12.13 -1.34
C LYS A 594 -36.27 -11.61 0.04
N LEU A 595 -35.04 -11.10 0.19
CA LEU A 595 -34.65 -10.47 1.44
C LEU A 595 -35.47 -9.22 1.70
N LEU A 596 -35.91 -8.54 0.64
CA LEU A 596 -36.72 -7.34 0.83
C LEU A 596 -38.07 -7.65 1.46
N PHE A 597 -38.64 -8.82 1.16
CA PHE A 597 -39.93 -9.18 1.76
C PHE A 597 -39.86 -9.15 3.28
N SER A 598 -38.89 -9.88 3.84
CA SER A 598 -38.96 -10.31 5.24
C SER A 598 -38.32 -9.32 6.20
N ASN A 599 -37.02 -9.05 6.02
CA ASN A 599 -36.36 -8.10 6.92
C ASN A 599 -37.09 -6.77 6.86
N GLN A 600 -37.75 -6.40 7.96
CA GLN A 600 -38.55 -5.19 8.01
C GLN A 600 -37.82 -4.02 8.67
N ASN A 601 -36.57 -4.22 9.08
CA ASN A 601 -35.75 -3.12 9.58
C ASN A 601 -34.98 -2.42 8.48
N LEU A 602 -35.04 -2.93 7.25
CA LEU A 602 -34.28 -2.38 6.14
C LEU A 602 -34.98 -1.14 5.60
N LYS A 603 -34.21 -0.06 5.42
CA LYS A 603 -34.77 1.22 5.01
C LYS A 603 -34.02 1.93 3.90
N TYR A 604 -32.81 1.49 3.55
CA TYR A 604 -31.97 2.17 2.58
C TYR A 604 -31.31 1.12 1.71
N LEU A 605 -31.42 1.28 0.39
CA LEU A 605 -30.86 0.30 -0.54
C LEU A 605 -30.15 1.03 -1.66
N ASN A 606 -28.86 0.76 -1.82
CA ASN A 606 -28.05 1.38 -2.86
C ASN A 606 -27.63 0.30 -3.84
N LEU A 607 -28.01 0.47 -5.11
CA LEU A 607 -27.70 -0.48 -6.16
C LEU A 607 -26.97 0.21 -7.31
N GLY A 608 -26.12 1.18 -6.99
CA GLY A 608 -25.42 1.91 -8.02
C GLY A 608 -24.53 0.97 -8.83
N ASN A 609 -24.46 1.22 -10.14
CA ASN A 609 -23.57 0.55 -11.07
C ASN A 609 -23.94 -0.91 -11.31
N THR A 610 -25.10 -1.35 -10.86
CA THR A 610 -25.54 -2.71 -11.10
C THR A 610 -26.50 -2.74 -12.27
N PRO A 611 -26.19 -3.46 -13.36
CA PRO A 611 -27.16 -3.54 -14.46
C PRO A 611 -28.49 -4.09 -13.97
N MET A 612 -29.58 -3.53 -14.49
CA MET A 612 -30.93 -3.88 -14.06
C MET A 612 -31.75 -4.27 -15.27
N LYS A 613 -31.93 -5.57 -15.47
CA LYS A 613 -32.73 -6.08 -16.56
C LYS A 613 -34.22 -5.96 -16.25
N ASP A 614 -35.05 -6.26 -17.24
CA ASP A 614 -36.49 -6.08 -17.09
C ASP A 614 -37.05 -7.00 -16.01
N ASP A 615 -36.65 -8.28 -16.03
CA ASP A 615 -37.16 -9.23 -15.04
C ASP A 615 -36.72 -8.85 -13.63
N ASP A 616 -35.46 -8.45 -13.47
CA ASP A 616 -34.99 -8.00 -12.17
C ASP A 616 -35.76 -6.77 -11.72
N MET A 617 -36.02 -5.84 -12.63
CA MET A 617 -36.80 -4.66 -12.28
C MET A 617 -38.21 -5.03 -11.83
N LYS A 618 -38.85 -5.96 -12.53
CA LYS A 618 -40.19 -6.37 -12.15
C LYS A 618 -40.19 -6.98 -10.75
N LEU A 619 -39.24 -7.88 -10.48
CA LEU A 619 -39.16 -8.50 -9.17
C LEU A 619 -38.88 -7.47 -8.08
N ALA A 620 -38.00 -6.52 -8.35
CA ALA A 620 -37.70 -5.49 -7.35
C ALA A 620 -38.93 -4.62 -7.09
N CYS A 621 -39.68 -4.29 -8.13
CA CYS A 621 -40.89 -3.50 -7.93
C CYS A 621 -41.94 -4.26 -7.12
N GLU A 622 -42.09 -5.56 -7.39
CA GLU A 622 -43.02 -6.35 -6.59
C GLU A 622 -42.57 -6.42 -5.14
N ALA A 623 -41.26 -6.54 -4.91
CA ALA A 623 -40.75 -6.56 -3.54
C ALA A 623 -41.02 -5.24 -2.84
N LEU A 624 -40.86 -4.12 -3.54
CA LEU A 624 -41.09 -2.83 -2.93
C LEU A 624 -42.57 -2.53 -2.73
N LYS A 625 -43.46 -3.20 -3.47
CA LYS A 625 -44.90 -3.04 -3.25
C LYS A 625 -45.41 -3.86 -2.07
N HIS A 626 -44.68 -4.87 -1.64
CA HIS A 626 -45.17 -5.74 -0.58
C HIS A 626 -45.45 -4.94 0.67
N PRO A 627 -46.56 -5.21 1.38
CA PRO A 627 -46.85 -4.42 2.58
C PRO A 627 -45.81 -4.56 3.69
N LYS A 628 -45.05 -5.66 3.69
CA LYS A 628 -44.04 -5.83 4.73
C LYS A 628 -42.81 -4.96 4.47
N CYS A 629 -42.48 -4.73 3.20
CA CYS A 629 -41.29 -3.95 2.87
C CYS A 629 -41.41 -2.54 3.45
N SER A 630 -40.29 -2.01 3.93
CA SER A 630 -40.24 -0.68 4.51
C SER A 630 -39.07 0.11 3.96
N VAL A 631 -38.65 -0.19 2.73
CA VAL A 631 -37.54 0.53 2.12
C VAL A 631 -38.02 1.92 1.73
N GLU A 632 -37.36 2.94 2.28
CA GLU A 632 -37.69 4.33 1.98
C GLU A 632 -36.82 4.94 0.89
N THR A 633 -35.54 4.59 0.85
CA THR A 633 -34.59 5.12 -0.12
C THR A 633 -34.21 4.04 -1.11
N LEU A 634 -34.07 4.43 -2.38
CA LEU A 634 -33.69 3.50 -3.43
C LEU A 634 -32.86 4.25 -4.45
N ARG A 635 -31.58 3.92 -4.55
CA ARG A 635 -30.68 4.54 -5.50
C ARG A 635 -30.41 3.57 -6.65
N LEU A 636 -30.58 4.06 -7.87
CA LEU A 636 -30.39 3.26 -9.08
C LEU A 636 -29.45 3.98 -10.04
N ASP A 637 -28.35 4.51 -9.53
CA ASP A 637 -27.41 5.25 -10.38
C ASP A 637 -26.67 4.29 -11.30
N SER A 638 -26.61 4.64 -12.58
CA SER A 638 -25.84 3.88 -13.56
C SER A 638 -26.31 2.44 -13.65
N CYS A 639 -27.62 2.23 -13.57
CA CYS A 639 -28.20 0.90 -13.62
C CYS A 639 -28.69 0.50 -15.00
N GLU A 640 -28.48 1.32 -16.02
CA GLU A 640 -28.84 0.99 -17.40
C GLU A 640 -30.31 0.60 -17.51
N LEU A 641 -31.17 1.56 -17.19
CA LEU A 641 -32.61 1.33 -17.24
C LEU A 641 -33.13 1.52 -18.65
N THR A 642 -34.03 0.64 -19.06
CA THR A 642 -34.67 0.70 -20.37
C THR A 642 -35.99 1.46 -20.26
N ILE A 643 -36.72 1.55 -21.37
CA ILE A 643 -38.01 2.23 -21.33
C ILE A 643 -39.00 1.43 -20.50
N ILE A 644 -38.96 0.10 -20.60
CA ILE A 644 -39.85 -0.73 -19.80
C ILE A 644 -39.48 -0.61 -18.32
N GLY A 645 -38.20 -0.47 -18.01
CA GLY A 645 -37.81 -0.22 -16.63
C GLY A 645 -38.41 1.05 -16.09
N TYR A 646 -38.43 2.10 -16.90
CA TYR A 646 -39.04 3.35 -16.47
C TYR A 646 -40.55 3.22 -16.34
N GLU A 647 -41.19 2.42 -17.20
CA GLU A 647 -42.61 2.15 -17.03
C GLU A 647 -42.87 1.45 -15.70
N MET A 648 -42.03 0.48 -15.35
CA MET A 648 -42.21 -0.23 -14.08
C MET A 648 -41.99 0.71 -12.90
N ILE A 649 -40.99 1.57 -12.97
CA ILE A 649 -40.76 2.53 -11.88
C ILE A 649 -41.92 3.50 -11.78
N SER A 650 -42.48 3.91 -12.91
CA SER A 650 -43.63 4.81 -12.90
C SER A 650 -44.82 4.15 -12.24
N THR A 651 -45.09 2.88 -12.57
CA THR A 651 -46.18 2.16 -11.92
C THR A 651 -45.92 2.02 -10.43
N LEU A 652 -44.67 1.79 -10.04
CA LEU A 652 -44.36 1.68 -8.62
C LEU A 652 -44.62 2.99 -7.89
N LEU A 653 -44.30 4.12 -8.52
CA LEU A 653 -44.37 5.40 -7.81
C LEU A 653 -45.77 5.70 -7.30
N ILE A 654 -46.81 5.22 -7.99
CA ILE A 654 -48.18 5.51 -7.57
C ILE A 654 -48.74 4.45 -6.62
N SER A 655 -48.17 3.25 -6.60
CA SER A 655 -48.66 2.21 -5.73
C SER A 655 -48.37 2.55 -4.27
N THR A 656 -49.09 1.87 -3.37
CA THR A 656 -48.93 2.08 -1.94
C THR A 656 -47.58 1.53 -1.49
N THR A 657 -46.63 2.42 -1.25
CA THR A 657 -45.30 2.04 -0.81
C THR A 657 -44.81 3.06 0.20
N ARG A 658 -43.73 2.71 0.89
CA ARG A 658 -43.11 3.61 1.85
C ARG A 658 -41.93 4.36 1.26
N LEU A 659 -41.73 4.28 -0.05
CA LEU A 659 -40.60 4.92 -0.70
C LEU A 659 -40.76 6.43 -0.68
N LYS A 660 -39.71 7.13 -0.22
CA LYS A 660 -39.72 8.58 -0.12
C LYS A 660 -38.59 9.25 -0.89
N CYS A 661 -37.48 8.57 -1.12
CA CYS A 661 -36.35 9.13 -1.84
C CYS A 661 -35.99 8.21 -2.99
N LEU A 662 -35.86 8.77 -4.19
CA LEU A 662 -35.53 8.01 -5.38
C LEU A 662 -34.43 8.71 -6.15
N SER A 663 -33.47 7.94 -6.65
CA SER A 663 -32.34 8.47 -7.40
C SER A 663 -32.24 7.74 -8.73
N LEU A 664 -32.20 8.50 -9.82
CA LEU A 664 -32.04 7.96 -11.16
C LEU A 664 -30.85 8.60 -11.87
N ALA A 665 -29.82 8.95 -11.11
CA ALA A 665 -28.69 9.66 -11.70
C ALA A 665 -28.01 8.79 -12.76
N LYS A 666 -27.38 9.47 -13.73
CA LYS A 666 -26.57 8.81 -14.75
C LYS A 666 -27.34 7.76 -15.53
N ASN A 667 -28.64 7.98 -15.73
CA ASN A 667 -29.48 7.14 -16.57
C ASN A 667 -30.08 7.99 -17.67
N ARG A 668 -29.92 7.58 -18.92
CA ARG A 668 -30.49 8.31 -20.04
C ARG A 668 -32.01 8.21 -19.98
N VAL A 669 -32.67 9.31 -19.70
CA VAL A 669 -34.13 9.37 -19.68
C VAL A 669 -34.58 10.04 -20.97
N GLY A 670 -35.35 9.29 -21.78
CA GLY A 670 -35.82 9.79 -23.05
C GLY A 670 -37.11 10.58 -22.93
N VAL A 671 -37.74 10.81 -24.08
CA VAL A 671 -38.99 11.56 -24.12
C VAL A 671 -40.12 10.73 -23.54
N LYS A 672 -40.22 9.46 -23.96
CA LYS A 672 -41.32 8.62 -23.51
C LYS A 672 -41.18 8.25 -22.04
N SER A 673 -39.95 7.95 -21.62
CA SER A 673 -39.71 7.68 -20.21
C SER A 673 -40.03 8.91 -19.37
N MET A 674 -39.70 10.10 -19.86
CA MET A 674 -40.04 11.31 -19.14
C MET A 674 -41.54 11.53 -19.09
N ILE A 675 -42.25 11.17 -20.16
CA ILE A 675 -43.71 11.27 -20.14
C ILE A 675 -44.29 10.36 -19.07
N SER A 676 -43.79 9.13 -18.99
CA SER A 676 -44.26 8.20 -17.96
C SER A 676 -43.94 8.72 -16.56
N LEU A 677 -42.72 9.22 -16.35
CA LEU A 677 -42.36 9.76 -15.05
C LEU A 677 -43.26 10.93 -14.67
N GLY A 678 -43.56 11.80 -15.62
CA GLY A 678 -44.45 12.91 -15.33
C GLY A 678 -45.85 12.45 -15.00
N ASN A 679 -46.37 11.49 -15.76
CA ASN A 679 -47.71 10.96 -15.47
C ASN A 679 -47.75 10.32 -14.09
N ALA A 680 -46.62 9.79 -13.62
CA ALA A 680 -46.56 9.29 -12.25
C ALA A 680 -46.50 10.42 -11.24
N LEU A 681 -45.72 11.46 -11.54
CA LEU A 681 -45.48 12.53 -10.57
C LEU A 681 -46.59 13.58 -10.55
N SER A 682 -47.44 13.60 -11.58
CA SER A 682 -48.56 14.53 -11.58
C SER A 682 -49.72 14.03 -10.73
N SER A 683 -49.77 12.74 -10.44
CA SER A 683 -50.86 12.17 -9.67
C SER A 683 -50.80 12.63 -8.22
N SER A 684 -51.95 12.54 -7.55
CA SER A 684 -52.04 12.82 -6.14
C SER A 684 -51.73 11.61 -5.27
N MET A 685 -51.59 10.43 -5.88
CA MET A 685 -51.25 9.22 -5.15
C MET A 685 -49.76 9.07 -4.93
N CYS A 686 -48.93 9.90 -5.55
CA CYS A 686 -47.48 9.82 -5.43
C CYS A 686 -47.02 10.67 -4.26
N LEU A 687 -46.40 10.03 -3.26
CA LEU A 687 -45.95 10.71 -2.05
C LEU A 687 -44.44 10.91 -2.00
N LEU A 688 -43.75 10.70 -3.11
CA LEU A 688 -42.31 10.87 -3.14
C LEU A 688 -41.91 12.26 -2.66
N GLN A 689 -40.87 12.32 -1.83
CA GLN A 689 -40.40 13.58 -1.27
C GLN A 689 -39.07 14.05 -1.84
N LYS A 690 -38.24 13.15 -2.35
CA LYS A 690 -36.95 13.52 -2.91
C LYS A 690 -36.78 12.87 -4.27
N LEU A 691 -36.07 13.56 -5.16
CA LEU A 691 -35.86 13.07 -6.52
C LEU A 691 -34.53 13.60 -7.03
N ILE A 692 -33.65 12.69 -7.42
CA ILE A 692 -32.34 13.04 -7.99
C ILE A 692 -32.33 12.57 -9.44
N LEU A 693 -32.13 13.51 -10.36
CA LEU A 693 -32.06 13.22 -11.79
C LEU A 693 -30.74 13.68 -12.39
N ASP A 694 -29.70 13.74 -11.56
CA ASP A 694 -28.43 14.30 -11.97
C ASP A 694 -27.89 13.56 -13.19
N ASN A 695 -27.46 14.32 -14.20
CA ASN A 695 -26.81 13.78 -15.39
C ASN A 695 -27.67 12.70 -16.04
N CYS A 696 -28.93 13.02 -16.27
CA CYS A 696 -29.87 12.12 -16.94
C CYS A 696 -30.06 12.47 -18.41
N GLY A 697 -29.30 13.42 -18.95
CA GLY A 697 -29.45 13.78 -20.34
C GLY A 697 -30.72 14.55 -20.66
N LEU A 698 -31.28 15.25 -19.68
CA LEU A 698 -32.48 16.03 -19.92
C LEU A 698 -32.20 17.16 -20.91
N THR A 699 -33.16 17.42 -21.77
CA THR A 699 -33.10 18.50 -22.75
C THR A 699 -34.27 19.44 -22.48
N PRO A 700 -34.33 20.60 -23.15
CA PRO A 700 -35.44 21.53 -22.88
C PRO A 700 -36.81 20.93 -23.08
N ALA A 701 -36.98 20.00 -24.03
CA ALA A 701 -38.27 19.34 -24.20
C ALA A 701 -38.59 18.47 -23.00
N SER A 702 -37.64 17.63 -22.59
CA SER A 702 -37.86 16.77 -21.43
C SER A 702 -38.02 17.59 -20.16
N CYS A 703 -37.23 18.66 -20.02
CA CYS A 703 -37.37 19.52 -18.85
C CYS A 703 -38.74 20.19 -18.83
N HIS A 704 -39.23 20.63 -19.99
CA HIS A 704 -40.58 21.20 -20.05
C HIS A 704 -41.61 20.18 -19.61
N LEU A 705 -41.49 18.95 -20.10
CA LEU A 705 -42.42 17.89 -19.69
C LEU A 705 -42.37 17.71 -18.17
N LEU A 706 -41.16 17.60 -17.62
CA LEU A 706 -41.02 17.36 -16.18
C LEU A 706 -41.68 18.48 -15.39
N VAL A 707 -41.30 19.73 -15.65
CA VAL A 707 -41.78 20.82 -14.81
C VAL A 707 -43.26 21.07 -15.03
N SER A 708 -43.78 20.81 -16.23
CA SER A 708 -45.23 20.87 -16.42
C SER A 708 -45.93 19.83 -15.56
N ALA A 709 -45.39 18.61 -15.51
CA ALA A 709 -45.98 17.57 -14.68
C ALA A 709 -45.91 17.93 -13.20
N LEU A 710 -44.85 18.60 -12.77
CA LEU A 710 -44.65 18.90 -11.36
C LEU A 710 -45.62 19.94 -10.83
N PHE A 711 -46.37 20.64 -11.69
CA PHE A 711 -47.22 21.72 -11.22
C PHE A 711 -48.27 21.21 -10.23
N SER A 712 -48.81 20.02 -10.48
CA SER A 712 -49.86 19.44 -9.66
C SER A 712 -49.31 18.68 -8.45
N ASN A 713 -48.00 18.65 -8.27
CA ASN A 713 -47.37 17.88 -7.20
C ASN A 713 -47.34 18.70 -5.92
N GLN A 714 -47.72 18.07 -4.81
CA GLN A 714 -47.78 18.74 -3.52
C GLN A 714 -46.83 18.14 -2.48
N ASN A 715 -46.18 17.03 -2.77
CA ASN A 715 -45.39 16.31 -1.79
C ASN A 715 -43.88 16.51 -1.95
N LEU A 716 -43.40 16.73 -3.16
CA LEU A 716 -41.97 16.84 -3.38
C LEU A 716 -41.40 18.04 -2.64
N THR A 717 -40.28 17.82 -1.95
CA THR A 717 -39.61 18.88 -1.21
C THR A 717 -38.13 19.04 -1.56
N HIS A 718 -37.49 18.04 -2.15
CA HIS A 718 -36.10 18.12 -2.55
C HIS A 718 -36.01 17.78 -4.03
N LEU A 719 -35.29 18.59 -4.80
CA LEU A 719 -35.15 18.35 -6.24
C LEU A 719 -33.74 18.66 -6.67
N CYS A 720 -33.15 17.77 -7.46
CA CYS A 720 -31.80 17.93 -7.99
C CYS A 720 -31.83 17.72 -9.49
N LEU A 721 -31.34 18.72 -10.23
CA LEU A 721 -31.31 18.67 -11.69
C LEU A 721 -29.90 18.91 -12.22
N SER A 722 -28.88 18.54 -11.45
CA SER A 722 -27.52 18.91 -11.78
C SER A 722 -27.09 18.31 -13.12
N ASN A 723 -26.09 18.94 -13.72
CA ASN A 723 -25.43 18.43 -14.93
C ASN A 723 -26.45 18.15 -16.03
N ASN A 724 -27.39 19.06 -16.22
CA ASN A 724 -28.35 19.00 -17.30
C ASN A 724 -28.46 20.38 -17.94
N SER A 725 -28.95 20.39 -19.18
CA SER A 725 -29.16 21.64 -19.92
C SER A 725 -30.59 22.12 -19.68
N LEU A 726 -30.71 23.19 -18.88
CA LEU A 726 -32.03 23.71 -18.52
C LEU A 726 -32.49 24.81 -19.47
N GLY A 727 -31.74 25.91 -19.54
CA GLY A 727 -32.09 27.01 -20.40
C GLY A 727 -33.02 28.00 -19.73
N THR A 728 -33.19 29.15 -20.39
CA THR A 728 -34.02 30.21 -19.84
C THR A 728 -35.48 29.79 -19.78
N GLU A 729 -35.96 29.06 -20.79
CA GLU A 729 -37.33 28.57 -20.75
C GLU A 729 -37.54 27.64 -19.57
N GLY A 730 -36.57 26.76 -19.31
CA GLY A 730 -36.68 25.86 -18.18
C GLY A 730 -36.67 26.58 -16.86
N VAL A 731 -35.81 27.59 -16.72
CA VAL A 731 -35.77 28.34 -15.47
C VAL A 731 -37.07 29.10 -15.26
N GLN A 732 -37.63 29.65 -16.34
CA GLN A 732 -38.91 30.33 -16.23
C GLN A 732 -40.01 29.38 -15.80
N GLN A 733 -40.06 28.18 -16.39
CA GLN A 733 -41.07 27.20 -16.01
C GLN A 733 -40.89 26.78 -14.55
N LEU A 734 -39.64 26.61 -14.10
CA LEU A 734 -39.40 26.27 -12.71
C LEU A 734 -39.87 27.37 -11.77
N CYS A 735 -39.62 28.63 -12.12
CA CYS A 735 -40.10 29.72 -11.28
C CYS A 735 -41.63 29.78 -11.27
N GLN A 736 -42.25 29.49 -12.42
CA GLN A 736 -43.71 29.40 -12.45
C GLN A 736 -44.20 28.33 -11.50
N PHE A 737 -43.53 27.18 -11.47
CA PHE A 737 -43.89 26.12 -10.53
C PHE A 737 -43.70 26.58 -9.08
N LEU A 738 -42.61 27.29 -8.80
CA LEU A 738 -42.35 27.75 -7.45
C LEU A 738 -43.41 28.74 -6.98
N ARG A 739 -43.91 29.58 -7.89
CA ARG A 739 -44.87 30.61 -7.49
C ARG A 739 -46.14 30.01 -6.91
N ASN A 740 -46.53 28.82 -7.37
CA ASN A 740 -47.77 28.21 -6.94
C ASN A 740 -47.80 28.08 -5.42
N PRO A 741 -48.85 28.56 -4.74
CA PRO A 741 -48.89 28.45 -3.28
C PRO A 741 -48.91 27.02 -2.78
N GLU A 742 -49.40 26.08 -3.57
CA GLU A 742 -49.42 24.68 -3.17
C GLU A 742 -48.04 24.04 -3.19
N CYS A 743 -47.04 24.72 -3.73
CA CYS A 743 -45.70 24.17 -3.84
C CYS A 743 -45.09 23.92 -2.46
N ALA A 744 -44.19 22.93 -2.40
CA ALA A 744 -43.57 22.56 -1.15
C ALA A 744 -42.06 22.46 -1.23
N LEU A 745 -41.43 22.85 -2.33
CA LEU A 745 -39.99 22.68 -2.47
C LEU A 745 -39.26 23.41 -1.35
N GLN A 746 -38.24 22.75 -0.81
CA GLN A 746 -37.37 23.33 0.19
C GLN A 746 -35.92 23.41 -0.24
N ARG A 747 -35.46 22.50 -1.10
CA ARG A 747 -34.10 22.50 -1.59
C ARG A 747 -34.11 22.30 -3.10
N LEU A 748 -33.28 23.06 -3.80
CA LEU A 748 -33.21 23.01 -5.26
C LEU A 748 -31.75 23.07 -5.67
N ILE A 749 -31.28 22.03 -6.36
CA ILE A 749 -29.90 21.93 -6.81
C ILE A 749 -29.90 22.01 -8.33
N LEU A 750 -29.14 22.95 -8.87
CA LEU A 750 -29.09 23.20 -10.31
C LEU A 750 -27.65 23.32 -10.79
N ASN A 751 -26.77 22.47 -10.28
CA ASN A 751 -25.35 22.58 -10.56
C ASN A 751 -25.06 22.33 -12.04
N HIS A 752 -24.33 23.25 -12.67
CA HIS A 752 -23.83 23.05 -14.02
C HIS A 752 -24.96 23.01 -15.05
N CYS A 753 -25.91 23.94 -14.94
CA CYS A 753 -27.07 23.97 -15.82
C CYS A 753 -27.18 25.25 -16.63
N ASN A 754 -27.18 26.42 -16.00
CA ASN A 754 -27.76 27.62 -16.58
C ASN A 754 -26.84 28.21 -17.65
N ILE A 755 -27.28 29.37 -18.19
CA ILE A 755 -26.58 30.09 -19.24
C ILE A 755 -26.68 31.58 -18.95
N VAL A 756 -25.73 32.33 -19.50
CA VAL A 756 -25.66 33.77 -19.24
C VAL A 756 -26.80 34.47 -19.97
N ASP A 757 -27.87 34.75 -19.24
CA ASP A 757 -29.07 35.37 -19.80
C ASP A 757 -29.82 36.04 -18.65
N ASP A 758 -31.07 36.41 -18.90
CA ASP A 758 -31.93 36.99 -17.88
C ASP A 758 -32.59 35.93 -17.01
N ALA A 759 -32.18 34.67 -17.12
CA ALA A 759 -32.77 33.62 -16.29
C ALA A 759 -32.53 33.87 -14.80
N TYR A 760 -31.52 34.66 -14.46
CA TYR A 760 -31.30 35.03 -13.07
C TYR A 760 -32.23 36.15 -12.60
N GLY A 761 -32.88 36.86 -13.51
CA GLY A 761 -33.93 37.77 -13.10
C GLY A 761 -35.15 37.04 -12.58
N PHE A 762 -35.53 35.94 -13.24
CA PHE A 762 -36.65 35.14 -12.76
C PHE A 762 -36.41 34.65 -11.34
N LEU A 763 -35.26 34.01 -11.12
CA LEU A 763 -34.95 33.49 -9.78
C LEU A 763 -34.90 34.61 -8.76
N ALA A 764 -34.26 35.73 -9.11
CA ALA A 764 -34.16 36.84 -8.18
C ALA A 764 -35.54 37.35 -7.77
N MET A 765 -36.44 37.50 -8.74
CA MET A 765 -37.80 37.94 -8.42
C MET A 765 -38.55 36.89 -7.61
N ARG A 766 -38.26 35.61 -7.85
CA ARG A 766 -38.95 34.54 -7.14
C ARG A 766 -38.46 34.38 -5.71
N LEU A 767 -37.18 34.65 -5.45
CA LEU A 767 -36.66 34.53 -4.10
C LEU A 767 -37.29 35.55 -3.17
N ALA A 768 -37.47 36.79 -3.64
CA ALA A 768 -37.98 37.86 -2.79
C ALA A 768 -39.41 37.61 -2.34
N ASN A 769 -40.13 36.69 -2.97
CA ASN A 769 -41.52 36.38 -2.65
C ASN A 769 -41.69 34.89 -2.40
N ASN A 770 -40.79 34.33 -1.60
CA ASN A 770 -40.81 32.90 -1.30
C ASN A 770 -40.61 32.70 0.19
N THR A 771 -41.42 31.83 0.78
CA THR A 771 -41.34 31.53 2.21
C THR A 771 -40.94 30.10 2.51
N LYS A 772 -40.93 29.23 1.50
CA LYS A 772 -40.65 27.81 1.72
C LYS A 772 -39.22 27.42 1.33
N LEU A 773 -38.75 27.87 0.17
CA LEU A 773 -37.42 27.49 -0.28
C LEU A 773 -36.37 27.94 0.73
N THR A 774 -35.47 27.02 1.07
CA THR A 774 -34.44 27.29 2.07
C THR A 774 -33.02 27.08 1.55
N HIS A 775 -32.82 26.19 0.58
CA HIS A 775 -31.49 25.89 0.06
C HIS A 775 -31.51 26.05 -1.46
N LEU A 776 -30.55 26.81 -1.99
CA LEU A 776 -30.37 26.96 -3.42
C LEU A 776 -28.90 26.78 -3.74
N SER A 777 -28.60 25.98 -4.76
CA SER A 777 -27.24 25.68 -5.16
C SER A 777 -27.09 25.97 -6.64
N LEU A 778 -26.19 26.89 -6.98
CA LEU A 778 -25.96 27.31 -8.35
C LEU A 778 -24.51 27.06 -8.77
N THR A 779 -23.92 25.98 -8.28
CA THR A 779 -22.49 25.74 -8.47
C THR A 779 -22.16 25.53 -9.94
N MET A 780 -21.03 26.11 -10.36
CA MET A 780 -20.52 25.95 -11.72
C MET A 780 -21.51 26.43 -12.78
N ASN A 781 -22.16 27.56 -12.50
CA ASN A 781 -22.96 28.28 -13.47
C ASN A 781 -22.36 29.65 -13.73
N PRO A 782 -22.42 30.16 -14.96
CA PRO A 782 -21.80 31.48 -15.24
C PRO A 782 -22.66 32.65 -14.79
N VAL A 783 -22.64 32.92 -13.48
CA VAL A 783 -23.53 33.93 -12.92
C VAL A 783 -22.97 35.33 -13.17
N GLY A 784 -21.80 35.62 -12.62
CA GLY A 784 -21.16 36.89 -12.81
C GLY A 784 -21.71 37.97 -11.91
N ASP A 785 -21.05 39.14 -11.96
CA ASP A 785 -21.45 40.25 -11.10
C ASP A 785 -22.82 40.79 -11.47
N GLY A 786 -23.18 40.79 -12.74
CA GLY A 786 -24.47 41.31 -13.13
C GLY A 786 -25.62 40.60 -12.46
N ALA A 787 -25.60 39.26 -12.50
CA ALA A 787 -26.65 38.49 -11.84
C ALA A 787 -26.44 38.43 -10.33
N MET A 788 -25.20 38.56 -9.88
CA MET A 788 -24.95 38.56 -8.44
C MET A 788 -25.59 39.77 -7.78
N LYS A 789 -25.57 40.93 -8.44
CA LYS A 789 -26.23 42.11 -7.88
C LYS A 789 -27.73 41.86 -7.72
N LEU A 790 -28.35 41.25 -8.73
CA LEU A 790 -29.78 40.94 -8.63
C LEU A 790 -30.06 39.97 -7.49
N LEU A 791 -29.24 38.92 -7.37
CA LEU A 791 -29.47 37.95 -6.30
C LEU A 791 -29.28 38.59 -4.93
N CYS A 792 -28.28 39.46 -4.78
CA CYS A 792 -28.07 40.14 -3.51
C CYS A 792 -29.27 41.03 -3.18
N GLU A 793 -29.77 41.77 -4.18
CA GLU A 793 -30.92 42.63 -3.95
C GLU A 793 -32.14 41.81 -3.52
N ALA A 794 -32.35 40.67 -4.17
CA ALA A 794 -33.46 39.80 -3.78
C ALA A 794 -33.27 39.27 -2.36
N LEU A 795 -32.03 38.94 -2.00
CA LEU A 795 -31.77 38.38 -0.68
C LEU A 795 -31.96 39.42 0.43
N LYS A 796 -31.70 40.70 0.13
CA LYS A 796 -31.82 41.72 1.16
C LYS A 796 -33.25 41.94 1.62
N GLU A 797 -34.25 41.42 0.91
CA GLU A 797 -35.64 41.64 1.31
C GLU A 797 -35.97 40.84 2.56
N PRO A 798 -36.62 41.43 3.55
CA PRO A 798 -36.96 40.67 4.76
C PRO A 798 -37.96 39.54 4.51
N THR A 799 -38.64 39.54 3.35
CA THR A 799 -39.57 38.46 3.05
C THR A 799 -38.86 37.19 2.60
N CYS A 800 -37.59 37.27 2.21
CA CYS A 800 -36.87 36.09 1.74
C CYS A 800 -36.39 35.25 2.91
N TYR A 801 -36.68 33.95 2.87
CA TYR A 801 -36.35 33.03 3.94
C TYR A 801 -35.29 32.01 3.52
N LEU A 802 -34.46 32.36 2.54
CA LEU A 802 -33.38 31.48 2.12
C LEU A 802 -32.36 31.34 3.22
N GLN A 803 -31.81 30.13 3.38
CA GLN A 803 -30.85 29.84 4.44
C GLN A 803 -29.46 29.49 3.96
N GLU A 804 -29.33 28.80 2.83
CA GLU A 804 -28.02 28.44 2.30
C GLU A 804 -27.99 28.71 0.80
N LEU A 805 -26.92 29.35 0.34
CA LEU A 805 -26.70 29.62 -1.07
C LEU A 805 -25.29 29.22 -1.44
N GLU A 806 -25.16 28.42 -2.49
CA GLU A 806 -23.87 27.91 -2.93
C GLU A 806 -23.52 28.52 -4.28
N LEU A 807 -22.38 29.19 -4.35
CA LEU A 807 -21.92 29.89 -5.55
C LEU A 807 -20.49 29.48 -5.88
N VAL A 808 -20.24 28.18 -5.87
CA VAL A 808 -18.88 27.68 -6.08
C VAL A 808 -18.57 27.68 -7.57
N ASP A 809 -17.49 28.36 -7.94
CA ASP A 809 -17.04 28.42 -9.33
C ASP A 809 -18.13 29.03 -10.22
N CYS A 810 -18.53 30.24 -9.86
CA CYS A 810 -19.65 30.92 -10.51
C CYS A 810 -19.25 32.14 -11.32
N GLN A 811 -17.94 32.43 -11.43
CA GLN A 811 -17.40 33.54 -12.20
C GLN A 811 -17.52 34.89 -11.50
N LEU A 812 -17.74 34.91 -10.19
CA LEU A 812 -17.74 36.18 -9.48
C LEU A 812 -16.33 36.76 -9.44
N THR A 813 -16.25 38.06 -9.18
CA THR A 813 -14.98 38.77 -9.14
C THR A 813 -15.04 39.74 -7.97
N GLN A 814 -14.10 40.69 -7.94
CA GLN A 814 -14.04 41.67 -6.86
C GLN A 814 -15.08 42.76 -6.98
N ASN A 815 -15.83 42.81 -8.07
CA ASN A 815 -16.80 43.89 -8.26
C ASN A 815 -18.02 43.70 -7.37
N CYS A 816 -18.45 42.47 -7.17
CA CYS A 816 -19.69 42.19 -6.45
C CYS A 816 -19.50 42.06 -4.95
N CYS A 817 -18.28 42.26 -4.43
CA CYS A 817 -18.05 42.07 -3.01
C CYS A 817 -18.74 43.14 -2.17
N GLU A 818 -18.93 44.35 -2.71
CA GLU A 818 -19.65 45.37 -1.98
C GLU A 818 -21.11 44.98 -1.76
N ASP A 819 -21.76 44.45 -2.79
CA ASP A 819 -23.13 43.98 -2.64
C ASP A 819 -23.22 42.83 -1.65
N LEU A 820 -22.25 41.91 -1.72
CA LEU A 820 -22.24 40.80 -0.79
C LEU A 820 -22.06 41.27 0.65
N ALA A 821 -21.19 42.27 0.86
CA ALA A 821 -21.00 42.79 2.21
C ALA A 821 -22.28 43.46 2.73
N CYS A 822 -22.94 44.24 1.89
CA CYS A 822 -24.20 44.86 2.29
C CYS A 822 -25.24 43.79 2.61
N MET A 823 -25.33 42.75 1.78
CA MET A 823 -26.32 41.70 2.00
C MET A 823 -26.02 40.91 3.26
N ILE A 824 -24.74 40.68 3.55
CA ILE A 824 -24.37 39.96 4.77
C ILE A 824 -24.70 40.78 6.00
N THR A 825 -24.51 42.09 5.93
CA THR A 825 -24.92 42.92 7.06
C THR A 825 -26.44 42.95 7.22
N THR A 826 -27.17 42.96 6.10
CA THR A 826 -28.59 43.29 6.15
C THR A 826 -29.46 42.09 6.48
N THR A 827 -29.18 40.92 5.89
CA THR A 827 -30.11 39.80 6.01
C THR A 827 -30.26 39.38 7.47
N LYS A 828 -31.29 38.57 7.72
CA LYS A 828 -31.52 37.99 9.02
C LYS A 828 -31.68 36.48 9.00
N HIS A 829 -31.80 35.87 7.82
CA HIS A 829 -32.03 34.44 7.69
C HIS A 829 -30.83 33.68 7.13
N LEU A 830 -30.09 34.26 6.19
CA LEU A 830 -29.00 33.55 5.55
C LEU A 830 -27.99 33.09 6.58
N LYS A 831 -27.58 31.83 6.49
CA LYS A 831 -26.65 31.24 7.43
C LYS A 831 -25.44 30.58 6.79
N SER A 832 -25.50 30.24 5.51
CA SER A 832 -24.40 29.59 4.81
C SER A 832 -24.17 30.29 3.48
N LEU A 833 -22.89 30.50 3.15
CA LEU A 833 -22.53 31.18 1.91
C LEU A 833 -21.17 30.63 1.47
N ASP A 834 -21.17 29.90 0.36
CA ASP A 834 -19.96 29.31 -0.19
C ASP A 834 -19.56 30.09 -1.43
N LEU A 835 -18.34 30.62 -1.44
CA LEU A 835 -17.82 31.40 -2.56
C LEU A 835 -16.52 30.81 -3.09
N GLY A 836 -16.38 29.49 -3.03
CA GLY A 836 -15.13 28.87 -3.43
C GLY A 836 -14.93 28.89 -4.93
N ASN A 837 -13.66 28.90 -5.34
CA ASN A 837 -13.27 28.87 -6.75
C ASN A 837 -13.73 30.13 -7.49
N ASN A 838 -13.76 31.26 -6.80
CA ASN A 838 -14.07 32.55 -7.39
C ASN A 838 -12.92 33.51 -7.13
N ALA A 839 -12.53 34.27 -8.14
CA ALA A 839 -11.34 35.13 -8.05
C ALA A 839 -11.66 36.45 -7.36
N LEU A 840 -12.15 36.34 -6.12
CA LEU A 840 -12.44 37.55 -5.35
C LEU A 840 -11.18 38.36 -5.10
N GLY A 841 -10.09 37.70 -4.76
CA GLY A 841 -8.83 38.38 -4.58
C GLY A 841 -8.73 39.06 -3.23
N ASP A 842 -7.55 39.67 -3.01
CA ASP A 842 -7.30 40.35 -1.74
C ASP A 842 -8.23 41.53 -1.55
N LYS A 843 -8.42 42.34 -2.60
CA LYS A 843 -9.30 43.50 -2.48
C LYS A 843 -10.74 43.06 -2.28
N GLY A 844 -11.18 42.04 -3.01
CA GLY A 844 -12.53 41.54 -2.83
C GLY A 844 -12.76 41.04 -1.42
N VAL A 845 -11.78 40.34 -0.85
CA VAL A 845 -11.95 39.85 0.52
C VAL A 845 -11.89 40.99 1.52
N ILE A 846 -11.07 42.01 1.27
CA ILE A 846 -11.03 43.14 2.19
C ILE A 846 -12.37 43.87 2.19
N THR A 847 -13.01 43.95 1.03
CA THR A 847 -14.35 44.53 0.99
C THR A 847 -15.36 43.66 1.75
N LEU A 848 -15.29 42.35 1.57
CA LEU A 848 -16.26 41.46 2.20
C LEU A 848 -16.13 41.47 3.72
N CYS A 849 -14.92 41.72 4.22
CA CYS A 849 -14.67 41.68 5.67
C CYS A 849 -15.22 42.90 6.40
N GLU A 850 -15.69 43.92 5.67
CA GLU A 850 -16.40 45.02 6.31
C GLU A 850 -17.79 44.60 6.76
N GLY A 851 -18.38 43.59 6.13
CA GLY A 851 -19.68 43.10 6.52
C GLY A 851 -19.62 41.91 7.46
N LEU A 852 -18.43 41.35 7.65
CA LEU A 852 -18.25 40.26 8.60
C LEU A 852 -17.86 40.75 10.00
N LYS A 853 -17.53 42.03 10.15
CA LYS A 853 -17.30 42.57 11.49
C LYS A 853 -18.62 42.83 12.21
N GLN A 854 -19.64 43.27 11.48
CA GLN A 854 -20.86 43.74 12.12
C GLN A 854 -21.54 42.63 12.90
N SER A 855 -22.11 42.99 14.05
CA SER A 855 -22.82 42.06 14.91
C SER A 855 -24.28 41.88 14.51
N SER A 856 -24.73 42.58 13.47
CA SER A 856 -26.07 42.38 12.94
C SER A 856 -26.16 41.17 12.01
N SER A 857 -25.04 40.52 11.74
CA SER A 857 -25.02 39.37 10.84
C SER A 857 -25.59 38.14 11.53
N SER A 858 -25.86 37.11 10.73
CA SER A 858 -26.26 35.81 11.24
C SER A 858 -25.57 34.69 10.48
N LEU A 859 -24.55 35.00 9.69
CA LEU A 859 -23.82 33.98 8.94
C LEU A 859 -23.04 33.09 9.89
N ARG A 860 -23.13 31.78 9.69
CA ARG A 860 -22.42 30.81 10.50
C ARG A 860 -21.39 30.00 9.73
N ARG A 861 -21.54 29.87 8.42
CA ARG A 861 -20.63 29.11 7.58
C ARG A 861 -20.21 29.99 6.42
N LEU A 862 -18.91 30.01 6.13
CA LEU A 862 -18.38 30.80 5.04
C LEU A 862 -17.28 30.02 4.33
N GLY A 863 -17.39 29.90 3.02
CA GLY A 863 -16.37 29.25 2.23
C GLY A 863 -15.54 30.23 1.43
N LEU A 864 -14.24 30.23 1.63
CA LEU A 864 -13.31 31.08 0.88
C LEU A 864 -12.16 30.25 0.33
N GLY A 865 -12.46 29.04 -0.14
CA GLY A 865 -11.42 28.15 -0.63
C GLY A 865 -11.12 28.42 -2.09
N ALA A 866 -9.84 28.64 -2.40
CA ALA A 866 -9.37 28.82 -3.77
C ALA A 866 -9.86 30.15 -4.35
N CYS A 867 -9.80 31.21 -3.55
CA CYS A 867 -10.24 32.53 -3.98
C CYS A 867 -9.09 33.46 -4.34
N LYS A 868 -7.87 32.94 -4.46
CA LYS A 868 -6.71 33.73 -4.84
C LYS A 868 -6.34 34.75 -3.75
N LEU A 869 -6.49 34.33 -2.50
CA LEU A 869 -6.11 35.19 -1.38
C LEU A 869 -4.62 35.04 -1.08
N THR A 870 -4.05 36.08 -0.48
CA THR A 870 -2.65 36.09 -0.10
C THR A 870 -2.56 36.69 1.30
N SER A 871 -1.35 37.01 1.73
CA SER A 871 -1.14 37.60 3.05
C SER A 871 -1.57 39.07 3.11
N ASN A 872 -1.95 39.66 1.98
CA ASN A 872 -2.38 41.06 1.98
C ASN A 872 -3.66 41.25 2.79
N CYS A 873 -4.59 40.31 2.69
CA CYS A 873 -5.90 40.44 3.33
C CYS A 873 -5.95 39.82 4.72
N CYS A 874 -4.83 39.32 5.24
CA CYS A 874 -4.88 38.62 6.52
C CYS A 874 -5.25 39.54 7.67
N GLU A 875 -4.98 40.84 7.54
CA GLU A 875 -5.39 41.78 8.58
C GLU A 875 -6.90 41.87 8.69
N ALA A 876 -7.57 42.04 7.55
CA ALA A 876 -9.03 42.13 7.55
C ALA A 876 -9.66 40.83 8.03
N LEU A 877 -9.16 39.69 7.56
CA LEU A 877 -9.70 38.41 8.02
C LEU A 877 -9.49 38.23 9.52
N SER A 878 -8.32 38.61 10.02
CA SER A 878 -8.06 38.48 11.46
C SER A 878 -9.00 39.36 12.26
N LEU A 879 -9.21 40.60 11.83
CA LEU A 879 -10.14 41.47 12.54
C LEU A 879 -11.55 40.89 12.53
N ALA A 880 -12.01 40.44 11.37
CA ALA A 880 -13.36 39.88 11.29
C ALA A 880 -13.50 38.67 12.20
N ILE A 881 -12.50 37.78 12.20
CA ILE A 881 -12.59 36.57 13.00
C ILE A 881 -12.57 36.91 14.49
N SER A 882 -11.80 37.93 14.88
CA SER A 882 -11.73 38.32 16.28
C SER A 882 -13.04 38.95 16.74
N CYS A 883 -13.62 39.84 15.94
CA CYS A 883 -14.77 40.63 16.34
C CYS A 883 -16.10 39.92 16.10
N ASN A 884 -16.11 38.73 15.52
CA ASN A 884 -17.35 38.05 15.18
C ASN A 884 -17.56 36.85 16.09
N PRO A 885 -18.57 36.85 16.96
CA PRO A 885 -18.81 35.68 17.81
C PRO A 885 -19.73 34.62 17.23
N HIS A 886 -20.37 34.86 16.09
CA HIS A 886 -21.35 33.94 15.55
C HIS A 886 -20.77 32.98 14.53
N LEU A 887 -19.68 33.35 13.87
CA LEU A 887 -19.11 32.47 12.84
C LEU A 887 -18.68 31.15 13.46
N ASN A 888 -19.05 30.06 12.81
CA ASN A 888 -18.79 28.71 13.29
C ASN A 888 -17.88 27.90 12.39
N SER A 889 -17.87 28.17 11.08
CA SER A 889 -17.10 27.39 10.12
C SER A 889 -16.43 28.34 9.15
N LEU A 890 -15.33 27.88 8.55
CA LEU A 890 -14.55 28.73 7.65
C LEU A 890 -13.63 27.85 6.83
N ASN A 891 -13.54 28.14 5.53
CA ASN A 891 -12.71 27.40 4.60
C ASN A 891 -11.60 28.31 4.08
N LEU A 892 -10.38 27.80 4.06
CA LEU A 892 -9.25 28.61 3.60
C LEU A 892 -8.26 27.82 2.75
N VAL A 893 -8.63 26.65 2.25
CA VAL A 893 -7.68 25.84 1.49
C VAL A 893 -7.48 26.44 0.10
N LYS A 894 -6.41 26.00 -0.57
CA LYS A 894 -6.07 26.34 -1.95
C LYS A 894 -5.73 27.81 -2.14
N ASN A 895 -5.46 28.55 -1.07
CA ASN A 895 -4.94 29.89 -1.17
C ASN A 895 -3.45 29.86 -0.88
N ASP A 896 -2.81 31.03 -0.91
CA ASP A 896 -1.35 31.13 -0.73
C ASP A 896 -1.05 32.14 0.36
N PHE A 897 -1.05 31.67 1.61
CA PHE A 897 -0.72 32.49 2.77
C PHE A 897 0.74 32.26 3.15
N SER A 898 1.45 33.34 3.44
CA SER A 898 2.84 33.25 3.86
C SER A 898 2.90 32.88 5.33
N THR A 899 4.07 33.01 5.95
CA THR A 899 4.21 32.70 7.36
C THR A 899 3.59 33.78 8.24
N SER A 900 3.79 35.06 7.88
CA SER A 900 3.25 36.14 8.70
C SER A 900 1.73 36.16 8.65
N GLY A 901 1.14 35.95 7.47
CA GLY A 901 -0.30 35.90 7.37
C GLY A 901 -0.90 34.78 8.21
N MET A 902 -0.27 33.59 8.15
CA MET A 902 -0.76 32.48 8.94
C MET A 902 -0.58 32.75 10.43
N LEU A 903 0.50 33.42 10.83
CA LEU A 903 0.66 33.75 12.23
C LEU A 903 -0.42 34.70 12.72
N LYS A 904 -0.77 35.69 11.89
CA LYS A 904 -1.88 36.57 12.26
C LYS A 904 -3.20 35.81 12.36
N LEU A 905 -3.46 34.92 11.40
CA LEU A 905 -4.70 34.14 11.46
C LEU A 905 -4.73 33.25 12.68
N CYS A 906 -3.58 32.70 13.08
CA CYS A 906 -3.53 31.85 14.27
C CYS A 906 -3.78 32.66 15.53
N SER A 907 -3.16 33.83 15.64
CA SER A 907 -3.45 34.70 16.76
C SER A 907 -4.94 35.02 16.83
N ALA A 908 -5.57 35.25 15.68
CA ALA A 908 -7.01 35.49 15.66
C ALA A 908 -7.78 34.26 16.14
N PHE A 909 -7.37 33.08 15.69
CA PHE A 909 -8.05 31.85 16.13
C PHE A 909 -7.94 31.65 17.63
N GLN A 910 -6.88 32.18 18.26
CA GLN A 910 -6.71 32.01 19.70
C GLN A 910 -7.56 32.96 20.52
N CYS A 911 -8.21 33.95 19.91
CA CYS A 911 -8.91 34.95 20.68
C CYS A 911 -10.03 34.31 21.50
N PRO A 912 -10.30 34.79 22.71
CA PRO A 912 -11.36 34.16 23.53
C PRO A 912 -12.75 34.25 22.91
N VAL A 913 -13.04 35.34 22.19
CA VAL A 913 -14.40 35.55 21.71
C VAL A 913 -14.71 34.76 20.44
N SER A 914 -13.69 34.32 19.71
CA SER A 914 -13.95 33.53 18.50
C SER A 914 -14.54 32.17 18.88
N ASN A 915 -15.49 31.71 18.07
CA ASN A 915 -16.22 30.47 18.36
C ASN A 915 -16.12 29.47 17.22
N LEU A 916 -15.10 29.58 16.37
CA LEU A 916 -14.99 28.67 15.23
C LEU A 916 -14.91 27.22 15.72
N GLY A 917 -15.63 26.35 15.03
CA GLY A 917 -15.65 24.95 15.38
C GLY A 917 -15.03 24.07 14.31
N ILE A 918 -15.03 24.56 13.07
CA ILE A 918 -14.44 23.86 11.94
C ILE A 918 -13.62 24.85 11.13
N ILE A 919 -12.37 24.51 10.85
CA ILE A 919 -11.48 25.35 10.06
C ILE A 919 -10.92 24.51 8.93
N GLY A 920 -10.97 25.05 7.71
CA GLY A 920 -10.47 24.32 6.55
C GLY A 920 -9.04 24.69 6.21
N LEU A 921 -8.10 23.82 6.56
CA LEU A 921 -6.69 24.03 6.26
C LEU A 921 -6.01 22.68 6.14
N TRP A 922 -4.86 22.68 5.46
CA TRP A 922 -3.95 21.55 5.43
C TRP A 922 -2.72 21.98 6.21
N LYS A 923 -2.53 21.41 7.39
CA LYS A 923 -1.45 21.86 8.28
C LYS A 923 -0.08 21.45 7.79
N GLN A 924 0.00 20.59 6.78
CA GLN A 924 1.29 20.11 6.29
C GLN A 924 1.93 21.04 5.27
N GLU A 925 1.28 22.15 4.93
CA GLU A 925 1.78 23.06 3.91
C GLU A 925 2.59 24.22 4.48
N TYR A 926 2.80 24.28 5.79
CA TYR A 926 3.37 25.46 6.42
C TYR A 926 4.58 25.06 7.24
N TYR A 927 5.43 26.04 7.51
CA TYR A 927 6.68 25.79 8.22
C TYR A 927 6.41 25.38 9.66
N ALA A 928 7.48 25.05 10.37
CA ALA A 928 7.35 24.52 11.72
C ALA A 928 6.73 25.53 12.66
N ARG A 929 7.12 26.80 12.56
CA ARG A 929 6.57 27.83 13.44
C ARG A 929 5.04 27.89 13.32
N VAL A 930 4.54 27.97 12.10
CA VAL A 930 3.09 28.05 11.90
C VAL A 930 2.42 26.79 12.41
N ARG A 931 3.05 25.64 12.25
CA ARG A 931 2.42 24.39 12.66
C ARG A 931 2.35 24.29 14.19
N ARG A 932 3.39 24.74 14.89
CA ARG A 932 3.31 24.77 16.35
C ARG A 932 2.26 25.76 16.83
N GLN A 933 2.12 26.90 16.14
CA GLN A 933 1.04 27.82 16.49
C GLN A 933 -0.32 27.19 16.27
N LEU A 934 -0.49 26.43 15.19
CA LEU A 934 -1.76 25.75 14.96
C LEU A 934 -2.05 24.71 16.04
N GLU A 935 -1.01 24.00 16.48
CA GLU A 935 -1.18 23.07 17.59
C GLU A 935 -1.60 23.80 18.86
N GLU A 936 -1.01 24.98 19.12
CA GLU A 936 -1.44 25.76 20.28
C GLU A 936 -2.90 26.20 20.14
N VAL A 937 -3.32 26.54 18.92
CA VAL A 937 -4.72 26.88 18.69
C VAL A 937 -5.61 25.69 19.06
N GLU A 938 -5.23 24.50 18.62
CA GLU A 938 -6.03 23.32 18.96
C GLU A 938 -6.02 23.05 20.46
N PHE A 939 -4.93 23.40 21.14
CA PHE A 939 -4.83 23.16 22.58
C PHE A 939 -5.72 24.12 23.37
N VAL A 940 -5.69 25.41 23.01
CA VAL A 940 -6.45 26.39 23.78
C VAL A 940 -7.96 26.18 23.62
N LYS A 941 -8.40 25.67 22.47
CA LYS A 941 -9.82 25.49 22.18
C LYS A 941 -10.04 24.04 21.79
N PRO A 942 -10.32 23.16 22.76
CA PRO A 942 -10.28 21.72 22.48
C PRO A 942 -11.36 21.23 21.54
N HIS A 943 -12.33 22.05 21.16
CA HIS A 943 -13.41 21.61 20.29
C HIS A 943 -13.17 21.93 18.82
N VAL A 944 -12.12 22.69 18.50
CA VAL A 944 -11.88 23.11 17.13
C VAL A 944 -11.30 21.94 16.35
N VAL A 945 -11.84 21.71 15.16
CA VAL A 945 -11.35 20.70 14.23
C VAL A 945 -10.67 21.42 13.07
N ILE A 946 -9.38 21.17 12.88
CA ILE A 946 -8.63 21.78 11.78
C ILE A 946 -8.31 20.70 10.77
N ASP A 947 -9.19 20.54 9.78
CA ASP A 947 -9.10 19.46 8.80
C ASP A 947 -9.28 20.04 7.40
N GLY A 948 -8.51 19.53 6.45
CA GLY A 948 -8.56 20.05 5.10
C GLY A 948 -9.73 19.55 4.28
N ASP A 949 -10.38 18.47 4.71
CA ASP A 949 -11.57 17.95 4.05
C ASP A 949 -12.79 18.65 4.63
N TRP A 950 -13.07 19.83 4.08
CA TRP A 950 -14.12 20.69 4.62
C TRP A 950 -15.52 20.19 4.27
N TYR A 951 -15.67 19.52 3.14
CA TYR A 951 -16.98 19.04 2.72
C TYR A 951 -17.33 17.70 3.34
N ALA A 952 -16.52 17.21 4.27
CA ALA A 952 -16.85 16.00 5.00
C ALA A 952 -17.90 16.24 6.07
N SER A 953 -17.93 17.44 6.64
CA SER A 953 -18.87 17.77 7.70
C SER A 953 -20.14 18.36 7.09
N ASP A 954 -21.28 17.72 7.33
CA ASP A 954 -22.58 18.26 6.94
C ASP A 954 -23.53 18.07 8.11
N GLU A 955 -23.87 19.17 8.78
CA GLU A 955 -24.77 19.10 9.93
C GLU A 955 -26.23 18.96 9.52
N ASP A 956 -26.58 19.40 8.31
CA ASP A 956 -27.98 19.43 7.89
C ASP A 956 -28.20 18.72 6.56
N ASP A 957 -27.65 17.51 6.42
CA ASP A 957 -27.95 16.66 5.27
C ASP A 957 -27.65 17.38 3.96
N ARG A 958 -26.54 18.11 3.92
CA ARG A 958 -26.20 18.91 2.75
C ARG A 958 -25.96 18.03 1.53
N ASN A 959 -25.47 16.81 1.72
CA ASN A 959 -25.14 15.91 0.62
C ASN A 959 -26.23 14.87 0.39
N TRP A 960 -27.49 15.25 0.58
CA TRP A 960 -28.59 14.31 0.43
C TRP A 960 -28.66 13.72 -0.97
N TRP A 961 -28.07 14.40 -1.96
CA TRP A 961 -28.15 13.98 -3.36
C TRP A 961 -26.91 13.27 -3.84
N LYS A 962 -25.74 13.63 -3.32
CA LYS A 962 -24.50 13.02 -3.78
C LYS A 962 -24.41 11.56 -3.37
N ASN A 963 -24.94 11.20 -2.20
CA ASN A 963 -24.86 9.84 -1.67
C ASN A 963 -25.08 8.79 -2.75
N PRO B 1 7.06 10.24 10.69
CA PRO B 1 5.86 9.41 10.61
C PRO B 1 5.80 8.36 11.73
N GLN B 2 4.61 8.18 12.32
CA GLN B 2 4.40 7.27 13.44
C GLN B 2 3.29 6.28 13.09
N PHE B 3 3.51 5.00 13.43
CA PHE B 3 2.61 3.93 13.07
C PHE B 3 2.28 3.11 14.30
N CYS B 4 1.23 2.28 14.19
CA CYS B 4 0.72 1.56 15.35
C CYS B 4 1.64 0.40 15.73
N GLN B 5 2.12 -0.36 14.74
CA GLN B 5 2.99 -1.48 15.05
C GLN B 5 4.24 -1.02 15.76
N GLY B 6 4.86 0.07 15.28
CA GLY B 6 5.98 0.65 15.98
C GLY B 6 5.60 1.11 17.38
N PHE B 7 4.38 1.61 17.55
CA PHE B 7 3.92 2.01 18.87
C PHE B 7 3.98 0.85 19.84
N LEU B 8 3.41 -0.30 19.45
CA LEU B 8 3.42 -1.47 20.32
C LEU B 8 4.84 -1.93 20.60
N ILE B 9 5.67 -2.00 19.56
CA ILE B 9 7.02 -2.53 19.73
C ILE B 9 7.84 -1.62 20.64
N GLN B 10 7.71 -0.31 20.47
CA GLN B 10 8.39 0.63 21.35
C GLN B 10 7.91 0.47 22.79
N GLY B 11 6.61 0.28 22.99
CA GLY B 11 6.11 0.08 24.34
C GLY B 11 6.70 -1.14 25.00
N LEU B 12 6.74 -2.26 24.26
CA LEU B 12 7.33 -3.48 24.80
C LEU B 12 8.81 -3.29 25.11
N TRP B 13 9.54 -2.61 24.23
CA TRP B 13 10.96 -2.37 24.46
C TRP B 13 11.18 -1.54 25.71
N GLU B 14 10.41 -0.47 25.86
CA GLU B 14 10.54 0.39 27.03
C GLU B 14 10.23 -0.39 28.29
N LEU B 15 9.19 -1.23 28.26
CA LEU B 15 8.86 -2.03 29.42
C LEU B 15 9.99 -2.99 29.78
N PHE B 16 10.55 -3.66 28.76
CA PHE B 16 11.61 -4.63 29.02
C PHE B 16 12.83 -3.97 29.62
N MET B 17 13.25 -2.83 29.08
CA MET B 17 14.40 -2.15 29.65
C MET B 17 14.10 -1.53 31.01
N ASP B 18 12.83 -1.21 31.27
CA ASP B 18 12.48 -0.71 32.60
C ASP B 18 12.57 -1.81 33.64
N SER B 19 12.14 -3.03 33.30
CA SER B 19 12.11 -4.12 34.28
C SER B 19 13.49 -4.62 34.67
N ARG B 20 14.54 -4.22 33.93
CA ARG B 20 15.89 -4.74 34.17
C ARG B 20 16.84 -3.67 34.67
N GLN B 21 16.33 -2.62 35.29
CA GLN B 21 17.16 -1.58 35.88
C GLN B 21 17.12 -1.71 37.41
N LYS B 22 17.76 -0.76 38.10
CA LYS B 22 17.91 -0.81 39.55
C LYS B 22 18.63 -2.09 39.98
N ASN B 23 19.73 -2.38 39.30
CA ASN B 23 20.53 -3.55 39.60
C ASN B 23 21.76 -3.59 38.70
N ALA B 93 -6.74 10.93 20.76
CA ALA B 93 -5.91 9.74 20.94
C ALA B 93 -4.58 9.91 20.23
N ASP B 94 -3.72 8.91 20.33
CA ASP B 94 -2.45 8.93 19.62
C ASP B 94 -2.70 8.95 18.12
N LYS B 95 -2.01 9.84 17.42
CA LYS B 95 -2.17 9.98 15.97
C LYS B 95 -1.23 9.02 15.28
N PHE B 96 -1.79 8.13 14.47
CA PHE B 96 -1.02 7.20 13.65
C PHE B 96 -1.16 7.57 12.19
N LEU B 97 -0.18 7.13 11.39
CA LEU B 97 -0.23 7.27 9.95
C LEU B 97 -0.64 5.94 9.33
N LYS B 98 -1.45 6.00 8.29
CA LYS B 98 -1.82 4.80 7.57
C LYS B 98 -0.59 4.20 6.90
N PRO B 99 -0.38 2.89 6.99
CA PRO B 99 0.77 2.29 6.32
C PRO B 99 0.59 2.23 4.81
N LEU B 100 1.72 2.06 4.12
CA LEU B 100 1.74 1.82 2.68
C LEU B 100 1.68 0.30 2.48
N SER B 101 0.48 -0.23 2.35
CA SER B 101 0.29 -1.67 2.34
C SER B 101 0.96 -2.31 1.14
N TRP B 102 1.71 -3.39 1.37
CA TRP B 102 2.35 -4.17 0.31
C TRP B 102 3.19 -3.30 -0.60
N GLY B 103 3.59 -2.12 -0.15
CA GLY B 103 4.31 -1.21 -1.01
C GLY B 103 3.53 -0.78 -2.23
N SER B 104 2.21 -0.93 -2.21
CA SER B 104 1.37 -0.61 -3.35
C SER B 104 0.42 0.55 -3.08
N GLU B 105 -0.42 0.45 -2.04
CA GLU B 105 -1.49 1.41 -1.84
C GLU B 105 -1.72 1.68 -0.37
N VAL B 106 -2.18 2.89 -0.08
CA VAL B 106 -2.70 3.26 1.22
C VAL B 106 -4.20 3.12 1.17
N LEU B 107 -4.74 2.22 1.99
CA LEU B 107 -6.18 1.96 2.00
C LEU B 107 -6.86 3.04 2.81
N GLU B 108 -7.56 3.95 2.12
CA GLU B 108 -8.11 5.15 2.72
C GLU B 108 -9.39 5.52 2.00
N SER B 109 -9.99 6.62 2.42
CA SER B 109 -11.13 7.22 1.74
C SER B 109 -10.72 8.58 1.20
N SER B 110 -11.20 8.91 0.00
CA SER B 110 -10.83 10.16 -0.64
C SER B 110 -11.66 11.32 -0.08
N CYS B 111 -11.23 12.54 -0.40
CA CYS B 111 -11.88 13.73 0.10
C CYS B 111 -13.24 13.92 -0.56
N ASN B 112 -14.04 14.81 0.03
CA ASN B 112 -15.35 15.16 -0.49
C ASN B 112 -15.26 16.34 -1.45
N GLN B 113 -16.12 16.33 -2.46
CA GLN B 113 -16.21 17.39 -3.45
C GLN B 113 -17.52 18.15 -3.30
N PRO B 114 -17.57 19.41 -3.74
CA PRO B 114 -18.83 20.16 -3.68
C PRO B 114 -19.83 19.79 -4.77
N SER B 115 -19.42 19.02 -5.77
CA SER B 115 -20.30 18.69 -6.87
C SER B 115 -19.84 17.37 -7.49
N THR B 116 -20.71 16.78 -8.30
CA THR B 116 -20.38 15.54 -9.01
C THR B 116 -19.66 15.90 -10.31
N ALA B 117 -19.47 14.91 -11.18
CA ALA B 117 -18.76 15.09 -12.43
C ALA B 117 -19.54 14.42 -13.55
N LEU B 118 -19.29 14.88 -14.78
CA LEU B 118 -20.01 14.37 -15.94
C LEU B 118 -19.67 12.89 -16.16
N TRP B 119 -20.36 12.30 -17.13
CA TRP B 119 -20.13 10.89 -17.46
C TRP B 119 -18.65 10.63 -17.73
N GLN B 120 -18.04 11.42 -18.59
CA GLN B 120 -16.71 11.15 -19.10
C GLN B 120 -15.61 11.94 -18.41
N LEU B 121 -15.96 12.76 -17.42
CA LEU B 121 -14.99 13.57 -16.69
C LEU B 121 -14.54 12.90 -15.40
N GLU B 122 -14.90 11.64 -15.18
CA GLU B 122 -14.62 10.99 -13.91
C GLU B 122 -13.12 10.93 -13.63
N ARG B 123 -12.33 10.57 -14.64
CA ARG B 123 -10.90 10.34 -14.45
C ARG B 123 -10.07 11.62 -14.52
N PHE B 124 -10.69 12.78 -14.40
CA PHE B 124 -9.97 14.05 -14.35
C PHE B 124 -9.55 14.37 -12.91
N THR B 125 -8.93 13.42 -12.24
CA THR B 125 -8.58 13.58 -10.84
C THR B 125 -7.47 14.61 -10.69
N VAL B 126 -7.48 15.30 -9.56
CA VAL B 126 -6.47 16.30 -9.24
C VAL B 126 -6.16 16.17 -7.75
N PRO B 127 -4.90 16.19 -7.34
CA PRO B 127 -4.58 15.92 -5.93
C PRO B 127 -5.01 17.04 -5.01
N GLN B 128 -5.16 16.69 -3.74
CA GLN B 128 -5.55 17.62 -2.69
C GLN B 128 -4.44 17.95 -1.72
N ALA B 129 -3.61 16.97 -1.35
CA ALA B 129 -2.48 17.21 -0.46
C ALA B 129 -1.45 16.11 -0.67
N LEU B 130 -0.37 16.18 0.08
CA LEU B 130 0.69 15.17 0.08
C LEU B 130 0.96 14.74 1.50
N GLN B 131 1.00 13.43 1.73
CA GLN B 131 1.25 12.86 3.05
C GLN B 131 2.58 12.11 3.03
N LYS B 132 3.50 12.51 3.89
CA LYS B 132 4.83 11.89 3.97
C LYS B 132 4.74 10.55 4.68
N VAL B 133 5.36 9.52 4.09
CA VAL B 133 5.17 8.16 4.55
C VAL B 133 6.49 7.52 4.97
N ARG B 134 7.60 7.91 4.35
CA ARG B 134 8.85 7.22 4.57
C ARG B 134 10.02 8.14 4.23
N VAL B 135 11.20 7.74 4.68
CA VAL B 135 12.45 8.42 4.34
C VAL B 135 13.50 7.37 4.03
N LEU B 136 14.22 7.55 2.92
CA LEU B 136 15.26 6.64 2.49
C LEU B 136 16.61 7.31 2.72
N LYS B 137 17.47 6.65 3.48
CA LYS B 137 18.70 7.28 3.99
C LYS B 137 19.87 6.92 3.09
N HIS B 138 19.92 7.57 1.93
CA HIS B 138 21.16 7.69 1.20
C HIS B 138 22.13 8.51 2.04
N GLN B 139 23.42 8.19 1.94
CA GLN B 139 24.43 8.85 2.75
C GLN B 139 25.37 9.69 1.89
N GLU B 140 24.82 10.34 0.86
CA GLU B 140 25.59 11.20 0.00
C GLU B 140 24.65 12.15 -0.71
N LEU B 141 25.17 13.29 -1.14
CA LEU B 141 24.36 14.30 -1.82
C LEU B 141 23.62 13.66 -2.98
N LEU B 142 22.32 13.92 -3.05
CA LEU B 142 21.42 13.16 -3.91
C LEU B 142 21.19 13.92 -5.21
N LEU B 143 21.32 13.23 -6.34
CA LEU B 143 21.25 13.84 -7.66
C LEU B 143 20.00 13.45 -8.44
N VAL B 144 19.68 12.16 -8.52
CA VAL B 144 18.56 11.70 -9.33
C VAL B 144 17.79 10.65 -8.54
N VAL B 145 16.48 10.59 -8.80
CA VAL B 145 15.58 9.64 -8.17
C VAL B 145 14.72 9.03 -9.25
N ALA B 146 14.51 7.72 -9.19
CA ALA B 146 13.60 7.02 -10.08
C ALA B 146 12.70 6.13 -9.24
N VAL B 147 11.66 5.60 -9.86
CA VAL B 147 10.75 4.71 -9.15
C VAL B 147 9.87 3.97 -10.16
N SER B 148 9.54 2.72 -9.86
CA SER B 148 8.64 1.92 -10.67
C SER B 148 7.47 1.50 -9.81
N SER B 149 6.25 1.76 -10.29
CA SER B 149 5.06 1.27 -9.62
C SER B 149 4.85 -0.22 -9.88
N PHE B 150 5.31 -0.72 -11.01
CA PHE B 150 5.11 -2.12 -11.34
C PHE B 150 5.90 -3.02 -10.40
N THR B 151 7.16 -2.68 -10.14
CA THR B 151 8.04 -3.51 -9.34
C THR B 151 8.23 -3.00 -7.92
N ARG B 152 7.84 -1.76 -7.63
CA ARG B 152 7.90 -1.19 -6.29
C ARG B 152 9.33 -0.93 -5.85
N HIS B 153 10.19 -0.53 -6.79
CA HIS B 153 11.59 -0.26 -6.50
C HIS B 153 11.86 1.23 -6.67
N VAL B 154 12.71 1.77 -5.81
CA VAL B 154 13.16 3.15 -5.89
C VAL B 154 14.66 3.13 -6.13
N PHE B 155 15.12 3.89 -7.12
CA PHE B 155 16.53 4.01 -7.45
C PHE B 155 16.98 5.42 -7.11
N THR B 156 17.86 5.55 -6.14
CA THR B 156 18.42 6.83 -5.74
C THR B 156 19.88 6.89 -6.16
N CYS B 157 20.26 7.95 -6.87
CA CYS B 157 21.56 8.04 -7.52
C CYS B 157 22.35 9.20 -6.96
N SER B 158 23.67 9.04 -6.93
CA SER B 158 24.58 10.09 -6.52
C SER B 158 25.90 9.89 -7.25
N GLN B 159 26.94 10.58 -6.80
CA GLN B 159 28.24 10.48 -7.45
C GLN B 159 28.78 9.05 -7.38
N SER B 160 28.77 8.47 -6.19
CA SER B 160 29.46 7.20 -5.98
C SER B 160 28.74 6.04 -6.64
N GLY B 161 27.42 5.96 -6.50
CA GLY B 161 26.71 4.83 -7.06
C GLY B 161 25.22 4.96 -6.88
N ILE B 162 24.52 3.88 -7.20
CA ILE B 162 23.07 3.82 -7.21
C ILE B 162 22.61 2.80 -6.18
N LYS B 163 21.73 3.22 -5.27
CA LYS B 163 21.15 2.35 -4.27
C LYS B 163 19.71 2.00 -4.65
N VAL B 164 19.35 0.75 -4.48
CA VAL B 164 18.03 0.24 -4.83
C VAL B 164 17.29 -0.11 -3.56
N TRP B 165 16.11 0.46 -3.38
CA TRP B 165 15.26 0.23 -2.21
C TRP B 165 13.93 -0.34 -2.66
N ASN B 166 13.40 -1.29 -1.90
CA ASN B 166 12.06 -1.80 -2.13
C ASN B 166 11.07 -1.09 -1.22
N LEU B 167 9.86 -0.89 -1.72
CA LEU B 167 8.82 -0.18 -1.00
C LEU B 167 8.00 -1.08 -0.09
N VAL B 168 8.34 -2.36 -0.01
CA VAL B 168 7.58 -3.29 0.82
C VAL B 168 8.02 -3.28 2.27
N ASN B 169 9.18 -2.72 2.58
CA ASN B 169 9.71 -2.74 3.93
C ASN B 169 8.92 -1.78 4.81
N GLN B 170 8.08 -2.33 5.69
CA GLN B 170 7.20 -1.53 6.53
C GLN B 170 8.03 -0.85 7.62
N VAL B 171 8.63 0.28 7.26
CA VAL B 171 9.43 1.09 8.18
C VAL B 171 9.05 2.55 7.97
N ALA B 172 9.63 3.42 8.80
CA ALA B 172 9.47 4.85 8.67
C ALA B 172 10.77 5.57 8.36
N GLU B 173 11.90 4.87 8.42
CA GLU B 173 13.20 5.45 8.07
C GLU B 173 14.09 4.30 7.63
N ASP B 174 14.23 4.16 6.31
CA ASP B 174 14.94 3.02 5.73
C ASP B 174 16.43 3.31 5.66
N ARG B 175 17.24 2.27 5.91
CA ARG B 175 18.68 2.40 5.83
C ARG B 175 19.35 1.22 5.12
N ASP B 176 18.59 0.21 4.72
CA ASP B 176 19.14 -1.00 4.13
C ASP B 176 18.62 -1.17 2.71
N PRO B 177 19.38 -0.79 1.69
CA PRO B 177 18.92 -0.97 0.32
C PRO B 177 19.03 -2.42 -0.14
N GLU B 178 18.23 -2.75 -1.16
CA GLU B 178 18.28 -4.08 -1.75
C GLU B 178 19.64 -4.40 -2.34
N SER B 179 20.41 -3.38 -2.71
CA SER B 179 21.71 -3.56 -3.34
C SER B 179 22.40 -2.21 -3.41
N HIS B 180 23.59 -2.19 -3.99
CA HIS B 180 24.36 -0.96 -4.16
C HIS B 180 25.21 -1.14 -5.41
N LEU B 181 24.92 -0.37 -6.45
CA LEU B 181 25.57 -0.50 -7.75
C LEU B 181 26.63 0.58 -7.88
N LYS B 182 27.89 0.19 -7.73
CA LYS B 182 29.01 1.09 -7.91
C LYS B 182 29.60 0.93 -9.30
N CYS B 183 30.38 1.93 -9.72
CA CYS B 183 30.95 1.93 -11.06
C CYS B 183 32.16 1.01 -11.11
N SER B 184 32.23 0.18 -12.18
CA SER B 184 33.36 -0.73 -12.32
C SER B 184 34.68 0.02 -12.37
N VAL B 185 34.67 1.26 -12.81
CA VAL B 185 35.86 2.10 -12.81
C VAL B 185 36.00 2.73 -11.43
N GLN B 186 37.24 2.84 -10.96
CA GLN B 186 37.47 3.40 -9.63
C GLN B 186 36.87 4.79 -9.52
N ASP B 187 36.14 5.03 -8.44
CA ASP B 187 35.39 6.27 -8.31
C ASP B 187 36.28 7.50 -8.36
N ASN B 188 37.56 7.36 -7.98
CA ASN B 188 38.49 8.49 -8.05
C ASN B 188 38.47 9.09 -9.44
N LYS B 189 38.00 10.33 -9.55
CA LYS B 189 37.85 11.04 -10.81
C LYS B 189 36.83 10.38 -11.74
N VAL B 190 36.01 9.47 -11.21
CA VAL B 190 34.92 8.86 -11.96
C VAL B 190 33.64 9.12 -11.19
N TYR B 191 32.66 9.73 -11.85
CA TYR B 191 31.43 10.16 -11.21
C TYR B 191 30.24 9.83 -12.08
N LEU B 192 29.10 9.63 -11.43
CA LEU B 192 27.82 9.54 -12.11
C LEU B 192 27.11 10.89 -12.01
N ARG B 193 26.30 11.19 -13.02
CA ARG B 193 25.55 12.43 -13.01
C ARG B 193 24.10 12.27 -13.44
N THR B 194 23.70 11.16 -14.03
CA THR B 194 22.33 11.00 -14.48
C THR B 194 21.98 9.51 -14.44
N CYS B 195 20.68 9.24 -14.41
CA CYS B 195 20.18 7.88 -14.38
C CYS B 195 18.81 7.87 -15.05
N LEU B 196 18.39 6.69 -15.49
CA LEU B 196 17.13 6.60 -16.22
C LEU B 196 16.63 5.17 -16.12
N LEU B 197 15.32 5.02 -15.96
CA LEU B 197 14.67 3.72 -15.93
C LEU B 197 13.71 3.62 -17.10
N SER B 198 13.80 2.53 -17.84
CA SER B 198 12.98 2.38 -19.04
C SER B 198 11.51 2.25 -18.67
N SER B 199 10.64 2.51 -19.65
CA SER B 199 9.22 2.61 -19.39
C SER B 199 8.62 1.29 -18.94
N ASN B 200 9.19 0.16 -19.36
CA ASN B 200 8.68 -1.14 -18.96
C ASN B 200 9.39 -1.70 -17.74
N SER B 201 10.29 -0.92 -17.12
CA SER B 201 10.94 -1.27 -15.87
C SER B 201 11.92 -2.41 -16.00
N ARG B 202 12.34 -2.74 -17.23
CA ARG B 202 13.24 -3.86 -17.46
C ARG B 202 14.69 -3.45 -17.61
N THR B 203 15.01 -2.16 -17.58
CA THR B 203 16.37 -1.71 -17.85
C THR B 203 16.64 -0.43 -17.06
N LEU B 204 17.91 -0.21 -16.76
CA LEU B 204 18.35 0.97 -16.03
C LEU B 204 19.62 1.51 -16.68
N PHE B 205 19.67 2.82 -16.91
CA PHE B 205 20.80 3.46 -17.57
C PHE B 205 21.49 4.40 -16.60
N ALA B 206 22.80 4.59 -16.80
CA ALA B 206 23.55 5.53 -16.00
C ALA B 206 24.66 6.12 -16.86
N GLY B 207 24.95 7.41 -16.62
CA GLY B 207 26.02 8.08 -17.31
C GLY B 207 26.61 9.14 -16.40
N GLY B 208 27.78 9.62 -16.79
CA GLY B 208 28.46 10.61 -16.00
C GLY B 208 29.79 10.98 -16.60
N TYR B 209 30.62 11.61 -15.78
CA TYR B 209 31.92 12.08 -16.21
C TYR B 209 32.96 10.96 -16.09
N ASN B 210 33.80 10.85 -17.11
CA ASN B 210 34.99 10.00 -17.05
C ASN B 210 34.63 8.52 -17.15
N LEU B 211 33.55 8.20 -17.81
CA LEU B 211 33.19 6.81 -18.03
C LEU B 211 33.48 6.41 -19.47
N PRO B 212 33.82 5.15 -19.74
CA PRO B 212 33.98 4.71 -21.12
C PRO B 212 32.66 4.49 -21.86
N GLY B 213 31.53 4.73 -21.23
CA GLY B 213 30.26 4.52 -21.89
C GLY B 213 29.10 4.77 -20.96
N VAL B 214 27.92 4.41 -21.44
CA VAL B 214 26.68 4.51 -20.67
C VAL B 214 26.33 3.11 -20.20
N ILE B 215 26.32 2.91 -18.89
CA ILE B 215 26.16 1.58 -18.31
C ILE B 215 24.70 1.17 -18.40
N VAL B 216 24.47 -0.10 -18.71
CA VAL B 216 23.12 -0.66 -18.86
C VAL B 216 23.00 -1.87 -17.96
N TRP B 217 21.97 -1.88 -17.11
CA TRP B 217 21.67 -2.98 -16.22
C TRP B 217 20.38 -3.65 -16.65
N ASP B 218 20.33 -4.97 -16.53
CA ASP B 218 19.10 -5.73 -16.78
C ASP B 218 18.43 -6.03 -15.45
N LEU B 219 17.24 -5.49 -15.25
CA LEU B 219 16.53 -5.64 -13.98
C LEU B 219 15.58 -6.82 -13.95
N ALA B 220 15.36 -7.49 -15.09
CA ALA B 220 14.43 -8.61 -15.16
C ALA B 220 15.12 -9.96 -15.02
N ALA B 221 16.41 -9.99 -14.76
CA ALA B 221 17.16 -11.22 -14.61
C ALA B 221 17.18 -11.65 -13.16
N PRO B 222 17.49 -12.92 -12.88
CA PRO B 222 17.53 -13.38 -11.48
C PRO B 222 18.58 -12.69 -10.64
N SER B 223 19.60 -12.07 -11.24
CA SER B 223 20.60 -11.34 -10.49
C SER B 223 20.88 -10.01 -11.19
N LEU B 224 21.33 -9.03 -10.41
CA LEU B 224 21.51 -7.67 -10.88
C LEU B 224 22.96 -7.47 -11.28
N TYR B 225 23.22 -7.48 -12.58
CA TYR B 225 24.57 -7.35 -13.11
C TYR B 225 24.56 -6.39 -14.29
N GLU B 226 25.71 -5.77 -14.52
CA GLU B 226 25.88 -4.83 -15.62
C GLU B 226 25.82 -5.55 -16.96
N LYS B 227 24.84 -5.20 -17.78
CA LYS B 227 24.58 -5.93 -19.02
C LYS B 227 25.59 -5.59 -20.10
N CYS B 228 25.61 -4.33 -20.52
CA CYS B 228 26.47 -3.90 -21.62
C CYS B 228 26.94 -2.48 -21.35
N GLN B 229 27.53 -1.85 -22.35
CA GLN B 229 27.97 -0.47 -22.27
C GLN B 229 27.91 0.15 -23.65
N LEU B 230 27.40 1.37 -23.69
CA LEU B 230 27.31 2.12 -24.94
C LEU B 230 28.47 3.09 -25.00
N PRO B 231 29.36 3.00 -25.99
CA PRO B 231 30.64 3.72 -25.91
C PRO B 231 30.46 5.22 -26.16
N CYS B 232 30.94 6.02 -25.21
CA CYS B 232 30.94 7.47 -25.33
C CYS B 232 32.24 8.04 -24.78
N GLU B 233 33.37 7.42 -25.14
CA GLU B 233 34.64 7.79 -24.54
C GLU B 233 34.96 9.26 -24.76
N GLY B 234 35.42 9.93 -23.71
CA GLY B 234 35.90 11.29 -23.80
C GLY B 234 34.85 12.37 -23.67
N LEU B 235 33.65 12.04 -23.20
CA LEU B 235 32.56 13.00 -23.08
C LEU B 235 31.96 12.95 -21.67
N SER B 236 31.09 13.90 -21.39
CA SER B 236 30.33 13.95 -20.13
C SER B 236 28.85 13.84 -20.46
N CYS B 237 28.16 12.93 -19.77
CA CYS B 237 26.74 12.75 -20.01
C CYS B 237 25.94 13.76 -19.18
N GLN B 238 24.97 14.41 -19.82
CA GLN B 238 24.10 15.40 -19.19
C GLN B 238 22.67 14.93 -19.07
N ALA B 239 22.15 14.28 -20.09
CA ALA B 239 20.77 13.84 -20.11
C ALA B 239 20.69 12.48 -20.80
N LEU B 240 19.64 11.75 -20.50
CA LEU B 240 19.40 10.44 -21.08
C LEU B 240 17.95 10.34 -21.51
N ALA B 241 17.69 9.50 -22.51
CA ALA B 241 16.34 9.28 -22.98
C ALA B 241 16.26 7.89 -23.58
N ASN B 242 15.04 7.42 -23.78
CA ASN B 242 14.80 6.05 -24.22
C ASN B 242 13.45 6.01 -24.90
N THR B 243 13.39 5.35 -26.05
CA THR B 243 12.18 5.26 -26.84
C THR B 243 11.71 3.81 -26.88
N LYS B 244 10.40 3.63 -27.03
CA LYS B 244 9.84 2.28 -27.08
C LYS B 244 10.37 1.48 -28.25
N GLU B 245 10.90 2.14 -29.27
CA GLU B 245 11.42 1.46 -30.44
C GLU B 245 12.73 0.73 -30.19
N ASN B 246 13.23 0.75 -28.94
CA ASN B 246 14.50 0.16 -28.47
C ASN B 246 15.71 1.04 -28.79
N MET B 247 15.51 2.32 -29.08
CA MET B 247 16.62 3.24 -29.25
C MET B 247 17.01 3.83 -27.90
N ALA B 248 18.24 4.33 -27.84
CA ALA B 248 18.76 4.97 -26.65
C ALA B 248 19.46 6.27 -27.05
N LEU B 249 19.16 7.34 -26.33
CA LEU B 249 19.70 8.66 -26.64
C LEU B 249 20.43 9.20 -25.43
N ALA B 250 21.33 10.14 -25.68
CA ALA B 250 22.07 10.81 -24.61
C ALA B 250 22.47 12.19 -25.06
N GLY B 251 22.81 13.04 -24.10
CA GLY B 251 23.22 14.40 -24.40
C GLY B 251 24.43 14.79 -23.60
N PHE B 252 25.42 15.38 -24.25
CA PHE B 252 26.72 15.60 -23.65
C PHE B 252 26.99 17.10 -23.49
N THR B 253 28.04 17.41 -22.74
CA THR B 253 28.37 18.80 -22.48
C THR B 253 28.76 19.54 -23.75
N ASP B 254 29.37 18.86 -24.71
CA ASP B 254 29.80 19.51 -25.94
C ASP B 254 28.65 19.75 -26.92
N GLY B 255 27.45 19.26 -26.63
CA GLY B 255 26.31 19.47 -27.50
C GLY B 255 25.96 18.28 -28.37
N THR B 256 26.74 17.22 -28.34
CA THR B 256 26.44 16.03 -29.13
C THR B 256 25.19 15.34 -28.59
N VAL B 257 24.49 14.63 -29.48
CA VAL B 257 23.40 13.75 -29.09
C VAL B 257 23.54 12.46 -29.86
N ARG B 258 24.10 11.43 -29.22
CA ARG B 258 24.27 10.13 -29.86
C ARG B 258 23.02 9.30 -29.70
N ILE B 259 22.70 8.52 -30.73
CA ILE B 259 21.58 7.60 -30.71
C ILE B 259 22.14 6.21 -30.95
N TRP B 260 22.08 5.37 -29.93
CA TRP B 260 22.55 3.99 -30.02
C TRP B 260 21.39 3.07 -30.35
N ASP B 261 21.73 1.83 -30.67
CA ASP B 261 20.77 0.74 -30.81
C ASP B 261 21.01 -0.23 -29.66
N LEU B 262 19.97 -0.50 -28.88
CA LEU B 262 20.16 -1.33 -27.69
C LEU B 262 20.48 -2.77 -28.05
N ARG B 263 19.91 -3.29 -29.15
CA ARG B 263 20.14 -4.67 -29.51
C ARG B 263 21.61 -4.94 -29.83
N THR B 264 22.25 -4.00 -30.53
CA THR B 264 23.61 -4.21 -31.02
C THR B 264 24.62 -3.19 -30.50
N GLN B 265 24.20 -2.18 -29.76
CA GLN B 265 25.11 -1.20 -29.17
C GLN B 265 25.90 -0.44 -30.23
N GLU B 266 25.33 -0.29 -31.42
CA GLU B 266 25.98 0.40 -32.52
C GLU B 266 25.48 1.83 -32.61
N ILE B 267 26.41 2.78 -32.74
CA ILE B 267 26.04 4.18 -32.89
C ILE B 267 25.30 4.34 -34.22
N VAL B 268 24.14 5.00 -34.17
CA VAL B 268 23.31 5.17 -35.35
C VAL B 268 23.31 6.60 -35.86
N ARG B 269 23.40 7.61 -34.99
CA ARG B 269 23.36 8.99 -35.42
C ARG B 269 24.17 9.85 -34.44
N ASN B 270 24.50 11.05 -34.90
CA ASN B 270 25.16 12.05 -34.06
C ASN B 270 24.63 13.41 -34.49
N LEU B 271 23.98 14.12 -33.58
CA LEU B 271 23.44 15.45 -33.82
C LEU B 271 24.26 16.44 -33.01
N LYS B 272 25.07 17.23 -33.70
CA LYS B 272 26.01 18.15 -33.04
C LYS B 272 25.40 19.54 -32.97
N GLY B 273 25.32 20.08 -31.75
CA GLY B 273 24.80 21.41 -31.54
C GLY B 273 25.74 22.25 -30.70
N PRO B 274 25.33 23.47 -30.38
CA PRO B 274 26.19 24.35 -29.59
C PRO B 274 26.46 23.78 -28.20
N THR B 275 27.57 24.23 -27.62
CA THR B 275 27.96 23.79 -26.29
C THR B 275 26.84 24.07 -25.29
N ASN B 276 26.56 23.07 -24.44
CA ASN B 276 25.54 23.19 -23.39
C ASN B 276 24.15 23.43 -23.96
N SER B 277 23.85 22.83 -25.11
CA SER B 277 22.52 22.91 -25.70
C SER B 277 21.70 21.65 -25.50
N ALA B 278 22.32 20.53 -25.12
CA ALA B 278 21.60 19.29 -24.87
C ALA B 278 21.47 18.99 -23.39
N ARG B 279 21.54 20.02 -22.55
CA ARG B 279 21.39 19.83 -21.11
C ARG B 279 20.06 19.19 -20.77
N ASN B 280 19.04 19.38 -21.60
CA ASN B 280 17.72 18.78 -21.42
C ASN B 280 17.31 18.11 -22.72
N LEU B 281 16.71 16.93 -22.61
CA LEU B 281 16.37 16.14 -23.79
C LEU B 281 14.99 15.54 -23.60
N VAL B 282 14.14 15.67 -24.61
CA VAL B 282 12.80 15.09 -24.61
C VAL B 282 12.56 14.50 -25.99
N VAL B 283 11.94 13.32 -26.02
CA VAL B 283 11.68 12.60 -27.27
C VAL B 283 10.20 12.28 -27.34
N LYS B 284 9.58 12.61 -28.47
CA LYS B 284 8.22 12.17 -28.76
C LYS B 284 8.05 12.06 -30.26
N ASP B 285 7.46 10.96 -30.70
CA ASP B 285 7.32 10.68 -32.14
C ASP B 285 8.73 10.62 -32.72
N ASP B 286 8.98 11.24 -33.87
CA ASP B 286 10.31 11.31 -34.46
C ASP B 286 10.98 12.65 -34.20
N ASN B 287 10.71 13.27 -33.05
CA ASN B 287 11.24 14.57 -32.69
C ASN B 287 12.11 14.45 -31.45
N ILE B 288 13.10 15.33 -31.36
CA ILE B 288 14.04 15.36 -30.24
C ILE B 288 14.15 16.82 -29.81
N TRP B 289 13.40 17.18 -28.77
CA TRP B 289 13.40 18.55 -28.26
C TRP B 289 14.53 18.73 -27.27
N THR B 290 15.43 19.68 -27.54
CA THR B 290 16.54 19.98 -26.66
C THR B 290 16.48 21.44 -26.24
N GLY B 291 17.09 21.74 -25.10
CA GLY B 291 17.21 23.10 -24.63
C GLY B 291 18.20 23.19 -23.51
N GLY B 292 18.96 24.26 -23.45
CA GLY B 292 19.97 24.39 -22.43
C GLY B 292 20.36 25.82 -22.20
N LEU B 293 21.60 26.01 -21.73
CA LEU B 293 22.07 27.33 -21.37
C LEU B 293 22.05 28.30 -22.56
N ASP B 294 22.07 27.77 -23.78
CA ASP B 294 21.95 28.63 -24.95
C ASP B 294 20.66 29.44 -24.91
N ALA B 295 19.63 28.92 -24.25
CA ALA B 295 18.33 29.58 -24.07
C ALA B 295 17.46 29.52 -25.32
N CYS B 296 17.76 28.62 -26.25
CA CYS B 296 16.91 28.38 -27.41
C CYS B 296 16.40 26.94 -27.35
N LEU B 297 15.18 26.74 -27.86
CA LEU B 297 14.57 25.43 -27.94
C LEU B 297 14.69 24.94 -29.38
N ARG B 298 15.41 23.84 -29.57
CA ARG B 298 15.63 23.27 -30.89
C ARG B 298 14.91 21.94 -31.00
N CYS B 299 14.37 21.67 -32.18
CA CYS B 299 13.74 20.39 -32.50
C CYS B 299 14.53 19.73 -33.63
N TRP B 300 15.00 18.52 -33.38
CA TRP B 300 15.74 17.74 -34.37
C TRP B 300 14.84 16.61 -34.87
N ASP B 301 14.76 16.45 -36.18
CA ASP B 301 14.01 15.35 -36.76
C ASP B 301 14.90 14.12 -36.86
N LEU B 302 14.39 12.99 -36.37
CA LEU B 302 15.21 11.78 -36.29
C LEU B 302 15.60 11.29 -37.68
N ARG B 303 14.63 11.22 -38.59
CA ARG B 303 14.83 10.60 -39.90
C ARG B 303 15.24 11.59 -40.98
N MET B 304 15.43 12.86 -40.62
CA MET B 304 16.03 13.84 -41.53
C MET B 304 17.34 14.41 -40.99
N ALA B 305 17.56 14.38 -39.69
CA ALA B 305 18.79 14.90 -39.08
C ALA B 305 19.06 16.33 -39.51
N LYS B 306 18.09 17.19 -39.23
CA LYS B 306 18.21 18.62 -39.49
C LYS B 306 17.33 19.38 -38.51
N VAL B 307 17.87 20.47 -37.96
CA VAL B 307 17.13 21.27 -37.00
C VAL B 307 15.91 21.85 -37.71
N SER B 308 14.72 21.40 -37.33
CA SER B 308 13.49 21.81 -37.97
C SER B 308 12.80 22.97 -37.27
N LEU B 309 13.36 23.47 -36.18
CA LEU B 309 12.74 24.58 -35.46
C LEU B 309 13.79 25.22 -34.56
N GLU B 310 13.49 26.44 -34.13
CA GLU B 310 14.32 27.11 -33.15
C GLU B 310 13.52 28.28 -32.59
N HIS B 311 13.32 28.29 -31.27
CA HIS B 311 12.62 29.37 -30.59
C HIS B 311 13.47 29.83 -29.41
N LEU B 312 13.55 31.14 -29.22
CA LEU B 312 14.42 31.73 -28.22
C LEU B 312 13.59 32.25 -27.04
N PHE B 313 14.09 32.01 -25.84
CA PHE B 313 13.41 32.40 -24.61
C PHE B 313 14.23 33.44 -23.87
N GLN B 314 13.65 33.97 -22.79
CA GLN B 314 14.21 35.09 -22.06
C GLN B 314 15.18 34.66 -20.96
N SER B 315 15.35 33.36 -20.75
CA SER B 315 16.27 32.87 -19.72
C SER B 315 16.63 31.44 -20.05
N GLN B 316 17.65 30.93 -19.36
CA GLN B 316 18.14 29.59 -19.63
C GLN B 316 17.05 28.57 -19.37
N ILE B 317 17.04 27.51 -20.18
CA ILE B 317 16.06 26.44 -20.06
C ILE B 317 16.63 25.42 -19.08
N MET B 318 16.11 25.41 -17.86
CA MET B 318 16.61 24.55 -16.80
C MET B 318 15.84 23.25 -16.66
N SER B 319 14.81 23.02 -17.49
CA SER B 319 14.10 21.75 -17.44
C SER B 319 13.06 21.72 -18.55
N LEU B 320 12.63 20.51 -18.89
CA LEU B 320 11.64 20.29 -19.93
C LEU B 320 10.71 19.17 -19.51
N ALA B 321 9.55 19.10 -20.15
CA ALA B 321 8.62 18.01 -19.95
C ALA B 321 7.60 18.05 -21.07
N HIS B 322 6.95 16.91 -21.29
CA HIS B 322 5.93 16.81 -22.31
C HIS B 322 4.69 16.15 -21.74
N SER B 323 3.53 16.64 -22.15
CA SER B 323 2.28 16.04 -21.71
C SER B 323 2.16 14.64 -22.29
N PRO B 324 1.74 13.66 -21.49
CA PRO B 324 1.58 12.30 -22.01
C PRO B 324 0.26 12.04 -22.73
N THR B 325 -0.61 13.05 -22.84
CA THR B 325 -1.89 12.90 -23.51
C THR B 325 -2.24 14.02 -24.47
N GLU B 326 -1.44 15.08 -24.53
CA GLU B 326 -1.73 16.24 -25.37
C GLU B 326 -0.43 16.70 -26.01
N ASP B 327 -0.50 17.86 -26.68
CA ASP B 327 0.63 18.40 -27.42
C ASP B 327 1.25 19.61 -26.72
N TRP B 328 1.32 19.58 -25.40
CA TRP B 328 1.88 20.68 -24.63
C TRP B 328 3.29 20.32 -24.18
N LEU B 329 4.23 21.23 -24.42
CA LEU B 329 5.60 21.08 -23.95
C LEU B 329 5.83 22.13 -22.87
N LEU B 330 6.22 21.68 -21.69
CA LEU B 330 6.35 22.53 -20.52
C LEU B 330 7.81 22.84 -20.28
N LEU B 331 8.12 24.12 -20.05
CA LEU B 331 9.48 24.57 -19.83
C LEU B 331 9.58 25.27 -18.48
N GLY B 332 10.74 25.14 -17.86
CA GLY B 332 11.02 25.86 -16.63
C GLY B 332 12.30 26.64 -16.77
N LEU B 333 12.21 27.97 -16.73
CA LEU B 333 13.35 28.82 -17.01
C LEU B 333 14.13 29.09 -15.73
N ALA B 334 15.26 29.79 -15.88
CA ALA B 334 16.15 30.00 -14.76
C ALA B 334 15.73 31.16 -13.85
N ASN B 335 14.85 32.04 -14.31
CA ASN B 335 14.40 33.15 -13.48
C ASN B 335 13.15 32.80 -12.66
N GLY B 336 12.52 31.66 -12.92
CA GLY B 336 11.43 31.20 -12.09
C GLY B 336 10.09 31.12 -12.80
N GLN B 337 10.09 31.11 -14.13
CA GLN B 337 8.85 31.11 -14.90
C GLN B 337 8.61 29.76 -15.54
N HIS B 338 7.33 29.43 -15.70
CA HIS B 338 6.90 28.27 -16.46
C HIS B 338 6.30 28.74 -17.77
N CYS B 339 6.70 28.11 -18.86
CA CYS B 339 6.18 28.44 -20.18
C CYS B 339 5.57 27.20 -20.81
N LEU B 340 4.42 27.36 -21.43
CA LEU B 340 3.76 26.27 -22.15
C LEU B 340 3.88 26.52 -23.64
N PHE B 341 4.32 25.50 -24.37
CA PHE B 341 4.58 25.59 -25.79
C PHE B 341 3.82 24.47 -26.50
N ASN B 342 3.02 24.82 -27.48
CA ASN B 342 2.29 23.82 -28.26
C ASN B 342 3.25 23.18 -29.24
N SER B 343 3.51 21.89 -29.06
CA SER B 343 4.52 21.21 -29.86
C SER B 343 4.08 20.99 -31.30
N ARG B 344 2.78 21.11 -31.59
CA ARG B 344 2.26 20.89 -32.93
C ARG B 344 2.07 22.20 -33.71
N LYS B 345 1.30 23.12 -33.16
CA LYS B 345 1.14 24.42 -33.81
C LYS B 345 2.46 25.17 -33.87
N ARG B 346 3.22 25.15 -32.77
CA ARG B 346 4.54 25.76 -32.71
C ARG B 346 4.47 27.27 -32.92
N ASP B 347 3.35 27.88 -32.53
CA ASP B 347 3.19 29.33 -32.55
C ASP B 347 2.96 29.92 -31.17
N GLN B 348 1.99 29.39 -30.42
CA GLN B 348 1.65 29.95 -29.13
C GLN B 348 2.75 29.69 -28.11
N VAL B 349 3.05 30.70 -27.30
CA VAL B 349 3.93 30.54 -26.15
C VAL B 349 3.29 31.26 -24.96
N LEU B 350 2.64 30.50 -24.09
CA LEU B 350 1.98 31.05 -22.91
C LEU B 350 2.96 31.11 -21.75
N THR B 351 2.77 32.09 -20.88
CA THR B 351 3.59 32.25 -19.69
C THR B 351 2.71 32.06 -18.45
N VAL B 352 3.26 31.37 -17.46
CA VAL B 352 2.57 31.13 -16.20
C VAL B 352 3.30 31.90 -15.11
N ASP B 353 2.55 32.23 -14.05
CA ASP B 353 3.09 33.06 -12.98
C ASP B 353 4.46 32.57 -12.54
N THR B 354 5.27 33.50 -12.04
CA THR B 354 6.65 33.22 -11.73
C THR B 354 6.81 32.74 -10.30
N LYS B 355 7.66 31.73 -10.12
CA LYS B 355 8.17 31.39 -8.81
C LYS B 355 9.32 32.34 -8.45
N ASP B 356 9.79 32.25 -7.22
CA ASP B 356 10.82 33.16 -6.73
C ASP B 356 12.23 32.60 -6.87
N ASN B 357 12.38 31.38 -7.39
CA ASN B 357 13.69 30.72 -7.42
C ASN B 357 13.79 29.86 -8.67
N THR B 358 15.02 29.46 -8.97
CA THR B 358 15.27 28.66 -10.16
C THR B 358 14.52 27.34 -10.12
N ILE B 359 14.04 26.90 -11.27
CA ILE B 359 13.30 25.65 -11.41
C ILE B 359 14.24 24.57 -11.91
N LEU B 360 14.34 23.47 -11.15
CA LEU B 360 15.24 22.39 -11.48
C LEU B 360 14.55 21.11 -11.93
N GLY B 361 13.25 20.98 -11.72
CA GLY B 361 12.55 19.76 -12.10
C GLY B 361 11.12 20.03 -12.45
N LEU B 362 10.57 19.20 -13.35
CA LEU B 362 9.19 19.31 -13.79
C LEU B 362 8.72 17.94 -14.22
N LYS B 363 7.42 17.70 -14.13
CA LYS B 363 6.89 16.44 -14.63
C LYS B 363 5.37 16.52 -14.70
N PHE B 364 4.80 15.93 -15.74
CA PHE B 364 3.37 15.86 -15.93
C PHE B 364 2.82 14.61 -15.26
N SER B 365 1.60 14.73 -14.72
CA SER B 365 0.94 13.60 -14.14
C SER B 365 0.56 12.60 -15.23
N PRO B 366 0.32 11.34 -14.88
CA PRO B 366 0.00 10.34 -15.92
C PRO B 366 -1.20 10.71 -16.78
N ASN B 367 -2.20 11.40 -16.22
CA ASN B 367 -3.35 11.83 -16.99
C ASN B 367 -3.13 13.18 -17.68
N GLY B 368 -2.08 13.91 -17.31
CA GLY B 368 -1.75 15.16 -17.96
C GLY B 368 -2.59 16.34 -17.57
N LYS B 369 -3.24 16.30 -16.41
CA LYS B 369 -4.09 17.40 -15.95
C LYS B 369 -3.47 18.18 -14.79
N TRP B 370 -2.22 17.91 -14.44
CA TRP B 370 -1.52 18.71 -13.45
C TRP B 370 -0.05 18.38 -13.57
N TRP B 371 0.78 19.20 -12.91
CA TRP B 371 2.21 18.97 -12.90
C TRP B 371 2.79 19.48 -11.60
N ALA B 372 3.95 18.93 -11.24
CA ALA B 372 4.68 19.33 -10.05
C ALA B 372 6.04 19.87 -10.45
N SER B 373 6.58 20.75 -9.62
CA SER B 373 7.88 21.35 -9.90
C SER B 373 8.68 21.48 -8.62
N VAL B 374 10.00 21.40 -8.76
CA VAL B 374 10.94 21.56 -7.66
C VAL B 374 12.01 22.55 -8.12
N GLY B 375 12.76 23.07 -7.17
CA GLY B 375 13.75 24.06 -7.51
C GLY B 375 14.62 24.43 -6.34
N MET B 376 15.28 25.58 -6.46
CA MET B 376 16.20 26.05 -5.44
C MET B 376 15.50 26.49 -4.16
N GLY B 377 14.17 26.60 -4.17
CA GLY B 377 13.42 26.95 -2.99
C GLY B 377 13.16 25.75 -2.10
N ASN B 378 12.43 26.00 -1.02
CA ASN B 378 12.14 25.00 0.00
C ASN B 378 10.88 24.19 -0.27
N PHE B 379 10.14 24.51 -1.34
CA PHE B 379 8.79 24.00 -1.52
C PHE B 379 8.69 23.09 -2.73
N ILE B 380 7.73 22.18 -2.68
CA ILE B 380 7.31 21.37 -3.82
C ILE B 380 5.91 21.82 -4.19
N THR B 381 5.73 22.29 -5.41
CA THR B 381 4.51 22.96 -5.83
C THR B 381 3.77 22.12 -6.85
N VAL B 382 2.44 22.13 -6.78
CA VAL B 382 1.59 21.42 -7.72
C VAL B 382 0.69 22.43 -8.41
N HIS B 383 0.70 22.42 -9.75
CA HIS B 383 -0.08 23.33 -10.56
C HIS B 383 -1.08 22.53 -11.39
N SER B 384 -2.07 23.25 -11.91
CA SER B 384 -3.16 22.65 -12.66
C SER B 384 -3.14 23.11 -14.11
N MET B 385 -3.55 22.24 -15.00
CA MET B 385 -3.63 22.59 -16.41
C MET B 385 -5.06 23.01 -16.77
N PRO B 386 -5.23 23.89 -17.77
CA PRO B 386 -4.21 24.54 -18.61
C PRO B 386 -3.77 25.90 -18.10
N THR B 387 -4.39 26.42 -17.05
CA THR B 387 -4.12 27.78 -16.60
C THR B 387 -2.86 27.90 -15.75
N GLY B 388 -2.30 26.78 -15.28
CA GLY B 388 -1.16 26.86 -14.41
C GLY B 388 -1.47 27.32 -13.00
N ALA B 389 -2.72 27.17 -12.57
CA ALA B 389 -3.11 27.58 -11.23
C ALA B 389 -2.44 26.70 -10.18
N LYS B 390 -1.93 27.33 -9.13
CA LYS B 390 -1.19 26.64 -8.08
C LYS B 390 -2.17 26.08 -7.06
N LEU B 391 -2.10 24.77 -6.82
CA LEU B 391 -3.05 24.10 -5.94
C LEU B 391 -2.57 24.11 -4.49
N PHE B 392 -1.40 23.52 -4.22
CA PHE B 392 -0.90 23.49 -2.85
C PHE B 392 0.63 23.47 -2.89
N GLN B 393 1.24 23.17 -1.74
CA GLN B 393 2.64 23.45 -1.50
C GLN B 393 3.11 22.71 -0.25
N VAL B 394 4.24 22.00 -0.33
CA VAL B 394 4.77 21.28 0.82
C VAL B 394 6.25 21.65 1.00
N PRO B 395 6.68 22.10 2.17
CA PRO B 395 8.06 22.57 2.33
C PRO B 395 9.04 21.42 2.54
N GLU B 396 10.33 21.76 2.39
CA GLU B 396 11.44 20.86 2.64
C GLU B 396 12.56 21.66 3.31
N VAL B 397 13.77 21.10 3.35
CA VAL B 397 14.86 21.72 4.09
C VAL B 397 15.87 22.43 3.21
N GLY B 398 15.94 22.11 1.92
CA GLY B 398 16.90 22.74 1.05
C GLY B 398 16.50 22.64 -0.41
N PRO B 399 17.42 22.95 -1.32
CA PRO B 399 17.11 22.78 -2.74
C PRO B 399 16.76 21.33 -3.05
N VAL B 400 15.59 21.16 -3.67
CA VAL B 400 15.10 19.83 -4.01
C VAL B 400 15.58 19.55 -5.43
N ARG B 401 16.68 18.79 -5.55
CA ARG B 401 17.30 18.60 -6.85
C ARG B 401 16.41 17.82 -7.81
N CYS B 402 15.67 16.83 -7.31
CA CYS B 402 15.01 15.88 -8.18
C CYS B 402 13.70 15.42 -7.56
N PHE B 403 12.90 14.74 -8.37
CA PHE B 403 11.71 14.04 -7.90
C PHE B 403 11.23 13.14 -9.03
N ASP B 404 10.33 12.22 -8.69
CA ASP B 404 9.73 11.34 -9.68
C ASP B 404 8.32 10.98 -9.23
N MET B 405 7.55 10.45 -10.17
CA MET B 405 6.15 10.10 -9.93
C MET B 405 5.86 8.73 -10.52
N THR B 406 5.05 7.95 -9.82
CA THR B 406 4.71 6.62 -10.29
C THR B 406 3.74 6.69 -11.46
N GLU B 407 3.68 5.63 -12.25
CA GLU B 407 2.83 5.59 -13.43
C GLU B 407 1.36 5.36 -13.09
N ASN B 408 1.02 5.13 -11.83
CA ASN B 408 -0.36 5.09 -11.39
C ASN B 408 -0.77 6.33 -10.62
N GLY B 409 0.12 7.30 -10.48
CA GLY B 409 -0.22 8.56 -9.83
C GLY B 409 -0.62 8.41 -8.38
N ARG B 410 0.09 7.58 -7.63
CA ARG B 410 -0.18 7.37 -6.21
C ARG B 410 0.94 7.89 -5.31
N LEU B 411 2.18 7.85 -5.76
CA LEU B 411 3.32 8.26 -4.95
C LEU B 411 4.14 9.28 -5.68
N ILE B 412 4.82 10.14 -4.92
CA ILE B 412 5.79 11.08 -5.45
C ILE B 412 6.99 11.08 -4.52
N ILE B 413 8.18 10.92 -5.08
CA ILE B 413 9.41 10.77 -4.32
C ILE B 413 10.32 11.93 -4.68
N THR B 414 10.79 12.66 -3.67
CA THR B 414 11.61 13.85 -3.86
C THR B 414 12.92 13.69 -3.12
N GLY B 415 14.01 14.12 -3.76
CA GLY B 415 15.34 14.03 -3.18
C GLY B 415 15.85 15.39 -2.77
N SER B 416 16.25 15.51 -1.51
CA SER B 416 16.79 16.74 -0.96
C SER B 416 17.93 16.39 -0.03
N ARG B 417 18.92 17.28 0.02
CA ARG B 417 20.11 17.05 0.83
C ARG B 417 20.68 15.67 0.51
N ASP B 418 20.64 14.75 1.48
CA ASP B 418 21.17 13.40 1.28
C ASP B 418 20.14 12.31 1.46
N CYS B 419 18.85 12.64 1.54
CA CYS B 419 17.81 11.64 1.79
C CYS B 419 16.65 11.87 0.83
N ALA B 420 15.90 10.80 0.58
CA ALA B 420 14.75 10.82 -0.31
C ALA B 420 13.49 10.56 0.51
N SER B 421 12.47 11.39 0.29
CA SER B 421 11.22 11.30 1.01
C SER B 421 10.13 10.75 0.10
N VAL B 422 9.32 9.85 0.62
CA VAL B 422 8.20 9.26 -0.11
C VAL B 422 6.92 9.92 0.38
N TYR B 423 6.08 10.37 -0.55
CA TYR B 423 4.83 11.03 -0.24
C TYR B 423 3.68 10.25 -0.83
N HIS B 424 2.52 10.35 -0.18
CA HIS B 424 1.29 9.76 -0.66
C HIS B 424 0.41 10.88 -1.20
N ILE B 425 -0.09 10.72 -2.41
CA ILE B 425 -0.92 11.73 -3.06
C ILE B 425 -2.36 11.53 -2.63
N LYS B 426 -2.91 12.52 -1.92
CA LYS B 426 -4.28 12.47 -1.45
C LYS B 426 -5.20 13.09 -2.49
N TYR B 427 -6.11 12.29 -3.03
CA TYR B 427 -7.07 12.76 -4.03
C TYR B 427 -8.41 13.13 -3.39
N SER C 1 12.96 -34.34 1.38
CA SER C 1 12.65 -33.48 2.54
C SER C 1 13.09 -32.04 2.30
N LEU C 2 13.81 -31.81 1.20
CA LEU C 2 14.28 -30.50 0.81
C LEU C 2 13.94 -30.22 -0.64
N ARG C 3 13.51 -28.99 -0.91
CA ARG C 3 13.30 -28.53 -2.27
C ARG C 3 14.03 -27.19 -2.43
N LEU C 4 14.70 -27.03 -3.57
CA LEU C 4 15.48 -25.84 -3.86
C LEU C 4 14.86 -25.08 -5.03
N ARG C 5 14.87 -23.76 -4.91
CA ARG C 5 14.33 -22.87 -5.93
C ARG C 5 15.20 -21.62 -5.97
N THR C 6 15.15 -20.92 -7.10
CA THR C 6 15.92 -19.69 -7.27
C THR C 6 15.01 -18.50 -7.07
N ARG C 7 15.42 -17.58 -6.21
CA ARG C 7 14.64 -16.38 -5.93
C ARG C 7 15.25 -15.20 -6.67
N PRO C 8 14.57 -14.58 -7.62
CA PRO C 8 15.16 -13.43 -8.31
C PRO C 8 15.38 -12.27 -7.35
N TRP C 9 16.42 -11.49 -7.63
CA TRP C 9 16.78 -10.38 -6.74
C TRP C 9 15.60 -9.45 -6.53
N TRP C 10 14.70 -9.34 -7.50
CA TRP C 10 13.63 -8.36 -7.47
C TRP C 10 12.41 -8.82 -6.68
N PHE C 11 12.36 -10.08 -6.28
CA PHE C 11 11.27 -10.58 -5.46
C PHE C 11 11.58 -10.34 -3.99
N PRO C 12 10.72 -9.66 -3.24
CA PRO C 12 11.05 -9.36 -1.84
C PRO C 12 11.11 -10.62 -1.00
N ILE C 13 11.93 -10.55 0.05
CA ILE C 13 11.99 -11.64 1.02
C ILE C 13 10.76 -11.67 1.90
N GLN C 14 9.96 -10.61 1.91
CA GLN C 14 8.76 -10.54 2.73
C GLN C 14 7.59 -11.31 2.13
N GLU C 15 7.71 -11.82 0.91
CA GLU C 15 6.59 -12.42 0.20
C GLU C 15 6.75 -13.91 -0.04
N VAL C 16 7.73 -14.54 0.59
CA VAL C 16 7.83 -15.99 0.60
C VAL C 16 7.22 -16.57 1.87
N SER C 17 6.47 -15.76 2.63
CA SER C 17 6.02 -16.12 3.96
C SER C 17 4.55 -16.49 4.03
N ASN C 18 3.84 -16.54 2.91
CA ASN C 18 2.42 -16.88 2.95
C ASN C 18 1.93 -17.32 1.59
N PRO C 19 2.44 -18.42 1.05
CA PRO C 19 2.10 -18.81 -0.32
C PRO C 19 0.63 -19.15 -0.47
N LEU C 20 0.23 -19.33 -1.72
CA LEU C 20 -1.09 -19.80 -2.09
C LEU C 20 -0.93 -21.15 -2.77
N VAL C 21 -1.66 -22.16 -2.29
CA VAL C 21 -1.52 -23.52 -2.77
C VAL C 21 -2.84 -23.96 -3.37
N LEU C 22 -2.79 -24.48 -4.60
CA LEU C 22 -3.96 -25.04 -5.25
C LEU C 22 -3.56 -26.30 -5.98
N TYR C 23 -4.51 -27.22 -6.12
CA TYR C 23 -4.28 -28.54 -6.69
C TYR C 23 -5.08 -28.68 -7.98
N MET C 24 -4.49 -29.36 -8.96
CA MET C 24 -5.18 -29.66 -10.21
C MET C 24 -4.52 -30.90 -10.80
N GLU C 25 -5.14 -31.42 -11.86
CA GLU C 25 -4.63 -32.63 -12.47
C GLU C 25 -3.19 -32.43 -12.92
N ALA C 26 -2.41 -33.51 -12.87
CA ALA C 26 -1.00 -33.41 -13.22
C ALA C 26 -0.83 -33.15 -14.72
N TRP C 27 -1.51 -33.94 -15.56
CA TRP C 27 -1.33 -33.79 -17.00
C TRP C 27 -1.81 -32.43 -17.48
N VAL C 28 -2.87 -31.90 -16.88
CA VAL C 28 -3.31 -30.55 -17.22
C VAL C 28 -2.21 -29.55 -16.90
N ALA C 29 -1.56 -29.71 -15.75
CA ALA C 29 -0.48 -28.81 -15.38
C ALA C 29 0.67 -28.91 -16.38
N GLU C 30 0.99 -30.11 -16.84
CA GLU C 30 2.04 -30.26 -17.85
C GLU C 30 1.66 -29.54 -19.13
N ARG C 31 0.42 -29.74 -19.59
CA ARG C 31 0.01 -29.12 -20.85
C ARG C 31 0.04 -27.60 -20.75
N VAL C 32 -0.40 -27.05 -19.64
CA VAL C 32 -0.48 -25.58 -19.53
C VAL C 32 0.89 -24.99 -19.22
N ILE C 33 1.47 -25.34 -18.07
CA ILE C 33 2.67 -24.64 -17.62
C ILE C 33 3.86 -25.00 -18.51
N GLY C 34 4.01 -26.28 -18.85
CA GLY C 34 5.10 -26.68 -19.72
C GLY C 34 6.39 -26.93 -18.94
N THR C 35 7.50 -26.92 -19.69
CA THR C 35 8.80 -27.22 -19.13
C THR C 35 9.93 -26.32 -19.64
N ASP C 36 9.62 -25.26 -20.39
CA ASP C 36 10.69 -24.48 -21.01
C ASP C 36 11.60 -23.84 -19.96
N GLN C 37 11.02 -23.32 -18.89
CA GLN C 37 11.71 -22.67 -17.76
C GLN C 37 12.19 -21.26 -18.10
N ALA C 38 12.03 -20.81 -19.34
CA ALA C 38 12.21 -19.40 -19.68
C ALA C 38 10.89 -18.71 -19.96
N GLU C 39 9.96 -19.40 -20.62
CA GLU C 39 8.58 -18.93 -20.68
C GLU C 39 8.05 -18.66 -19.29
N ILE C 40 8.30 -19.59 -18.37
CA ILE C 40 7.80 -19.48 -17.01
C ILE C 40 8.43 -18.29 -16.31
N SER C 41 9.72 -18.05 -16.54
CA SER C 41 10.37 -16.89 -15.93
C SER C 41 9.77 -15.60 -16.46
N GLU C 42 9.53 -15.53 -17.77
CA GLU C 42 8.96 -14.31 -18.33
C GLU C 42 7.57 -14.04 -17.75
N ILE C 43 6.74 -15.07 -17.66
CA ILE C 43 5.41 -14.88 -17.12
C ILE C 43 5.45 -14.58 -15.63
N GLU C 44 6.45 -15.10 -14.91
CA GLU C 44 6.63 -14.71 -13.52
C GLU C 44 6.93 -13.23 -13.40
N TRP C 45 7.81 -12.72 -14.26
CA TRP C 45 8.10 -11.28 -14.22
C TRP C 45 6.83 -10.48 -14.54
N MET C 46 6.06 -10.95 -15.53
CA MET C 46 4.85 -10.22 -15.90
C MET C 46 3.87 -10.13 -14.75
N CYS C 47 3.54 -11.29 -14.15
CA CYS C 47 2.58 -11.30 -13.05
C CYS C 47 3.19 -10.88 -11.72
N GLN C 48 4.52 -10.83 -11.62
CA GLN C 48 5.22 -10.50 -10.38
C GLN C 48 4.94 -11.52 -9.28
N ALA C 49 4.77 -12.78 -9.67
CA ALA C 49 4.48 -13.85 -8.72
C ALA C 49 5.22 -15.10 -9.14
N LEU C 50 5.97 -15.71 -8.22
CA LEU C 50 6.68 -16.95 -8.50
C LEU C 50 5.71 -18.11 -8.60
N LEU C 51 6.13 -19.14 -9.33
CA LEU C 51 5.30 -20.30 -9.59
C LEU C 51 6.14 -21.56 -9.51
N THR C 52 5.63 -22.59 -8.84
CA THR C 52 6.30 -23.88 -8.75
C THR C 52 5.28 -24.99 -8.97
N VAL C 53 5.77 -26.16 -9.39
CA VAL C 53 4.95 -27.34 -9.60
C VAL C 53 5.67 -28.55 -9.02
N ASP C 54 4.95 -29.36 -8.25
CA ASP C 54 5.49 -30.59 -7.68
C ASP C 54 4.45 -31.69 -7.79
N SER C 55 4.88 -32.83 -8.34
CA SER C 55 3.96 -33.96 -8.52
C SER C 55 3.58 -34.56 -7.18
N VAL C 56 2.29 -34.85 -7.02
CA VAL C 56 1.74 -35.41 -5.79
C VAL C 56 0.71 -36.46 -6.16
N ASN C 57 0.48 -37.41 -5.25
CA ASN C 57 -0.52 -38.46 -5.41
C ASN C 57 -0.20 -39.26 -6.69
N SER C 58 0.92 -39.96 -6.62
CA SER C 58 1.35 -40.90 -7.66
C SER C 58 1.28 -40.29 -9.06
N GLY C 59 1.38 -38.97 -9.17
CA GLY C 59 1.31 -38.32 -10.47
C GLY C 59 -0.08 -38.00 -10.94
N ASN C 60 -1.06 -37.92 -10.05
CA ASN C 60 -2.42 -37.54 -10.41
C ASN C 60 -2.79 -36.14 -9.95
N LEU C 61 -2.04 -35.55 -9.04
CA LEU C 61 -2.28 -34.18 -8.59
C LEU C 61 -0.96 -33.43 -8.52
N ALA C 62 -1.02 -32.14 -8.81
CA ALA C 62 0.13 -31.25 -8.71
C ALA C 62 -0.15 -30.22 -7.62
N GLU C 63 0.91 -29.79 -6.96
CA GLU C 63 0.83 -28.80 -5.91
C GLU C 63 1.41 -27.50 -6.45
N ILE C 64 0.54 -26.63 -6.95
CA ILE C 64 0.95 -25.33 -7.49
C ILE C 64 1.08 -24.35 -6.32
N THR C 65 2.25 -23.76 -6.17
CA THR C 65 2.52 -22.77 -5.13
C THR C 65 2.82 -21.43 -5.78
N ILE C 66 2.16 -20.38 -5.30
CA ILE C 66 2.27 -19.04 -5.87
C ILE C 66 2.63 -18.07 -4.77
N PHE C 67 3.64 -17.25 -5.02
CA PHE C 67 4.11 -16.26 -4.06
C PHE C 67 3.87 -14.85 -4.59
N GLY C 68 3.68 -13.91 -3.68
CA GLY C 68 3.54 -12.51 -4.03
C GLY C 68 2.49 -11.85 -3.18
N GLN C 69 2.03 -10.69 -3.64
CA GLN C 69 0.90 -10.02 -3.04
C GLN C 69 -0.36 -10.84 -3.26
N PRO C 70 -1.41 -10.61 -2.46
CA PRO C 70 -2.68 -11.28 -2.76
C PRO C 70 -3.20 -10.99 -4.15
N SER C 71 -3.01 -9.77 -4.66
CA SER C 71 -3.48 -9.44 -6.00
C SER C 71 -2.64 -10.13 -7.06
N ALA C 72 -1.32 -10.19 -6.88
CA ALA C 72 -0.47 -10.92 -7.83
C ALA C 72 -0.81 -12.39 -7.83
N GLN C 73 -1.04 -12.97 -6.65
CA GLN C 73 -1.43 -14.37 -6.56
C GLN C 73 -2.75 -14.60 -7.28
N THR C 74 -3.72 -13.70 -7.10
CA THR C 74 -5.00 -13.83 -7.78
C THR C 74 -4.82 -13.77 -9.29
N ARG C 75 -3.99 -12.84 -9.78
CA ARG C 75 -3.77 -12.73 -11.22
C ARG C 75 -3.18 -14.01 -11.79
N MET C 76 -2.12 -14.52 -11.17
CA MET C 76 -1.49 -15.74 -11.67
C MET C 76 -2.46 -16.92 -11.60
N LYS C 77 -3.20 -17.05 -10.51
CA LYS C 77 -4.14 -18.15 -10.35
C LYS C 77 -5.22 -18.09 -11.42
N ASN C 78 -5.74 -16.91 -11.72
CA ASN C 78 -6.80 -16.79 -12.70
C ASN C 78 -6.28 -17.09 -14.11
N ILE C 79 -5.05 -16.67 -14.44
CA ILE C 79 -4.49 -17.03 -15.74
C ILE C 79 -4.39 -18.54 -15.86
N LEU C 80 -3.84 -19.19 -14.83
CA LEU C 80 -3.70 -20.64 -14.87
C LEU C 80 -5.05 -21.32 -15.00
N LEU C 81 -6.05 -20.85 -14.25
CA LEU C 81 -7.36 -21.50 -14.26
C LEU C 81 -8.05 -21.31 -15.61
N ASN C 82 -7.90 -20.13 -16.22
CA ASN C 82 -8.49 -19.92 -17.54
C ASN C 82 -7.89 -20.87 -18.57
N MET C 83 -6.56 -20.99 -18.58
CA MET C 83 -5.93 -21.92 -19.52
C MET C 83 -6.37 -23.36 -19.25
N ALA C 84 -6.40 -23.75 -17.97
CA ALA C 84 -6.80 -25.11 -17.64
C ALA C 84 -8.23 -25.39 -18.08
N ALA C 85 -9.14 -24.44 -17.85
CA ALA C 85 -10.52 -24.62 -18.29
C ALA C 85 -10.60 -24.75 -19.80
N TRP C 86 -9.83 -23.95 -20.53
CA TRP C 86 -9.73 -24.16 -21.97
C TRP C 86 -9.39 -25.61 -22.28
N HIS C 87 -8.38 -26.14 -21.59
CA HIS C 87 -7.98 -27.52 -21.84
C HIS C 87 -9.11 -28.51 -21.53
N LYS C 88 -9.81 -28.31 -20.42
CA LYS C 88 -10.81 -29.27 -19.97
C LYS C 88 -12.10 -29.23 -20.78
N GLU C 89 -12.27 -28.24 -21.65
CA GLU C 89 -13.48 -28.13 -22.47
C GLU C 89 -13.64 -29.37 -23.35
N SER D 1 10.11 -18.74 -26.32
CA SER D 1 10.55 -18.37 -24.95
C SER D 1 11.45 -17.16 -24.98
N TYR D 2 11.16 -16.24 -25.88
CA TYR D 2 12.00 -15.07 -26.08
C TYR D 2 11.65 -13.98 -25.08
N SER D 3 12.68 -13.38 -24.48
CA SER D 3 12.48 -12.28 -23.53
C SER D 3 12.13 -10.98 -24.23
N GLU D 4 12.59 -10.77 -25.46
CA GLU D 4 12.27 -9.54 -26.18
C GLU D 4 10.82 -9.49 -26.60
N ALA D 5 10.18 -10.65 -26.78
CA ALA D 5 8.77 -10.65 -27.15
C ALA D 5 7.92 -10.02 -26.06
N TRP D 6 8.20 -10.35 -24.80
CA TRP D 6 7.40 -9.84 -23.69
C TRP D 6 7.74 -8.40 -23.33
N GLY D 7 8.91 -7.91 -23.74
CA GLY D 7 9.28 -6.54 -23.45
C GLY D 7 8.42 -5.51 -24.14
N TYR D 8 7.62 -5.92 -25.13
CA TYR D 8 6.73 -5.02 -25.83
C TYR D 8 5.29 -5.07 -25.33
N PHE D 9 4.93 -6.08 -24.56
CA PHE D 9 3.58 -6.26 -24.06
C PHE D 9 3.52 -5.95 -22.57
N HIS D 10 2.30 -5.72 -22.09
CA HIS D 10 2.07 -5.28 -20.72
C HIS D 10 0.87 -6.02 -20.15
N LEU D 11 0.95 -6.38 -18.88
CA LEU D 11 -0.16 -6.97 -18.15
C LEU D 11 -0.65 -5.97 -17.10
N ASP D 12 -1.93 -5.68 -17.12
CA ASP D 12 -2.50 -4.78 -16.14
C ASP D 12 -2.51 -5.45 -14.76
N PRO D 13 -1.91 -4.84 -13.74
CA PRO D 13 -1.97 -5.46 -12.41
C PRO D 13 -3.38 -5.68 -11.90
N ALA D 14 -4.31 -4.80 -12.22
CA ALA D 14 -5.69 -4.92 -11.73
C ALA D 14 -6.41 -6.03 -12.46
N GLN D 15 -6.96 -6.98 -11.70
CA GLN D 15 -7.66 -8.11 -12.29
C GLN D 15 -8.93 -7.62 -12.98
N PRO D 16 -9.20 -8.03 -14.23
CA PRO D 16 -10.47 -7.67 -14.86
C PRO D 16 -11.65 -8.34 -14.19
N ARG D 17 -12.78 -7.63 -14.16
CA ARG D 17 -13.98 -8.18 -13.57
C ARG D 17 -14.42 -9.44 -14.31
N HIS D 18 -14.38 -9.41 -15.63
CA HIS D 18 -14.68 -10.59 -16.45
C HIS D 18 -13.45 -11.50 -16.43
N ARG D 19 -13.59 -12.68 -15.82
CA ARG D 19 -12.44 -13.54 -15.58
C ARG D 19 -12.07 -14.40 -16.78
N MET D 20 -12.82 -14.31 -17.89
CA MET D 20 -12.42 -14.95 -19.13
C MET D 20 -11.44 -14.11 -19.93
N MET D 21 -11.26 -12.84 -19.58
CA MET D 21 -10.32 -11.93 -20.23
C MET D 21 -9.07 -11.70 -19.38
N SER D 22 -8.61 -12.74 -18.69
CA SER D 22 -7.49 -12.59 -17.77
C SER D 22 -6.14 -12.88 -18.41
N ALA D 23 -6.09 -13.81 -19.37
CA ALA D 23 -4.84 -14.13 -20.05
C ALA D 23 -4.69 -13.34 -21.35
N TRP D 24 -4.76 -12.02 -21.25
CA TRP D 24 -4.63 -11.13 -22.40
C TRP D 24 -3.65 -10.01 -22.07
N ALA D 25 -2.71 -9.76 -22.98
CA ALA D 25 -1.69 -8.75 -22.80
C ALA D 25 -1.86 -7.64 -23.83
N THR D 26 -1.50 -6.43 -23.43
CA THR D 26 -1.71 -5.23 -24.22
C THR D 26 -0.38 -4.75 -24.80
N CYS D 27 -0.34 -4.56 -26.12
CA CYS D 27 0.87 -4.10 -26.78
C CYS D 27 1.22 -2.69 -26.32
N ARG D 28 2.50 -2.45 -26.06
CA ARG D 28 2.95 -1.13 -25.64
C ARG D 28 3.05 -0.14 -26.79
N LEU D 29 2.97 -0.62 -28.04
CA LEU D 29 3.07 0.26 -29.21
C LEU D 29 1.70 0.69 -29.70
N CYS D 30 0.86 -0.28 -30.09
CA CYS D 30 -0.43 0.02 -30.71
C CYS D 30 -1.62 -0.15 -29.76
N GLY D 31 -1.43 -0.79 -28.60
CA GLY D 31 -2.51 -0.94 -27.64
C GLY D 31 -3.43 -2.11 -27.87
N LEU D 32 -3.15 -2.96 -28.85
CA LEU D 32 -3.99 -4.11 -29.13
C LEU D 32 -3.78 -5.20 -28.10
N GLN D 33 -4.86 -5.92 -27.80
CA GLN D 33 -4.83 -7.04 -26.86
C GLN D 33 -4.73 -8.35 -27.61
N VAL D 34 -3.74 -9.16 -27.27
CA VAL D 34 -3.52 -10.46 -27.89
C VAL D 34 -3.35 -11.49 -26.79
N GLY D 35 -4.04 -12.62 -26.94
CA GLY D 35 -4.00 -13.65 -25.91
C GLY D 35 -5.10 -14.67 -26.15
N GLY D 36 -5.47 -15.36 -25.07
CA GLY D 36 -6.52 -16.35 -25.14
C GLY D 36 -6.09 -17.71 -25.62
N LEU D 37 -4.79 -17.97 -25.68
CA LEU D 37 -4.28 -19.25 -26.12
C LEU D 37 -4.23 -20.24 -24.96
N PRO D 38 -4.25 -21.53 -25.24
CA PRO D 38 -4.40 -22.52 -24.16
C PRO D 38 -3.09 -22.91 -23.49
N ASN D 39 -2.04 -22.14 -23.69
CA ASN D 39 -0.72 -22.54 -23.23
C ASN D 39 0.17 -21.31 -23.11
N PHE D 40 1.25 -21.46 -22.35
CA PHE D 40 2.26 -20.41 -22.29
C PHE D 40 3.01 -20.29 -23.61
N GLN D 41 3.41 -21.43 -24.18
CA GLN D 41 4.16 -21.41 -25.43
C GLN D 41 3.35 -20.76 -26.55
N MET D 42 2.07 -21.15 -26.67
CA MET D 42 1.23 -20.57 -27.72
C MET D 42 1.03 -19.08 -27.49
N TRP D 43 0.89 -18.66 -26.23
CA TRP D 43 0.71 -17.25 -25.93
C TRP D 43 1.94 -16.44 -26.36
N THR D 44 3.14 -16.92 -26.02
CA THR D 44 4.35 -16.21 -26.41
C THR D 44 4.52 -16.21 -27.94
N ARG D 45 4.18 -17.32 -28.58
CA ARG D 45 4.27 -17.38 -30.03
C ARG D 45 3.33 -16.39 -30.69
N ALA D 46 2.11 -16.26 -30.16
CA ALA D 46 1.18 -15.27 -30.68
C ALA D 46 1.72 -13.86 -30.49
N LEU D 47 2.34 -13.59 -29.35
CA LEU D 47 2.96 -12.28 -29.15
C LEU D 47 3.98 -12.00 -30.25
N CYS D 48 4.88 -12.96 -30.49
CA CYS D 48 5.91 -12.77 -31.51
C CYS D 48 5.29 -12.58 -32.89
N GLN D 49 4.27 -13.37 -33.21
CA GLN D 49 3.66 -13.26 -34.53
C GLN D 49 2.98 -11.90 -34.73
N HIS D 50 2.28 -11.41 -33.72
CA HIS D 50 1.69 -10.07 -33.84
C HIS D 50 2.78 -9.04 -34.07
N LEU D 51 3.87 -9.12 -33.31
CA LEU D 51 4.96 -8.17 -33.50
C LEU D 51 5.45 -8.20 -34.94
N SER D 52 5.75 -9.40 -35.45
CA SER D 52 6.31 -9.51 -36.79
C SER D 52 5.34 -9.00 -37.84
N ASP D 53 4.06 -9.35 -37.71
CA ASP D 53 3.10 -8.98 -38.75
C ASP D 53 2.82 -7.49 -38.76
N VAL D 54 2.55 -6.90 -37.60
CA VAL D 54 1.98 -5.56 -37.56
C VAL D 54 3.05 -4.50 -37.39
N HIS D 55 4.13 -4.79 -36.66
CA HIS D 55 5.03 -3.75 -36.22
C HIS D 55 6.38 -3.78 -36.93
N LEU D 56 7.09 -4.90 -36.88
CA LEU D 56 8.42 -4.96 -37.49
C LEU D 56 8.36 -5.52 -38.91
#